data_1JPQ
# 
_entry.id   1JPQ 
# 
_audit_conform.dict_name       mmcif_pdbx.dic 
_audit_conform.dict_version    5.386 
_audit_conform.dict_location   http://mmcif.pdb.org/dictionaries/ascii/mmcif_pdbx.dic 
# 
loop_
_database_2.database_id 
_database_2.database_code 
_database_2.pdbx_database_accession 
_database_2.pdbx_DOI 
PDB   1JPQ         pdb_00001jpq 10.2210/pdb1jpq/pdb 
NDB   UD0013       ?            ?                   
RCSB  RCSB014042   ?            ?                   
WWPDB D_1000014042 ?            ?                   
# 
loop_
_pdbx_audit_revision_history.ordinal 
_pdbx_audit_revision_history.data_content_type 
_pdbx_audit_revision_history.major_revision 
_pdbx_audit_revision_history.minor_revision 
_pdbx_audit_revision_history.revision_date 
1 'Structure model' 1 0 2002-06-28 
2 'Structure model' 1 1 2008-04-27 
3 'Structure model' 1 2 2011-07-13 
4 'Structure model' 1 3 2018-01-31 
5 'Structure model' 1 4 2024-02-07 
# 
_pdbx_audit_revision_details.ordinal             1 
_pdbx_audit_revision_details.revision_ordinal    1 
_pdbx_audit_revision_details.data_content_type   'Structure model' 
_pdbx_audit_revision_details.provider            repository 
_pdbx_audit_revision_details.type                'Initial release' 
_pdbx_audit_revision_details.description         ? 
_pdbx_audit_revision_details.details             ? 
# 
loop_
_pdbx_audit_revision_group.ordinal 
_pdbx_audit_revision_group.revision_ordinal 
_pdbx_audit_revision_group.data_content_type 
_pdbx_audit_revision_group.group 
1 2 'Structure model' 'Version format compliance' 
2 3 'Structure model' 'Version format compliance' 
3 4 'Structure model' 'Experimental preparation'  
4 5 'Structure model' 'Data collection'           
5 5 'Structure model' 'Database references'       
6 5 'Structure model' 'Derived calculations'      
# 
loop_
_pdbx_audit_revision_category.ordinal 
_pdbx_audit_revision_category.revision_ordinal 
_pdbx_audit_revision_category.data_content_type 
_pdbx_audit_revision_category.category 
1 4 'Structure model' exptl_crystal_grow     
2 5 'Structure model' chem_comp_atom         
3 5 'Structure model' chem_comp_bond         
4 5 'Structure model' database_2             
5 5 'Structure model' pdbx_struct_conn_angle 
6 5 'Structure model' struct_conn            
7 5 'Structure model' struct_conn_type       
8 5 'Structure model' struct_site            
# 
loop_
_pdbx_audit_revision_item.ordinal 
_pdbx_audit_revision_item.revision_ordinal 
_pdbx_audit_revision_item.data_content_type 
_pdbx_audit_revision_item.item 
1  4 'Structure model' '_exptl_crystal_grow.pdbx_details'            
2  4 'Structure model' '_exptl_crystal_grow.temp'                    
3  5 'Structure model' '_database_2.pdbx_DOI'                        
4  5 'Structure model' '_database_2.pdbx_database_accession'         
5  5 'Structure model' '_pdbx_struct_conn_angle.ptnr1_auth_asym_id'  
6  5 'Structure model' '_pdbx_struct_conn_angle.ptnr1_auth_comp_id'  
7  5 'Structure model' '_pdbx_struct_conn_angle.ptnr1_auth_seq_id'   
8  5 'Structure model' '_pdbx_struct_conn_angle.ptnr1_label_asym_id' 
9  5 'Structure model' '_pdbx_struct_conn_angle.ptnr1_label_atom_id' 
10 5 'Structure model' '_pdbx_struct_conn_angle.ptnr1_label_comp_id' 
11 5 'Structure model' '_pdbx_struct_conn_angle.ptnr1_label_seq_id'  
12 5 'Structure model' '_pdbx_struct_conn_angle.ptnr2_auth_asym_id'  
13 5 'Structure model' '_pdbx_struct_conn_angle.ptnr2_auth_seq_id'   
14 5 'Structure model' '_pdbx_struct_conn_angle.ptnr2_label_asym_id' 
15 5 'Structure model' '_pdbx_struct_conn_angle.ptnr3_auth_asym_id'  
16 5 'Structure model' '_pdbx_struct_conn_angle.ptnr3_auth_comp_id'  
17 5 'Structure model' '_pdbx_struct_conn_angle.ptnr3_auth_seq_id'   
18 5 'Structure model' '_pdbx_struct_conn_angle.ptnr3_label_asym_id' 
19 5 'Structure model' '_pdbx_struct_conn_angle.ptnr3_label_atom_id' 
20 5 'Structure model' '_pdbx_struct_conn_angle.ptnr3_label_comp_id' 
21 5 'Structure model' '_pdbx_struct_conn_angle.ptnr3_label_seq_id'  
22 5 'Structure model' '_pdbx_struct_conn_angle.value'               
23 5 'Structure model' '_struct_conn.conn_type_id'                   
24 5 'Structure model' '_struct_conn.id'                             
25 5 'Structure model' '_struct_conn.pdbx_dist_value'                
26 5 'Structure model' '_struct_conn.pdbx_leaving_atom_flag'         
27 5 'Structure model' '_struct_conn.ptnr1_auth_asym_id'             
28 5 'Structure model' '_struct_conn.ptnr1_auth_comp_id'             
29 5 'Structure model' '_struct_conn.ptnr1_auth_seq_id'              
30 5 'Structure model' '_struct_conn.ptnr1_label_asym_id'            
31 5 'Structure model' '_struct_conn.ptnr1_label_atom_id'            
32 5 'Structure model' '_struct_conn.ptnr1_label_comp_id'            
33 5 'Structure model' '_struct_conn.ptnr1_label_seq_id'             
34 5 'Structure model' '_struct_conn.ptnr2_auth_asym_id'             
35 5 'Structure model' '_struct_conn.ptnr2_auth_comp_id'             
36 5 'Structure model' '_struct_conn.ptnr2_auth_seq_id'              
37 5 'Structure model' '_struct_conn.ptnr2_label_asym_id'            
38 5 'Structure model' '_struct_conn.ptnr2_label_atom_id'            
39 5 'Structure model' '_struct_conn.ptnr2_label_comp_id'            
40 5 'Structure model' '_struct_conn.ptnr2_label_seq_id'             
41 5 'Structure model' '_struct_conn_type.id'                        
42 5 'Structure model' '_struct_site.pdbx_auth_asym_id'              
43 5 'Structure model' '_struct_site.pdbx_auth_comp_id'              
44 5 'Structure model' '_struct_site.pdbx_auth_seq_id'               
# 
_pdbx_database_status.status_code                     REL 
_pdbx_database_status.entry_id                        1JPQ 
_pdbx_database_status.recvd_initial_deposition_date   2001-08-03 
_pdbx_database_status.deposit_site                    RCSB 
_pdbx_database_status.process_site                    RCSB 
_pdbx_database_status.status_code_sf                  REL 
_pdbx_database_status.SG_entry                        . 
_pdbx_database_status.pdb_format_compatible           Y 
_pdbx_database_status.status_code_mr                  ? 
_pdbx_database_status.status_code_cs                  ? 
_pdbx_database_status.methods_development_category    ? 
_pdbx_database_status.status_code_nmr_data            ? 
# 
loop_
_audit_author.name 
_audit_author.pdbx_ordinal 
'Haider, S.M.'  1 
'Parkinson, G.' 2 
'Neidle, S.'    3 
# 
_citation.id                        primary 
_citation.title                     'Crystal structure of the potassium form of an Oxytricha nova G-quadruplex.' 
_citation.journal_abbrev            J.Mol.Biol. 
_citation.journal_volume            320 
_citation.page_first                189 
_citation.page_last                 200 
_citation.year                      2002 
_citation.journal_id_ASTM           JMOBAK 
_citation.country                   UK 
_citation.journal_id_ISSN           0022-2836 
_citation.journal_id_CSD            0070 
_citation.book_publisher            ? 
_citation.pdbx_database_id_PubMed   12079378 
_citation.pdbx_database_id_DOI      '10.1016/S0022-2836(02)00428-X' 
# 
loop_
_citation_author.citation_id 
_citation_author.name 
_citation_author.ordinal 
_citation_author.identifier_ORCID 
primary 'Haider, S.'      1 ? 
primary 'Parkinson, G.N.' 2 ? 
primary 'Neidle, S.'      3 ? 
# 
loop_
_entity.id 
_entity.type 
_entity.src_method 
_entity.pdbx_description 
_entity.formula_weight 
_entity.pdbx_number_of_molecules 
_entity.pdbx_ec 
_entity.pdbx_mutation 
_entity.pdbx_fragment 
_entity.details 
1 polymer     syn "5'-D(*GP*GP*GP*GP*(BRU)P*TP*TP*TP*GP*GP*GP*G)-3'" 3870.330 2   ? ? ? 'OXYTRICHA TELOMERIC SEQUENCE' 
2 non-polymer syn 'POTASSIUM ION'                                    39.098   5   ? ? ? ?                              
3 water       nat water                                              18.015   131 ? ? ? ?                              
# 
_entity_poly.entity_id                      1 
_entity_poly.type                           polydeoxyribonucleotide 
_entity_poly.nstd_linkage                   no 
_entity_poly.nstd_monomer                   yes 
_entity_poly.pdbx_seq_one_letter_code       '(DG)(DG)(DG)(DG)(BRU)(DT)(DT)(DT)(DG)(DG)(DG)(DG)' 
_entity_poly.pdbx_seq_one_letter_code_can   GGGGUTTTGGGG 
_entity_poly.pdbx_strand_id                 A,B 
_entity_poly.pdbx_target_identifier         ? 
# 
loop_
_pdbx_entity_nonpoly.entity_id 
_pdbx_entity_nonpoly.name 
_pdbx_entity_nonpoly.comp_id 
2 'POTASSIUM ION' K   
3 water           HOH 
# 
loop_
_entity_poly_seq.entity_id 
_entity_poly_seq.num 
_entity_poly_seq.mon_id 
_entity_poly_seq.hetero 
1 1  DG  n 
1 2  DG  n 
1 3  DG  n 
1 4  DG  n 
1 5  BRU n 
1 6  DT  n 
1 7  DT  n 
1 8  DT  n 
1 9  DG  n 
1 10 DG  n 
1 11 DG  n 
1 12 DG  n 
# 
_pdbx_entity_src_syn.entity_id              1 
_pdbx_entity_src_syn.pdbx_src_id            1 
_pdbx_entity_src_syn.pdbx_alt_source_flag   sample 
_pdbx_entity_src_syn.pdbx_beg_seq_num       ? 
_pdbx_entity_src_syn.pdbx_end_seq_num       ? 
_pdbx_entity_src_syn.organism_scientific    ? 
_pdbx_entity_src_syn.organism_common_name   ? 
_pdbx_entity_src_syn.ncbi_taxonomy_id       ? 
_pdbx_entity_src_syn.details                'This is the Oxytricha nova telomeric sequence' 
# 
loop_
_chem_comp.id 
_chem_comp.type 
_chem_comp.mon_nstd_flag 
_chem_comp.name 
_chem_comp.pdbx_synonyms 
_chem_comp.formula 
_chem_comp.formula_weight 
BRU 'DNA linking' n "5-BROMO-2'-DEOXYURIDINE-5'-MONOPHOSPHATE" ? 'C9 H12 Br N2 O8 P' 387.078 
DG  'DNA linking' y "2'-DEOXYGUANOSINE-5'-MONOPHOSPHATE"       ? 'C10 H14 N5 O7 P'   347.221 
DT  'DNA linking' y "THYMIDINE-5'-MONOPHOSPHATE"               ? 'C10 H15 N2 O8 P'   322.208 
HOH non-polymer   . WATER                                      ? 'H2 O'              18.015  
K   non-polymer   . 'POTASSIUM ION'                            ? 'K 1'               39.098  
# 
loop_
_pdbx_poly_seq_scheme.asym_id 
_pdbx_poly_seq_scheme.entity_id 
_pdbx_poly_seq_scheme.seq_id 
_pdbx_poly_seq_scheme.mon_id 
_pdbx_poly_seq_scheme.ndb_seq_num 
_pdbx_poly_seq_scheme.pdb_seq_num 
_pdbx_poly_seq_scheme.auth_seq_num 
_pdbx_poly_seq_scheme.pdb_mon_id 
_pdbx_poly_seq_scheme.auth_mon_id 
_pdbx_poly_seq_scheme.pdb_strand_id 
_pdbx_poly_seq_scheme.pdb_ins_code 
_pdbx_poly_seq_scheme.hetero 
A 1 1  DG  1  1001 1001 DG  G A . n 
A 1 2  DG  2  1002 1002 DG  G A . n 
A 1 3  DG  3  1003 1003 DG  G A . n 
A 1 4  DG  4  1004 1004 DG  G A . n 
A 1 5  BRU 5  1005 1005 BRU U A . n 
A 1 6  DT  6  1006 1006 DT  T A . n 
A 1 7  DT  7  1007 1007 DT  T A . n 
A 1 8  DT  8  1008 1008 DT  T A . n 
A 1 9  DG  9  1009 1009 DG  G A . n 
A 1 10 DG  10 1010 1010 DG  G A . n 
A 1 11 DG  11 1011 1011 DG  G A . n 
A 1 12 DG  12 1012 1012 DG  G A . n 
B 1 1  DG  1  2001 2001 DG  G B . n 
B 1 2  DG  2  2002 2002 DG  G B . n 
B 1 3  DG  3  2003 2003 DG  G B . n 
B 1 4  DG  4  2004 2004 DG  G B . n 
B 1 5  BRU 5  2005 2005 BRU U B . n 
B 1 6  DT  6  2006 2006 DT  T B . n 
B 1 7  DT  7  2007 2007 DT  T B . n 
B 1 8  DT  8  2008 2008 DT  T B . n 
B 1 9  DG  9  2009 2009 DG  G B . n 
B 1 10 DG  10 2010 2010 DG  G B . n 
B 1 11 DG  11 2011 2011 DG  G B . n 
B 1 12 DG  12 2012 2012 DG  G B . n 
# 
loop_
_pdbx_nonpoly_scheme.asym_id 
_pdbx_nonpoly_scheme.entity_id 
_pdbx_nonpoly_scheme.mon_id 
_pdbx_nonpoly_scheme.ndb_seq_num 
_pdbx_nonpoly_scheme.pdb_seq_num 
_pdbx_nonpoly_scheme.auth_seq_num 
_pdbx_nonpoly_scheme.pdb_mon_id 
_pdbx_nonpoly_scheme.auth_mon_id 
_pdbx_nonpoly_scheme.pdb_strand_id 
_pdbx_nonpoly_scheme.pdb_ins_code 
C 2 K   1  3014 3014 K   K   A . 
D 2 K   1  3015 3015 K   K   A . 
E 2 K   1  3016 3016 K   K   A . 
F 2 K   1  3017 3017 K   K   A . 
G 2 K   1  3013 3013 K   K   B . 
H 3 HOH 1  7002 7002 HOH HOH A . 
H 3 HOH 2  7003 7003 HOH HOH A . 
H 3 HOH 3  7004 7004 HOH HOH A . 
H 3 HOH 4  7005 7005 HOH HOH A . 
H 3 HOH 5  7006 7006 HOH HOH A . 
H 3 HOH 6  7013 7013 HOH HOH A . 
H 3 HOH 7  7014 7014 HOH HOH A . 
H 3 HOH 8  7015 7015 HOH HOH A . 
H 3 HOH 9  7017 7017 HOH HOH A . 
H 3 HOH 10 7018 7018 HOH HOH A . 
H 3 HOH 11 7019 7019 HOH HOH A . 
H 3 HOH 12 7022 7022 HOH HOH A . 
H 3 HOH 13 7023 7023 HOH HOH A . 
H 3 HOH 14 7024 7024 HOH HOH A . 
H 3 HOH 15 7027 7027 HOH HOH A . 
H 3 HOH 16 7029 7029 HOH HOH A . 
H 3 HOH 17 7031 7031 HOH HOH A . 
H 3 HOH 18 7033 7033 HOH HOH A . 
H 3 HOH 19 7034 7034 HOH HOH A . 
H 3 HOH 20 7035 7035 HOH HOH A . 
H 3 HOH 21 7036 7036 HOH HOH A . 
H 3 HOH 22 7037 7037 HOH HOH A . 
H 3 HOH 23 7038 7038 HOH HOH A . 
H 3 HOH 24 7039 7039 HOH HOH A . 
H 3 HOH 25 7041 7041 HOH HOH A . 
H 3 HOH 26 7042 7042 HOH HOH A . 
H 3 HOH 27 7043 7043 HOH HOH A . 
H 3 HOH 28 7044 7044 HOH HOH A . 
H 3 HOH 29 7045 7045 HOH HOH A . 
H 3 HOH 30 7046 7046 HOH HOH A . 
H 3 HOH 31 7049 7049 HOH HOH A . 
H 3 HOH 32 7052 7052 HOH HOH A . 
H 3 HOH 33 7054 7054 HOH HOH A . 
H 3 HOH 34 7055 7055 HOH HOH A . 
H 3 HOH 35 7056 7056 HOH HOH A . 
H 3 HOH 36 7059 7059 HOH HOH A . 
H 3 HOH 37 7060 7060 HOH HOH A . 
H 3 HOH 38 7062 7062 HOH HOH A . 
H 3 HOH 39 7064 7064 HOH HOH A . 
H 3 HOH 40 7065 7065 HOH HOH A . 
H 3 HOH 41 7068 7068 HOH HOH A . 
H 3 HOH 42 7070 7070 HOH HOH A . 
H 3 HOH 43 7085 7085 HOH HOH A . 
H 3 HOH 44 7086 7086 HOH HOH A . 
H 3 HOH 45 7088 7088 HOH HOH A . 
H 3 HOH 46 7091 7091 HOH HOH A . 
H 3 HOH 47 7092 7092 HOH HOH A . 
H 3 HOH 48 7096 7096 HOH HOH A . 
H 3 HOH 49 7097 7097 HOH HOH A . 
H 3 HOH 50 7098 7098 HOH HOH A . 
H 3 HOH 51 7099 7099 HOH HOH A . 
H 3 HOH 52 7100 7100 HOH HOH A . 
H 3 HOH 53 7101 7101 HOH HOH A . 
H 3 HOH 54 7102 7102 HOH HOH A . 
H 3 HOH 55 7103 7103 HOH HOH A . 
H 3 HOH 56 7104 7104 HOH HOH A . 
H 3 HOH 57 7108 7108 HOH HOH A . 
H 3 HOH 58 7110 7110 HOH HOH A . 
H 3 HOH 59 7115 7115 HOH HOH A . 
H 3 HOH 60 7116 7116 HOH HOH A . 
H 3 HOH 61 7118 7118 HOH HOH A . 
H 3 HOH 62 7121 7121 HOH HOH A . 
H 3 HOH 63 7122 7122 HOH HOH A . 
H 3 HOH 64 7125 7125 HOH HOH A . 
H 3 HOH 65 7126 7126 HOH HOH A . 
H 3 HOH 66 7128 7128 HOH HOH A . 
H 3 HOH 67 7133 7133 HOH HOH A . 
H 3 HOH 68 7135 7135 HOH HOH A . 
H 3 HOH 69 7137 7137 HOH HOH A . 
H 3 HOH 70 7138 7138 HOH HOH A . 
I 3 HOH 1  7001 7001 HOH HOH B . 
I 3 HOH 2  7007 7007 HOH HOH B . 
I 3 HOH 3  7008 7008 HOH HOH B . 
I 3 HOH 4  7009 7009 HOH HOH B . 
I 3 HOH 5  7010 7010 HOH HOH B . 
I 3 HOH 6  7011 7011 HOH HOH B . 
I 3 HOH 7  7012 7012 HOH HOH B . 
I 3 HOH 8  7016 7016 HOH HOH B . 
I 3 HOH 9  7020 7020 HOH HOH B . 
I 3 HOH 10 7021 7021 HOH HOH B . 
I 3 HOH 11 7025 7025 HOH HOH B . 
I 3 HOH 12 7026 7026 HOH HOH B . 
I 3 HOH 13 7028 7028 HOH HOH B . 
I 3 HOH 14 7030 7030 HOH HOH B . 
I 3 HOH 15 7032 7032 HOH HOH B . 
I 3 HOH 16 7040 7040 HOH HOH B . 
I 3 HOH 17 7047 7047 HOH HOH B . 
I 3 HOH 18 7048 7048 HOH HOH B . 
I 3 HOH 19 7050 7050 HOH HOH B . 
I 3 HOH 20 7051 7051 HOH HOH B . 
I 3 HOH 21 7053 7053 HOH HOH B . 
I 3 HOH 22 7057 7057 HOH HOH B . 
I 3 HOH 23 7058 7058 HOH HOH B . 
I 3 HOH 24 7061 7061 HOH HOH B . 
I 3 HOH 25 7063 7063 HOH HOH B . 
I 3 HOH 26 7066 7066 HOH HOH B . 
I 3 HOH 27 7069 7069 HOH HOH B . 
I 3 HOH 28 7071 7071 HOH HOH B . 
I 3 HOH 29 7073 7073 HOH HOH B . 
I 3 HOH 30 7074 7074 HOH HOH B . 
I 3 HOH 31 7075 7075 HOH HOH B . 
I 3 HOH 32 7076 7076 HOH HOH B . 
I 3 HOH 33 7077 7077 HOH HOH B . 
I 3 HOH 34 7078 7078 HOH HOH B . 
I 3 HOH 35 7079 7079 HOH HOH B . 
I 3 HOH 36 7080 7080 HOH HOH B . 
I 3 HOH 37 7081 7081 HOH HOH B . 
I 3 HOH 38 7082 7082 HOH HOH B . 
I 3 HOH 39 7083 7083 HOH HOH B . 
I 3 HOH 40 7084 7084 HOH HOH B . 
I 3 HOH 41 7087 7087 HOH HOH B . 
I 3 HOH 42 7090 7090 HOH HOH B . 
I 3 HOH 43 7093 7093 HOH HOH B . 
I 3 HOH 44 7094 7094 HOH HOH B . 
I 3 HOH 45 7095 7095 HOH HOH B . 
I 3 HOH 46 7105 7105 HOH HOH B . 
I 3 HOH 47 7106 7106 HOH HOH B . 
I 3 HOH 48 7107 7107 HOH HOH B . 
I 3 HOH 49 7109 7109 HOH HOH B . 
I 3 HOH 50 7111 7111 HOH HOH B . 
I 3 HOH 51 7112 7112 HOH HOH B . 
I 3 HOH 52 7113 7113 HOH HOH B . 
I 3 HOH 53 7114 7114 HOH HOH B . 
I 3 HOH 54 7117 7117 HOH HOH B . 
I 3 HOH 55 7120 7120 HOH HOH B . 
I 3 HOH 56 7123 7123 HOH HOH B . 
I 3 HOH 57 7124 7124 HOH HOH B . 
I 3 HOH 58 7127 7127 HOH HOH B . 
I 3 HOH 59 7129 7129 HOH HOH B . 
I 3 HOH 60 7130 7130 HOH HOH B . 
I 3 HOH 61 7132 7132 HOH HOH B . 
# 
loop_
_software.name 
_software.classification 
_software.version 
_software.citation_id 
_software.pdbx_ordinal 
X-PLOR    'model building' . ? 1 
SHELXL-97 refinement       . ? 2 
DENZO     'data reduction' . ? 3 
SCALEPACK 'data scaling'   . ? 4 
X-PLOR    phasing          . ? 5 
# 
_cell.entry_id           1JPQ 
_cell.length_a           27.543 
_cell.length_b           27.543 
_cell.length_c           145.817 
_cell.angle_alpha        90.00 
_cell.angle_beta         90.00 
_cell.angle_gamma        120.00 
_cell.Z_PDB              12 
_cell.pdbx_unique_axis   ? 
# 
_symmetry.entry_id                         1JPQ 
_symmetry.space_group_name_H-M             'P 32 2 1' 
_symmetry.pdbx_full_space_group_name_H-M   ? 
_symmetry.cell_setting                     ? 
_symmetry.Int_Tables_number                154 
# 
_exptl.entry_id          1JPQ 
_exptl.method            'X-RAY DIFFRACTION' 
_exptl.crystals_number   1 
# 
_exptl_crystal.id                    1 
_exptl_crystal.density_meas          ? 
_exptl_crystal.density_Matthews      2.03 
_exptl_crystal.density_percent_sol   39.37 
_exptl_crystal.description           ? 
# 
_exptl_crystal_grow.crystal_id      1 
_exptl_crystal_grow.method          'VAPOR DIFFUSION, HANGING DROP' 
_exptl_crystal_grow.temp            285.0 
_exptl_crystal_grow.temp_details    ? 
_exptl_crystal_grow.pH              7.0 
_exptl_crystal_grow.pdbx_details    
;potassium chloride, magnesium chloride, spermine, MPD, potassium cacodylate, pH 7.0, VAPOR DIFFUSION, HANGING DROP,
temperature 12K
;
_exptl_crystal_grow.pdbx_pH_range   . 
# 
loop_
_exptl_crystal_grow_comp.crystal_id 
_exptl_crystal_grow_comp.id 
_exptl_crystal_grow_comp.sol_id 
_exptl_crystal_grow_comp.name 
_exptl_crystal_grow_comp.conc 
_exptl_crystal_grow_comp.volume 
_exptl_crystal_grow_comp.details 
1 1 1 KCl                    ? ? ? 
1 2 1 MgCl2                  ? ? ? 
1 3 1 spermine               ? ? ? 
1 4 1 MPD                    ? ? ? 
1 5 1 'potassium cacodylate' ? ? ? 
# 
_diffrn.id                     1 
_diffrn.ambient_temp           100 
_diffrn.ambient_temp_details   ? 
_diffrn.crystal_id             1 
# 
_diffrn_detector.diffrn_id              1 
_diffrn_detector.detector               CCD 
_diffrn_detector.type                   'ADSC QUANTUM 4' 
_diffrn_detector.pdbx_collection_date   2000-11-02 
_diffrn_detector.details                ? 
# 
_diffrn_radiation.diffrn_id                        1 
_diffrn_radiation.wavelength_id                    1 
_diffrn_radiation.pdbx_monochromatic_or_laue_m_l   M 
_diffrn_radiation.monochromator                    0.98 
_diffrn_radiation.pdbx_diffrn_protocol             'SINGLE WAVELENGTH' 
_diffrn_radiation.pdbx_scattering_type             x-ray 
# 
_diffrn_radiation_wavelength.id           1 
_diffrn_radiation_wavelength.wavelength   0.98 
_diffrn_radiation_wavelength.wt           1.0 
# 
_diffrn_source.diffrn_id                   1 
_diffrn_source.source                      SYNCHROTRON 
_diffrn_source.type                        'ESRF BEAMLINE BM14' 
_diffrn_source.pdbx_synchrotron_site       ESRF 
_diffrn_source.pdbx_synchrotron_beamline   BM14 
_diffrn_source.pdbx_wavelength             ? 
_diffrn_source.pdbx_wavelength_list        0.98 
# 
_reflns.entry_id                     1JPQ 
_reflns.observed_criterion_sigma_I   3 
_reflns.observed_criterion_sigma_F   3 
_reflns.d_resolution_low             99 
_reflns.d_resolution_high            1.6 
_reflns.number_obs                   8862 
_reflns.number_all                   9146 
_reflns.percent_possible_obs         96.8 
_reflns.pdbx_Rmerge_I_obs            0.094 
_reflns.pdbx_Rsym_value              ? 
_reflns.pdbx_netI_over_sigmaI        18.6 
_reflns.B_iso_Wilson_estimate        ? 
_reflns.pdbx_redundancy              ? 
_reflns.R_free_details               ? 
_reflns.pdbx_diffrn_id               1 
_reflns.pdbx_ordinal                 1 
# 
_reflns_shell.d_res_high             1.60 
_reflns_shell.d_res_low              1.66 
_reflns_shell.percent_possible_all   98.4 
_reflns_shell.Rmerge_I_obs           0.226 
_reflns_shell.pdbx_Rsym_value        ? 
_reflns_shell.meanI_over_sigI_obs    6.38 
_reflns_shell.pdbx_redundancy        ? 
_reflns_shell.percent_possible_obs   ? 
_reflns_shell.number_unique_all      ? 
_reflns_shell.pdbx_diffrn_id         ? 
_reflns_shell.pdbx_ordinal           1 
# 
_refine.entry_id                                 1JPQ 
_refine.ls_number_reflns_obs                     8862 
_refine.ls_number_reflns_all                     9146 
_refine.pdbx_ls_sigma_I                          ? 
_refine.pdbx_ls_sigma_F                          4 
_refine.pdbx_data_cutoff_high_absF               ? 
_refine.pdbx_data_cutoff_low_absF                ? 
_refine.ls_d_res_low                             99 
_refine.ls_d_res_high                            1.6 
_refine.ls_percent_reflns_obs                    ? 
_refine.ls_R_factor_obs                          0.2293 
_refine.ls_R_factor_all                          0.2439 
_refine.ls_R_factor_R_work                       0.225 
_refine.ls_R_factor_R_free                       0.2759 
_refine.ls_R_factor_R_free_error                 ? 
_refine.ls_R_factor_R_free_error_details         ? 
_refine.ls_percent_reflns_R_free                 ? 
_refine.ls_number_reflns_R_free                  886 
_refine.ls_number_parameters                     ? 
_refine.ls_number_restraints                     ? 
_refine.occupancy_min                            ? 
_refine.occupancy_max                            ? 
_refine.B_iso_mean                               ? 
_refine.aniso_B[1][1]                            ? 
_refine.aniso_B[2][2]                            ? 
_refine.aniso_B[3][3]                            ? 
_refine.aniso_B[1][2]                            ? 
_refine.aniso_B[1][3]                            ? 
_refine.aniso_B[2][3]                            ? 
_refine.solvent_model_details                    ? 
_refine.solvent_model_param_ksol                 ? 
_refine.solvent_model_param_bsol                 ? 
_refine.pdbx_ls_cross_valid_method               ? 
_refine.details                                  ? 
_refine.pdbx_starting_model                      ? 
_refine.pdbx_method_to_determine_struct          'MOLECULAR REPLACEMENT' 
_refine.pdbx_isotropic_thermal_model             ? 
_refine.pdbx_stereochemistry_target_values       'Engh & Huber' 
_refine.pdbx_stereochem_target_val_spec_case     ? 
_refine.pdbx_R_Free_selection_details            'every 10th reflection' 
_refine.pdbx_overall_ESU_R_Free                  ? 
_refine.overall_SU_B                             ? 
_refine.ls_redundancy_reflns_obs                 ? 
_refine.correlation_coeff_Fo_to_Fc               ? 
_refine.overall_SU_R_Cruickshank_DPI             ? 
_refine.overall_SU_R_free                        ? 
_refine.overall_SU_ML                            ? 
_refine.pdbx_overall_ESU_R                       ? 
_refine.pdbx_data_cutoff_high_rms_absF           ? 
_refine.correlation_coeff_Fo_to_Fc_free          ? 
_refine.pdbx_solvent_vdw_probe_radii             ? 
_refine.pdbx_solvent_ion_probe_radii             ? 
_refine.pdbx_solvent_shrinkage_radii             ? 
_refine.pdbx_refine_id                           'X-RAY DIFFRACTION' 
_refine.pdbx_diffrn_id                           1 
_refine.pdbx_TLS_residual_ADP_flag               ? 
_refine.pdbx_overall_phase_error                 ? 
_refine.pdbx_overall_SU_R_free_Cruickshank_DPI   ? 
_refine.pdbx_overall_SU_R_Blow_DPI               ? 
_refine.pdbx_overall_SU_R_free_Blow_DPI          ? 
# 
_refine_hist.pdbx_refine_id                   'X-RAY DIFFRACTION' 
_refine_hist.cycle_id                         LAST 
_refine_hist.pdbx_number_atoms_protein        0 
_refine_hist.pdbx_number_atoms_nucleic_acid   504 
_refine_hist.pdbx_number_atoms_ligand         7 
_refine_hist.number_atoms_solvent             131 
_refine_hist.number_atoms_total               642 
_refine_hist.d_res_high                       1.6 
_refine_hist.d_res_low                        99 
# 
loop_
_refine_ls_restr.type 
_refine_ls_restr.dev_ideal 
_refine_ls_restr.dev_ideal_target 
_refine_ls_restr.weight 
_refine_ls_restr.number 
_refine_ls_restr.pdbx_refine_id 
_refine_ls_restr.pdbx_restraint_function 
s_bond_d              0.007  ? ? ? 'X-RAY DIFFRACTION' ? 
s_angle_d             0.019  ? ? ? 'X-RAY DIFFRACTION' ? 
s_similar_dist        0.018  ? ? ? 'X-RAY DIFFRACTION' ? 
s_from_restr_planes   0.0005 ? ? ? 'X-RAY DIFFRACTION' ? 
s_zero_chiral_vol     0.000  ? ? ? 'X-RAY DIFFRACTION' ? 
s_non_zero_chiral_vol 0.059  ? ? ? 'X-RAY DIFFRACTION' ? 
s_anti_bump_dis_restr 0.007  ? ? ? 'X-RAY DIFFRACTION' ? 
s_approx_iso_adps     0.000  ? ? ? 'X-RAY DIFFRACTION' ? 
# 
_struct.entry_id                  1JPQ 
_struct.title                     'Crystal Structure of the Oxytricha Telomeric DNA at 1.6A' 
_struct.pdbx_model_details        ? 
_struct.pdbx_CASP_flag            ? 
_struct.pdbx_model_type_details   ? 
# 
_struct_keywords.entry_id        1JPQ 
_struct_keywords.pdbx_keywords   DNA 
_struct_keywords.text            'Oxytricha, G-Quartets, DNA' 
# 
loop_
_struct_asym.id 
_struct_asym.pdbx_blank_PDB_chainid_flag 
_struct_asym.pdbx_modified 
_struct_asym.entity_id 
_struct_asym.details 
A N N 1 ? 
B N N 1 ? 
C N N 2 ? 
D N N 2 ? 
E N N 2 ? 
F N N 2 ? 
G N N 2 ? 
H N N 3 ? 
I N N 3 ? 
# 
_struct_ref.id                         1 
_struct_ref.entity_id                  1 
_struct_ref.db_name                    PDB 
_struct_ref.db_code                    1JPQ 
_struct_ref.pdbx_db_accession          1JPQ 
_struct_ref.pdbx_db_isoform            ? 
_struct_ref.pdbx_seq_one_letter_code   ? 
_struct_ref.pdbx_align_begin           ? 
# 
loop_
_struct_ref_seq.align_id 
_struct_ref_seq.ref_id 
_struct_ref_seq.pdbx_PDB_id_code 
_struct_ref_seq.pdbx_strand_id 
_struct_ref_seq.seq_align_beg 
_struct_ref_seq.pdbx_seq_align_beg_ins_code 
_struct_ref_seq.seq_align_end 
_struct_ref_seq.pdbx_seq_align_end_ins_code 
_struct_ref_seq.pdbx_db_accession 
_struct_ref_seq.db_align_beg 
_struct_ref_seq.pdbx_db_align_beg_ins_code 
_struct_ref_seq.db_align_end 
_struct_ref_seq.pdbx_db_align_end_ins_code 
_struct_ref_seq.pdbx_auth_seq_align_beg 
_struct_ref_seq.pdbx_auth_seq_align_end 
1 1 1JPQ A 1 ? 12 ? 1JPQ 1001 ? 1012 ? 1001 1012 
2 1 1JPQ B 1 ? 12 ? 1JPQ 2001 ? 2012 ? 2001 2012 
# 
_pdbx_struct_assembly.id                   1 
_pdbx_struct_assembly.details              author_defined_assembly 
_pdbx_struct_assembly.method_details       ? 
_pdbx_struct_assembly.oligomeric_details   dimeric 
_pdbx_struct_assembly.oligomeric_count     2 
# 
_pdbx_struct_assembly_gen.assembly_id       1 
_pdbx_struct_assembly_gen.oper_expression   1 
_pdbx_struct_assembly_gen.asym_id_list      A,B,C,D,E,F,G,H,I 
# 
_pdbx_struct_oper_list.id                   1 
_pdbx_struct_oper_list.type                 'identity operation' 
_pdbx_struct_oper_list.name                 1_555 
_pdbx_struct_oper_list.symmetry_operation   x,y,z 
_pdbx_struct_oper_list.matrix[1][1]         1.0000000000 
_pdbx_struct_oper_list.matrix[1][2]         0.0000000000 
_pdbx_struct_oper_list.matrix[1][3]         0.0000000000 
_pdbx_struct_oper_list.vector[1]            0.0000000000 
_pdbx_struct_oper_list.matrix[2][1]         0.0000000000 
_pdbx_struct_oper_list.matrix[2][2]         1.0000000000 
_pdbx_struct_oper_list.matrix[2][3]         0.0000000000 
_pdbx_struct_oper_list.vector[2]            0.0000000000 
_pdbx_struct_oper_list.matrix[3][1]         0.0000000000 
_pdbx_struct_oper_list.matrix[3][2]         0.0000000000 
_pdbx_struct_oper_list.matrix[3][3]         1.0000000000 
_pdbx_struct_oper_list.vector[3]            0.0000000000 
# 
_struct_biol.id                    1 
_struct_biol.pdbx_parent_biol_id   ? 
_struct_biol.details               ? 
# 
loop_
_struct_conn.id 
_struct_conn.conn_type_id 
_struct_conn.pdbx_leaving_atom_flag 
_struct_conn.pdbx_PDB_id 
_struct_conn.ptnr1_label_asym_id 
_struct_conn.ptnr1_label_comp_id 
_struct_conn.ptnr1_label_seq_id 
_struct_conn.ptnr1_label_atom_id 
_struct_conn.pdbx_ptnr1_label_alt_id 
_struct_conn.pdbx_ptnr1_PDB_ins_code 
_struct_conn.pdbx_ptnr1_standard_comp_id 
_struct_conn.ptnr1_symmetry 
_struct_conn.ptnr2_label_asym_id 
_struct_conn.ptnr2_label_comp_id 
_struct_conn.ptnr2_label_seq_id 
_struct_conn.ptnr2_label_atom_id 
_struct_conn.pdbx_ptnr2_label_alt_id 
_struct_conn.pdbx_ptnr2_PDB_ins_code 
_struct_conn.ptnr1_auth_asym_id 
_struct_conn.ptnr1_auth_comp_id 
_struct_conn.ptnr1_auth_seq_id 
_struct_conn.ptnr2_auth_asym_id 
_struct_conn.ptnr2_auth_comp_id 
_struct_conn.ptnr2_auth_seq_id 
_struct_conn.ptnr2_symmetry 
_struct_conn.pdbx_ptnr3_label_atom_id 
_struct_conn.pdbx_ptnr3_label_seq_id 
_struct_conn.pdbx_ptnr3_label_comp_id 
_struct_conn.pdbx_ptnr3_label_asym_id 
_struct_conn.pdbx_ptnr3_label_alt_id 
_struct_conn.pdbx_ptnr3_PDB_ins_code 
_struct_conn.details 
_struct_conn.pdbx_dist_value 
_struct_conn.pdbx_value_order 
_struct_conn.pdbx_role 
covale1  covale both ? A DG  4  "O3'" ? ? ? 1_555 A BRU 5  P  ? ? A DG  1004 A BRU 1005 1_555 ? ? ? ? ? ? ?                1.606 ? 
? 
covale2  covale both ? A BRU 5  "O3'" ? ? ? 1_555 A DT  6  P  ? ? A BRU 1005 A DT  1006 1_555 ? ? ? ? ? ? ?                1.609 ? 
? 
covale3  covale both ? B DG  4  "O3'" ? ? ? 1_555 B BRU 5  P  ? ? B DG  2004 B BRU 2005 1_555 ? ? ? ? ? ? ?                1.610 ? 
? 
covale4  covale both ? B BRU 5  "O3'" ? ? ? 1_555 B DT  6  P  ? ? B BRU 2005 B DT  2006 1_555 ? ? ? ? ? ? ?                1.602 ? 
? 
metalc1  metalc ?    ? A DG  1  O6    ? ? ? 1_555 C K   .  K  ? ? A DG  1001 A K   3014 1_555 ? ? ? ? ? ? ?                2.739 ? 
? 
metalc2  metalc ?    ? A DG  1  O6    ? ? ? 1_555 G K   .  K  ? ? A DG  1001 B K   3013 1_555 ? ? ? ? ? ? ?                3.080 ? 
? 
metalc3  metalc ?    ? A DG  2  O6    ? ? ? 1_555 C K   .  K  ? ? A DG  1002 A K   3014 1_555 ? ? ? ? ? ? ?                2.986 ? 
? 
metalc4  metalc ?    ? A DG  2  O6    ? ? ? 1_555 D K   .  K  ? ? A DG  1002 A K   3015 1_555 ? ? ? ? ? ? ?                2.650 ? 
? 
metalc5  metalc ?    ? A DG  3  O6    ? ? ? 1_555 D K   .  K  ? ? A DG  1003 A K   3015 1_555 ? ? ? ? ? ? ?                2.850 ? 
? 
metalc6  metalc ?    ? A DG  3  O6    ? ? ? 1_555 E K   .  K  ? ? A DG  1003 A K   3016 1_555 ? ? ? ? ? ? ?                2.815 ? 
? 
metalc7  metalc ?    ? A DG  4  O6    ? ? ? 1_555 E K   .  K  ? ? A DG  1004 A K   3016 1_555 ? ? ? ? ? ? ?                2.742 ? 
? 
metalc8  metalc ?    ? A DG  4  O6    ? ? ? 1_555 F K   .  K  ? ? A DG  1004 A K   3017 1_555 ? ? ? ? ? ? ?                2.904 ? 
? 
metalc9  metalc ?    ? A BRU 5  O2    ? ? ? 1_555 F K   .  K  ? ? A BRU 1005 A K   3017 1_555 ? ? ? ? ? ? ?                2.738 ? 
? 
metalc10 metalc ?    ? A DT  7  O2    ? ? ? 1_555 F K   .  K  ? ? A DT  1007 A K   3017 1_555 ? ? ? ? ? ? ?                2.632 ? 
? 
metalc11 metalc ?    ? A DG  9  O6    ? ? ? 1_555 E K   .  K  ? ? A DG  1009 A K   3016 1_555 ? ? ? ? ? ? ?                2.823 ? 
? 
metalc12 metalc ?    ? A DG  9  O6    ? ? ? 1_555 F K   .  K  ? ? A DG  1009 A K   3017 1_555 ? ? ? ? ? ? ?                2.868 ? 
? 
metalc13 metalc ?    ? A DG  10 O6    ? ? ? 1_555 D K   .  K  ? ? A DG  1010 A K   3015 1_555 ? ? ? ? ? ? ?                2.728 ? 
? 
metalc14 metalc ?    ? A DG  10 O6    ? ? ? 1_555 E K   .  K  ? ? A DG  1010 A K   3016 1_555 ? ? ? ? ? ? ?                2.800 ? 
? 
metalc15 metalc ?    ? A DG  11 O6    ? ? ? 1_555 C K   .  K  ? ? A DG  1011 A K   3014 1_555 ? ? ? ? ? ? ?                2.865 ? 
? 
metalc16 metalc ?    ? A DG  11 O6    ? ? ? 1_555 D K   .  K  ? ? A DG  1011 A K   3015 1_555 ? ? ? ? ? ? ?                2.846 ? 
? 
metalc17 metalc ?    ? A DG  12 O6    ? ? ? 1_555 C K   .  K  ? ? A DG  1012 A K   3014 1_555 ? ? ? ? ? ? ?                2.675 ? 
? 
metalc18 metalc ?    ? A DG  12 O6    ? ? ? 1_555 G K   .  K  ? ? A DG  1012 B K   3013 1_555 ? ? ? ? ? ? ?                2.873 ? 
? 
metalc19 metalc ?    ? C K   .  K     ? ? ? 1_555 D K   .  K  ? ? A K   3014 A K   3015 1_555 ? ? ? ? ? ? ?                3.376 ? 
? 
metalc20 metalc ?    ? C K   .  K     ? ? ? 1_555 B DG  3  O6 ? ? A K   3014 B DG  2003 1_555 ? ? ? ? ? ? ?                2.886 ? 
? 
metalc21 metalc ?    ? C K   .  K     ? ? ? 1_555 B DG  4  O6 ? ? A K   3014 B DG  2004 1_555 ? ? ? ? ? ? ?                2.784 ? 
? 
metalc22 metalc ?    ? C K   .  K     ? ? ? 1_555 B DG  9  O6 ? ? A K   3014 B DG  2009 1_555 ? ? ? ? ? ? ?                2.685 ? 
? 
metalc23 metalc ?    ? C K   .  K     ? ? ? 1_555 B DG  10 O6 ? ? A K   3014 B DG  2010 1_555 ? ? ? ? ? ? ?                2.669 ? 
? 
metalc24 metalc ?    ? C K   .  K     ? ? ? 1_555 G K   .  K  ? ? A K   3014 B K   3013 1_555 ? ? ? ? ? ? ?                3.514 ? 
? 
metalc25 metalc ?    ? D K   .  K     ? ? ? 1_555 E K   .  K  ? ? A K   3015 A K   3016 1_555 ? ? ? ? ? ? ?                3.394 ? 
? 
metalc26 metalc ?    ? D K   .  K     ? ? ? 1_555 B DG  2  O6 ? ? A K   3015 B DG  2002 1_555 ? ? ? ? ? ? ?                2.782 ? 
? 
metalc27 metalc ?    ? D K   .  K     ? ? ? 1_555 B DG  3  O6 ? ? A K   3015 B DG  2003 1_555 ? ? ? ? ? ? ?                2.751 ? 
? 
metalc28 metalc ?    ? D K   .  K     ? ? ? 1_555 B DG  10 O6 ? ? A K   3015 B DG  2010 1_555 ? ? ? ? ? ? ?                2.749 ? 
? 
metalc29 metalc ?    ? D K   .  K     ? ? ? 1_555 B DG  11 O6 ? ? A K   3015 B DG  2011 1_555 ? ? ? ? ? ? ?                2.912 ? 
? 
metalc30 metalc ?    ? E K   .  K     ? ? ? 1_555 F K   .  K  ? ? A K   3016 A K   3017 1_555 ? ? ? ? ? ? ?                3.514 ? 
? 
metalc31 metalc ?    ? E K   .  K     ? ? ? 1_555 B DG  1  O6 ? ? A K   3016 B DG  2001 1_555 ? ? ? ? ? ? ?                2.740 ? 
? 
metalc32 metalc ?    ? E K   .  K     ? ? ? 1_555 B DG  2  O6 ? ? A K   3016 B DG  2002 1_555 ? ? ? ? ? ? ?                2.979 ? 
? 
metalc33 metalc ?    ? E K   .  K     ? ? ? 1_555 B DG  11 O6 ? ? A K   3016 B DG  2011 1_555 ? ? ? ? ? ? ?                2.831 ? 
? 
metalc34 metalc ?    ? E K   .  K     ? ? ? 1_555 B DG  12 O6 ? ? A K   3016 B DG  2012 1_555 ? ? ? ? ? ? ?                2.753 ? 
? 
metalc35 metalc ?    ? F K   .  K     ? ? ? 1_555 B DG  1  O6 ? ? A K   3017 B DG  2001 1_555 ? ? ? ? ? ? ?                3.164 ? 
? 
metalc36 metalc ?    ? F K   .  K     ? ? ? 1_555 B DG  12 O6 ? ? A K   3017 B DG  2012 1_555 ? ? ? ? ? ? ?                2.816 ? 
? 
metalc37 metalc ?    ? B DG  4  O6    ? ? ? 1_555 G K   .  K  ? ? B DG  2004 B K   3013 1_555 ? ? ? ? ? ? ?                3.001 ? 
? 
metalc38 metalc ?    ? B BRU 5  O2    ? ? ? 1_555 G K   .  K  ? ? B BRU 2005 B K   3013 1_555 ? ? ? ? ? ? ?                2.720 ? 
? 
metalc39 metalc ?    ? B BRU 5  N3    ? ? ? 1_555 G K   .  K  ? ? B BRU 2005 B K   3013 1_555 ? ? ? ? ? ? ?                3.308 ? 
? 
metalc40 metalc ?    ? B DT  7  O2    ? ? ? 1_555 G K   .  K  ? ? B DT  2007 B K   3013 1_555 ? ? ? ? ? ? ?                2.674 ? 
? 
metalc41 metalc ?    ? B DG  9  O6    ? ? ? 1_555 G K   .  K  ? ? B DG  2009 B K   3013 1_555 ? ? ? ? ? ? ?                2.877 ? 
? 
metalc42 metalc ?    ? G K   .  K     ? ? ? 1_555 I HOH .  O  ? ? B K   3013 B HOH 7016 1_555 ? ? ? ? ? ? ?                3.206 ? 
? 
hydrog1  hydrog ?    ? A DG  1  N7    ? ? ? 1_555 B DG  4  N2 ? ? A DG  1001 B DG  2004 1_555 ? ? ? ? ? ? TYPE_6_PAIR      ?     ? 
? 
hydrog2  hydrog ?    ? A DG  1  O6    ? ? ? 1_555 B DG  4  N1 ? ? A DG  1001 B DG  2004 1_555 ? ? ? ? ? ? TYPE_6_PAIR      ?     ? 
? 
hydrog3  hydrog ?    ? A DG  1  N1    ? ? ? 1_555 B DG  9  O6 ? ? A DG  1001 B DG  2009 1_555 ? ? ? ? ? ? TYPE_6_PAIR      ?     ? 
? 
hydrog4  hydrog ?    ? A DG  1  N2    ? ? ? 1_555 B DG  9  N7 ? ? A DG  1001 B DG  2009 1_555 ? ? ? ? ? ? TYPE_6_PAIR      ?     ? 
? 
hydrog5  hydrog ?    ? A DG  2  N1    ? ? ? 1_555 B DG  3  O6 ? ? A DG  1002 B DG  2003 1_555 ? ? ? ? ? ? TYPE_6_PAIR      ?     ? 
? 
hydrog6  hydrog ?    ? A DG  2  N2    ? ? ? 1_555 B DG  3  N7 ? ? A DG  1002 B DG  2003 1_555 ? ? ? ? ? ? TYPE_6_PAIR      ?     ? 
? 
hydrog7  hydrog ?    ? A DG  2  N7    ? ? ? 1_555 B DG  10 N2 ? ? A DG  1002 B DG  2010 1_555 ? ? ? ? ? ? TYPE_6_PAIR      ?     ? 
? 
hydrog8  hydrog ?    ? A DG  2  O6    ? ? ? 1_555 B DG  10 N1 ? ? A DG  1002 B DG  2010 1_555 ? ? ? ? ? ? TYPE_6_PAIR      ?     ? 
? 
hydrog9  hydrog ?    ? A DG  3  N7    ? ? ? 1_555 B DG  2  N2 ? ? A DG  1003 B DG  2002 1_555 ? ? ? ? ? ? TYPE_6_PAIR      ?     ? 
? 
hydrog10 hydrog ?    ? A DG  3  O6    ? ? ? 1_555 B DG  2  N1 ? ? A DG  1003 B DG  2002 1_555 ? ? ? ? ? ? TYPE_6_PAIR      ?     ? 
? 
hydrog11 hydrog ?    ? A DG  3  N1    ? ? ? 1_555 B DG  11 O6 ? ? A DG  1003 B DG  2011 1_555 ? ? ? ? ? ? TYPE_6_PAIR      ?     ? 
? 
hydrog12 hydrog ?    ? A DG  3  N2    ? ? ? 1_555 B DG  11 N7 ? ? A DG  1003 B DG  2011 1_555 ? ? ? ? ? ? TYPE_6_PAIR      ?     ? 
? 
hydrog13 hydrog ?    ? A DG  4  N1    ? ? ? 1_555 B DG  1  O6 ? ? A DG  1004 B DG  2001 1_555 ? ? ? ? ? ? TYPE_6_PAIR      ?     ? 
? 
hydrog14 hydrog ?    ? A DG  4  N2    ? ? ? 1_555 B DG  1  N7 ? ? A DG  1004 B DG  2001 1_555 ? ? ? ? ? ? TYPE_6_PAIR      ?     ? 
? 
hydrog15 hydrog ?    ? A DG  4  N7    ? ? ? 1_555 B DG  12 N2 ? ? A DG  1004 B DG  2012 1_555 ? ? ? ? ? ? TYPE_6_PAIR      ?     ? 
? 
hydrog16 hydrog ?    ? A DG  4  O6    ? ? ? 1_555 B DG  12 N1 ? ? A DG  1004 B DG  2012 1_555 ? ? ? ? ? ? TYPE_6_PAIR      ?     ? 
? 
hydrog17 hydrog ?    ? A BRU 5  O2    ? ? ? 1_555 A DT  7  N3 ? ? A BRU 1005 A DT  1007 1_555 ? ? ? ? ? ? 'BRU-DT MISPAIR' ?     ? 
? 
hydrog18 hydrog ?    ? A DG  9  N7    ? ? ? 1_555 B DG  1  N2 ? ? A DG  1009 B DG  2001 1_555 ? ? ? ? ? ? TYPE_6_PAIR      ?     ? 
? 
hydrog19 hydrog ?    ? A DG  9  O6    ? ? ? 1_555 B DG  1  N1 ? ? A DG  1009 B DG  2001 1_555 ? ? ? ? ? ? TYPE_6_PAIR      ?     ? 
? 
hydrog20 hydrog ?    ? A DG  9  N1    ? ? ? 1_555 B DG  12 O6 ? ? A DG  1009 B DG  2012 1_555 ? ? ? ? ? ? TYPE_6_PAIR      ?     ? 
? 
hydrog21 hydrog ?    ? A DG  9  N2    ? ? ? 1_555 B DG  12 N7 ? ? A DG  1009 B DG  2012 1_555 ? ? ? ? ? ? TYPE_6_PAIR      ?     ? 
? 
hydrog22 hydrog ?    ? A DG  10 N1    ? ? ? 1_555 B DG  2  O6 ? ? A DG  1010 B DG  2002 1_555 ? ? ? ? ? ? TYPE_6_PAIR      ?     ? 
? 
hydrog23 hydrog ?    ? A DG  10 N2    ? ? ? 1_555 B DG  2  N7 ? ? A DG  1010 B DG  2002 1_555 ? ? ? ? ? ? TYPE_6_PAIR      ?     ? 
? 
hydrog24 hydrog ?    ? A DG  10 N7    ? ? ? 1_555 B DG  11 N2 ? ? A DG  1010 B DG  2011 1_555 ? ? ? ? ? ? TYPE_6_PAIR      ?     ? 
? 
hydrog25 hydrog ?    ? A DG  10 O6    ? ? ? 1_555 B DG  11 N1 ? ? A DG  1010 B DG  2011 1_555 ? ? ? ? ? ? TYPE_6_PAIR      ?     ? 
? 
hydrog26 hydrog ?    ? A DG  11 N7    ? ? ? 1_555 B DG  3  N2 ? ? A DG  1011 B DG  2003 1_555 ? ? ? ? ? ? TYPE_6_PAIR      ?     ? 
? 
hydrog27 hydrog ?    ? A DG  11 O6    ? ? ? 1_555 B DG  3  N1 ? ? A DG  1011 B DG  2003 1_555 ? ? ? ? ? ? TYPE_6_PAIR      ?     ? 
? 
hydrog28 hydrog ?    ? A DG  11 N1    ? ? ? 1_555 B DG  10 O6 ? ? A DG  1011 B DG  2010 1_555 ? ? ? ? ? ? TYPE_6_PAIR      ?     ? 
? 
hydrog29 hydrog ?    ? A DG  11 N2    ? ? ? 1_555 B DG  10 N7 ? ? A DG  1011 B DG  2010 1_555 ? ? ? ? ? ? TYPE_6_PAIR      ?     ? 
? 
hydrog30 hydrog ?    ? A DG  12 N1    ? ? ? 1_555 B DG  4  O6 ? ? A DG  1012 B DG  2004 1_555 ? ? ? ? ? ? TYPE_6_PAIR      ?     ? 
? 
hydrog31 hydrog ?    ? A DG  12 N2    ? ? ? 1_555 B DG  4  N7 ? ? A DG  1012 B DG  2004 1_555 ? ? ? ? ? ? TYPE_6_PAIR      ?     ? 
? 
hydrog32 hydrog ?    ? A DG  12 N2    ? ? ? 1_555 B BRU 5  O4 ? ? A DG  1012 B BRU 2005 1_555 ? ? ? ? ? ? 'DG-BRU MISPAIR' ?     ? 
? 
hydrog33 hydrog ?    ? A DG  12 N7    ? ? ? 1_555 B DG  9  N2 ? ? A DG  1012 B DG  2009 1_555 ? ? ? ? ? ? TYPE_6_PAIR      ?     ? 
? 
hydrog34 hydrog ?    ? A DG  12 O6    ? ? ? 1_555 B DG  9  N1 ? ? A DG  1012 B DG  2009 1_555 ? ? ? ? ? ? TYPE_6_PAIR      ?     ? 
? 
hydrog35 hydrog ?    ? B BRU 5  O2    ? ? ? 1_555 B DT  7  N3 ? ? B BRU 2005 B DT  2007 1_555 ? ? ? ? ? ? 'BRU-DT MISPAIR' ?     ? 
? 
# 
loop_
_struct_conn_type.id 
_struct_conn_type.criteria 
_struct_conn_type.reference 
covale ? ? 
metalc ? ? 
hydrog ? ? 
# 
loop_
_pdbx_struct_conn_angle.id 
_pdbx_struct_conn_angle.ptnr1_label_atom_id 
_pdbx_struct_conn_angle.ptnr1_label_alt_id 
_pdbx_struct_conn_angle.ptnr1_label_asym_id 
_pdbx_struct_conn_angle.ptnr1_label_comp_id 
_pdbx_struct_conn_angle.ptnr1_label_seq_id 
_pdbx_struct_conn_angle.ptnr1_auth_atom_id 
_pdbx_struct_conn_angle.ptnr1_auth_asym_id 
_pdbx_struct_conn_angle.ptnr1_auth_comp_id 
_pdbx_struct_conn_angle.ptnr1_auth_seq_id 
_pdbx_struct_conn_angle.ptnr1_PDB_ins_code 
_pdbx_struct_conn_angle.ptnr1_symmetry 
_pdbx_struct_conn_angle.ptnr2_label_atom_id 
_pdbx_struct_conn_angle.ptnr2_label_alt_id 
_pdbx_struct_conn_angle.ptnr2_label_asym_id 
_pdbx_struct_conn_angle.ptnr2_label_comp_id 
_pdbx_struct_conn_angle.ptnr2_label_seq_id 
_pdbx_struct_conn_angle.ptnr2_auth_atom_id 
_pdbx_struct_conn_angle.ptnr2_auth_asym_id 
_pdbx_struct_conn_angle.ptnr2_auth_comp_id 
_pdbx_struct_conn_angle.ptnr2_auth_seq_id 
_pdbx_struct_conn_angle.ptnr2_PDB_ins_code 
_pdbx_struct_conn_angle.ptnr2_symmetry 
_pdbx_struct_conn_angle.ptnr3_label_atom_id 
_pdbx_struct_conn_angle.ptnr3_label_alt_id 
_pdbx_struct_conn_angle.ptnr3_label_asym_id 
_pdbx_struct_conn_angle.ptnr3_label_comp_id 
_pdbx_struct_conn_angle.ptnr3_label_seq_id 
_pdbx_struct_conn_angle.ptnr3_auth_atom_id 
_pdbx_struct_conn_angle.ptnr3_auth_asym_id 
_pdbx_struct_conn_angle.ptnr3_auth_comp_id 
_pdbx_struct_conn_angle.ptnr3_auth_seq_id 
_pdbx_struct_conn_angle.ptnr3_PDB_ins_code 
_pdbx_struct_conn_angle.ptnr3_symmetry 
_pdbx_struct_conn_angle.value 
_pdbx_struct_conn_angle.value_esd 
1   O6 ? A DG  1  ? A DG  1001 ? 1_555 K ? C K . ? A K 3014 ? 1_555 O6 ? A DG  2  ? A DG  1002 ? 1_555 68.1  ? 
2   O6 ? A DG  1  ? A DG  1001 ? 1_555 K ? C K . ? A K 3014 ? 1_555 O6 ? A DG  11 ? A DG  1011 ? 1_555 163.4 ? 
3   O6 ? A DG  2  ? A DG  1002 ? 1_555 K ? C K . ? A K 3014 ? 1_555 O6 ? A DG  11 ? A DG  1011 ? 1_555 102.1 ? 
4   O6 ? A DG  1  ? A DG  1001 ? 1_555 K ? C K . ? A K 3014 ? 1_555 O6 ? A DG  12 ? A DG  1012 ? 1_555 110.6 ? 
5   O6 ? A DG  2  ? A DG  1002 ? 1_555 K ? C K . ? A K 3014 ? 1_555 O6 ? A DG  12 ? A DG  1012 ? 1_555 177.1 ? 
6   O6 ? A DG  11 ? A DG  1011 ? 1_555 K ? C K . ? A K 3014 ? 1_555 O6 ? A DG  12 ? A DG  1012 ? 1_555 79.8  ? 
7   O6 ? A DG  1  ? A DG  1001 ? 1_555 K ? C K . ? A K 3014 ? 1_555 K  ? D K   .  ? A K   3015 ? 1_555 116.2 ? 
8   O6 ? A DG  2  ? A DG  1002 ? 1_555 K ? C K . ? A K 3014 ? 1_555 K  ? D K   .  ? A K   3015 ? 1_555 48.7  ? 
9   O6 ? A DG  11 ? A DG  1011 ? 1_555 K ? C K . ? A K 3014 ? 1_555 K  ? D K   .  ? A K   3015 ? 1_555 53.5  ? 
10  O6 ? A DG  12 ? A DG  1012 ? 1_555 K ? C K . ? A K 3014 ? 1_555 K  ? D K   .  ? A K   3015 ? 1_555 132.9 ? 
11  O6 ? A DG  1  ? A DG  1001 ? 1_555 K ? C K . ? A K 3014 ? 1_555 O6 ? B DG  3  ? B DG  2003 ? 1_555 98.4  ? 
12  O6 ? A DG  2  ? A DG  1002 ? 1_555 K ? C K . ? A K 3014 ? 1_555 O6 ? B DG  3  ? B DG  2003 ? 1_555 65.4  ? 
13  O6 ? A DG  11 ? A DG  1011 ? 1_555 K ? C K . ? A K 3014 ? 1_555 O6 ? B DG  3  ? B DG  2003 ? 1_555 65.0  ? 
14  O6 ? A DG  12 ? A DG  1012 ? 1_555 K ? C K . ? A K 3014 ? 1_555 O6 ? B DG  3  ? B DG  2003 ? 1_555 117.6 ? 
15  K  ? D K   .  ? A K   3015 ? 1_555 K ? C K . ? A K 3014 ? 1_555 O6 ? B DG  3  ? B DG  2003 ? 1_555 51.4  ? 
16  O6 ? A DG  1  ? A DG  1001 ? 1_555 K ? C K . ? A K 3014 ? 1_555 O6 ? B DG  4  ? B DG  2004 ? 1_555 70.0  ? 
17  O6 ? A DG  2  ? A DG  1002 ? 1_555 K ? C K . ? A K 3014 ? 1_555 O6 ? B DG  4  ? B DG  2004 ? 1_555 112.1 ? 
18  O6 ? A DG  11 ? A DG  1011 ? 1_555 K ? C K . ? A K 3014 ? 1_555 O6 ? B DG  4  ? B DG  2004 ? 1_555 103.3 ? 
19  O6 ? A DG  12 ? A DG  1012 ? 1_555 K ? C K . ? A K 3014 ? 1_555 O6 ? B DG  4  ? B DG  2004 ? 1_555 69.4  ? 
20  K  ? D K   .  ? A K   3015 ? 1_555 K ? C K . ? A K 3014 ? 1_555 O6 ? B DG  4  ? B DG  2004 ? 1_555 122.3 ? 
21  O6 ? B DG  3  ? B DG  2003 ? 1_555 K ? C K . ? A K 3014 ? 1_555 O6 ? B DG  4  ? B DG  2004 ? 1_555 70.9  ? 
22  O6 ? A DG  1  ? A DG  1001 ? 1_555 K ? C K . ? A K 3014 ? 1_555 O6 ? B DG  9  ? B DG  2009 ? 1_555 72.5  ? 
23  O6 ? A DG  2  ? A DG  1002 ? 1_555 K ? C K . ? A K 3014 ? 1_555 O6 ? B DG  9  ? B DG  2009 ? 1_555 106.5 ? 
24  O6 ? A DG  11 ? A DG  1011 ? 1_555 K ? C K . ? A K 3014 ? 1_555 O6 ? B DG  9  ? B DG  2009 ? 1_555 124.0 ? 
25  O6 ? A DG  12 ? A DG  1012 ? 1_555 K ? C K . ? A K 3014 ? 1_555 O6 ? B DG  9  ? B DG  2009 ? 1_555 70.6  ? 
26  K  ? D K   .  ? A K   3015 ? 1_555 K ? C K . ? A K 3014 ? 1_555 O6 ? B DG  9  ? B DG  2009 ? 1_555 128.4 ? 
27  O6 ? B DG  3  ? B DG  2003 ? 1_555 K ? C K . ? A K 3014 ? 1_555 O6 ? B DG  9  ? B DG  2009 ? 1_555 170.0 ? 
28  O6 ? B DG  4  ? B DG  2004 ? 1_555 K ? C K . ? A K 3014 ? 1_555 O6 ? B DG  9  ? B DG  2009 ? 1_555 108.8 ? 
29  O6 ? A DG  1  ? A DG  1001 ? 1_555 K ? C K . ? A K 3014 ? 1_555 O6 ? B DG  10 ? B DG  2010 ? 1_555 115.0 ? 
30  O6 ? A DG  2  ? A DG  1002 ? 1_555 K ? C K . ? A K 3014 ? 1_555 O6 ? B DG  10 ? B DG  2010 ? 1_555 67.9  ? 
31  O6 ? A DG  11 ? A DG  1011 ? 1_555 K ? C K . ? A K 3014 ? 1_555 O6 ? B DG  10 ? B DG  2010 ? 1_555 70.7  ? 
32  O6 ? A DG  12 ? A DG  1012 ? 1_555 K ? C K . ? A K 3014 ? 1_555 O6 ? B DG  10 ? B DG  2010 ? 1_555 110.9 ? 
33  K  ? D K   .  ? A K   3015 ? 1_555 K ? C K . ? A K 3014 ? 1_555 O6 ? B DG  10 ? B DG  2010 ? 1_555 52.5  ? 
34  O6 ? B DG  3  ? B DG  2003 ? 1_555 K ? C K . ? A K 3014 ? 1_555 O6 ? B DG  10 ? B DG  2010 ? 1_555 103.9 ? 
35  O6 ? B DG  4  ? B DG  2004 ? 1_555 K ? C K . ? A K 3014 ? 1_555 O6 ? B DG  10 ? B DG  2010 ? 1_555 173.6 ? 
36  O6 ? B DG  9  ? B DG  2009 ? 1_555 K ? C K . ? A K 3014 ? 1_555 O6 ? B DG  10 ? B DG  2010 ? 1_555 77.0  ? 
37  O6 ? A DG  1  ? A DG  1001 ? 1_555 K ? C K . ? A K 3014 ? 1_555 K  ? G K   .  ? B K   3013 ? 1_555 57.4  ? 
38  O6 ? A DG  2  ? A DG  1002 ? 1_555 K ? C K . ? A K 3014 ? 1_555 K  ? G K   .  ? B K   3013 ? 1_555 125.2 ? 
39  O6 ? A DG  11 ? A DG  1011 ? 1_555 K ? C K . ? A K 3014 ? 1_555 K  ? G K   .  ? B K   3013 ? 1_555 132.1 ? 
40  O6 ? A DG  12 ? A DG  1012 ? 1_555 K ? C K . ? A K 3014 ? 1_555 K  ? G K   .  ? B K   3013 ? 1_555 53.2  ? 
41  K  ? D K   .  ? A K   3015 ? 1_555 K ? C K . ? A K 3014 ? 1_555 K  ? G K   .  ? B K   3013 ? 1_555 173.4 ? 
42  O6 ? B DG  3  ? B DG  2003 ? 1_555 K ? C K . ? A K 3014 ? 1_555 K  ? G K   .  ? B K   3013 ? 1_555 125.6 ? 
43  O6 ? B DG  4  ? B DG  2004 ? 1_555 K ? C K . ? A K 3014 ? 1_555 K  ? G K   .  ? B K   3013 ? 1_555 55.5  ? 
44  O6 ? B DG  9  ? B DG  2009 ? 1_555 K ? C K . ? A K 3014 ? 1_555 K  ? G K   .  ? B K   3013 ? 1_555 53.3  ? 
45  O6 ? B DG  10 ? B DG  2010 ? 1_555 K ? C K . ? A K 3014 ? 1_555 K  ? G K   .  ? B K   3013 ? 1_555 130.2 ? 
46  O6 ? A DG  1  ? A DG  1001 ? 1_555 K ? G K . ? B K 3013 ? 1_555 O6 ? A DG  12 ? A DG  1012 ? 1_555 96.7  ? 
47  O6 ? A DG  1  ? A DG  1001 ? 1_555 K ? G K . ? B K 3013 ? 1_555 O6 ? B DG  4  ? B DG  2004 ? 1_555 62.8  ? 
48  O6 ? A DG  12 ? A DG  1012 ? 1_555 K ? G K . ? B K 3013 ? 1_555 O6 ? B DG  4  ? B DG  2004 ? 1_555 63.9  ? 
49  O6 ? A DG  1  ? A DG  1001 ? 1_555 K ? G K . ? B K 3013 ? 1_555 O2 ? B BRU 5  ? B BRU 2005 ? 1_555 85.8  ? 
50  O6 ? A DG  12 ? A DG  1012 ? 1_555 K ? G K . ? B K 3013 ? 1_555 O2 ? B BRU 5  ? B BRU 2005 ? 1_555 131.9 ? 
51  O6 ? B DG  4  ? B DG  2004 ? 1_555 K ? G K . ? B K 3013 ? 1_555 O2 ? B BRU 5  ? B BRU 2005 ? 1_555 75.3  ? 
52  O6 ? A DG  1  ? A DG  1001 ? 1_555 K ? G K . ? B K 3013 ? 1_555 N3 ? B BRU 5  ? B BRU 2005 ? 1_555 116.7 ? 
53  O6 ? A DG  12 ? A DG  1012 ? 1_555 K ? G K . ? B K 3013 ? 1_555 N3 ? B BRU 5  ? B BRU 2005 ? 1_555 97.3  ? 
54  O6 ? B DG  4  ? B DG  2004 ? 1_555 K ? G K . ? B K 3013 ? 1_555 N3 ? B BRU 5  ? B BRU 2005 ? 1_555 69.5  ? 
55  O2 ? B BRU 5  ? B BRU 2005 ? 1_555 K ? G K . ? B K 3013 ? 1_555 N3 ? B BRU 5  ? B BRU 2005 ? 1_555 42.5  ? 
56  O6 ? A DG  1  ? A DG  1001 ? 1_555 K ? G K . ? B K 3013 ? 1_555 O2 ? B DT  7  ? B DT  2007 ? 1_555 75.2  ? 
57  O6 ? A DG  12 ? A DG  1012 ? 1_555 K ? G K . ? B K 3013 ? 1_555 O2 ? B DT  7  ? B DT  2007 ? 1_555 150.2 ? 
58  O6 ? B DG  4  ? B DG  2004 ? 1_555 K ? G K . ? B K 3013 ? 1_555 O2 ? B DT  7  ? B DT  2007 ? 1_555 130.6 ? 
59  O2 ? B BRU 5  ? B BRU 2005 ? 1_555 K ? G K . ? B K 3013 ? 1_555 O2 ? B DT  7  ? B DT  2007 ? 1_555 76.8  ? 
60  N3 ? B BRU 5  ? B BRU 2005 ? 1_555 K ? G K . ? B K 3013 ? 1_555 O2 ? B DT  7  ? B DT  2007 ? 1_555 112.1 ? 
61  O6 ? A DG  1  ? A DG  1001 ? 1_555 K ? G K . ? B K 3013 ? 1_555 O6 ? B DG  9  ? B DG  2009 ? 1_555 65.0  ? 
62  O6 ? A DG  12 ? A DG  1012 ? 1_555 K ? G K . ? B K 3013 ? 1_555 O6 ? B DG  9  ? B DG  2009 ? 1_555 65.2  ? 
63  O6 ? B DG  4  ? B DG  2004 ? 1_555 K ? G K . ? B K 3013 ? 1_555 O6 ? B DG  9  ? B DG  2009 ? 1_555 98.2  ? 
64  O2 ? B BRU 5  ? B BRU 2005 ? 1_555 K ? G K . ? B K 3013 ? 1_555 O6 ? B DG  9  ? B DG  2009 ? 1_555 149.1 ? 
65  N3 ? B BRU 5  ? B BRU 2005 ? 1_555 K ? G K . ? B K 3013 ? 1_555 O6 ? B DG  9  ? B DG  2009 ? 1_555 162.1 ? 
66  O2 ? B DT  7  ? B DT  2007 ? 1_555 K ? G K . ? B K 3013 ? 1_555 O6 ? B DG  9  ? B DG  2009 ? 1_555 85.7  ? 
67  O6 ? A DG  1  ? A DG  1001 ? 1_555 K ? G K . ? B K 3013 ? 1_555 O  ? I HOH .  ? B HOH 7016 ? 1_555 156.3 ? 
68  O6 ? A DG  12 ? A DG  1012 ? 1_555 K ? G K . ? B K 3013 ? 1_555 O  ? I HOH .  ? B HOH 7016 ? 1_555 70.3  ? 
69  O6 ? B DG  4  ? B DG  2004 ? 1_555 K ? G K . ? B K 3013 ? 1_555 O  ? I HOH .  ? B HOH 7016 ? 1_555 93.5  ? 
70  O2 ? B BRU 5  ? B BRU 2005 ? 1_555 K ? G K . ? B K 3013 ? 1_555 O  ? I HOH .  ? B HOH 7016 ? 1_555 88.7  ? 
71  N3 ? B BRU 5  ? B BRU 2005 ? 1_555 K ? G K . ? B K 3013 ? 1_555 O  ? I HOH .  ? B HOH 7016 ? 1_555 49.0  ? 
72  O2 ? B DT  7  ? B DT  2007 ? 1_555 K ? G K . ? B K 3013 ? 1_555 O  ? I HOH .  ? B HOH 7016 ? 1_555 125.8 ? 
73  O6 ? B DG  9  ? B DG  2009 ? 1_555 K ? G K . ? B K 3013 ? 1_555 O  ? I HOH .  ? B HOH 7016 ? 1_555 122.0 ? 
74  O6 ? A DG  2  ? A DG  1002 ? 1_555 K ? D K . ? A K 3015 ? 1_555 O6 ? A DG  3  ? A DG  1003 ? 1_555 89.7  ? 
75  O6 ? A DG  2  ? A DG  1002 ? 1_555 K ? D K . ? A K 3015 ? 1_555 O6 ? A DG  10 ? A DG  1010 ? 1_555 131.3 ? 
76  O6 ? A DG  3  ? A DG  1003 ? 1_555 K ? D K . ? A K 3015 ? 1_555 O6 ? A DG  10 ? A DG  1010 ? 1_555 105.8 ? 
77  O6 ? A DG  2  ? A DG  1002 ? 1_555 K ? D K . ? A K 3015 ? 1_555 O6 ? A DG  11 ? A DG  1011 ? 1_555 111.8 ? 
78  O6 ? A DG  3  ? A DG  1003 ? 1_555 K ? D K . ? A K 3015 ? 1_555 O6 ? A DG  11 ? A DG  1011 ? 1_555 129.1 ? 
79  O6 ? A DG  10 ? A DG  1010 ? 1_555 K ? D K . ? A K 3015 ? 1_555 O6 ? A DG  11 ? A DG  1011 ? 1_555 93.8  ? 
80  O6 ? A DG  2  ? A DG  1002 ? 1_555 K ? D K . ? A K 3015 ? 1_555 K  ? E K   .  ? A K   3016 ? 1_555 121.4 ? 
81  O6 ? A DG  3  ? A DG  1003 ? 1_555 K ? D K . ? A K 3015 ? 1_555 K  ? E K   .  ? A K   3016 ? 1_555 52.7  ? 
82  O6 ? A DG  10 ? A DG  1010 ? 1_555 K ? D K . ? A K 3015 ? 1_555 K  ? E K   .  ? A K   3016 ? 1_555 53.1  ? 
83  O6 ? A DG  11 ? A DG  1011 ? 1_555 K ? D K . ? A K 3015 ? 1_555 K  ? E K   .  ? A K   3016 ? 1_555 126.8 ? 
84  O6 ? A DG  2  ? A DG  1002 ? 1_555 K ? D K . ? A K 3015 ? 1_555 O6 ? B DG  2  ? B DG  2002 ? 1_555 155.5 ? 
85  O6 ? A DG  3  ? A DG  1003 ? 1_555 K ? D K . ? A K 3015 ? 1_555 O6 ? B DG  2  ? B DG  2002 ? 1_555 69.9  ? 
86  O6 ? A DG  10 ? A DG  1010 ? 1_555 K ? D K . ? A K 3015 ? 1_555 O6 ? B DG  2  ? B DG  2002 ? 1_555 69.6  ? 
87  O6 ? A DG  11 ? A DG  1011 ? 1_555 K ? D K . ? A K 3015 ? 1_555 O6 ? B DG  2  ? B DG  2002 ? 1_555 74.1  ? 
88  K  ? E K   .  ? A K   3016 ? 1_555 K ? D K . ? A K 3015 ? 1_555 O6 ? B DG  2  ? B DG  2002 ? 1_555 56.6  ? 
89  O6 ? A DG  2  ? A DG  1002 ? 1_555 K ? D K . ? A K 3015 ? 1_555 O6 ? B DG  3  ? B DG  2003 ? 1_555 71.9  ? 
90  O6 ? A DG  3  ? A DG  1003 ? 1_555 K ? D K . ? A K 3015 ? 1_555 O6 ? B DG  3  ? B DG  2003 ? 1_555 78.1  ? 
91  O6 ? A DG  10 ? A DG  1010 ? 1_555 K ? D K . ? A K 3015 ? 1_555 O6 ? B DG  3  ? B DG  2003 ? 1_555 155.7 ? 
92  O6 ? A DG  11 ? A DG  1011 ? 1_555 K ? D K . ? A K 3015 ? 1_555 O6 ? B DG  3  ? B DG  2003 ? 1_555 67.0  ? 
93  K  ? E K   .  ? A K   3016 ? 1_555 K ? D K . ? A K 3015 ? 1_555 O6 ? B DG  3  ? B DG  2003 ? 1_555 126.4 ? 
94  O6 ? B DG  2  ? B DG  2002 ? 1_555 K ? D K . ? A K 3015 ? 1_555 O6 ? B DG  3  ? B DG  2003 ? 1_555 90.1  ? 
95  O6 ? A DG  2  ? A DG  1002 ? 1_555 K ? D K . ? A K 3015 ? 1_555 O6 ? B DG  10 ? B DG  2010 ? 1_555 71.9  ? 
96  O6 ? A DG  3  ? A DG  1003 ? 1_555 K ? D K . ? A K 3015 ? 1_555 O6 ? B DG  10 ? B DG  2010 ? 1_555 158.5 ? 
97  O6 ? A DG  10 ? A DG  1010 ? 1_555 K ? D K . ? A K 3015 ? 1_555 O6 ? B DG  10 ? B DG  2010 ? 1_555 79.9  ? 
98  O6 ? A DG  11 ? A DG  1011 ? 1_555 K ? D K . ? A K 3015 ? 1_555 O6 ? B DG  10 ? B DG  2010 ? 1_555 69.9  ? 
99  K  ? E K   .  ? A K   3016 ? 1_555 K ? D K . ? A K 3015 ? 1_555 O6 ? B DG  10 ? B DG  2010 ? 1_555 128.1 ? 
100 O6 ? B DG  2  ? B DG  2002 ? 1_555 K ? D K . ? A K 3015 ? 1_555 O6 ? B DG  10 ? B DG  2010 ? 1_555 130.5 ? 
101 O6 ? B DG  3  ? B DG  2003 ? 1_555 K ? D K . ? A K 3015 ? 1_555 O6 ? B DG  10 ? B DG  2010 ? 1_555 105.4 ? 
102 O6 ? A DG  2  ? A DG  1002 ? 1_555 K ? D K . ? A K 3015 ? 1_555 O6 ? B DG  11 ? B DG  2011 ? 1_555 73.9  ? 
103 O6 ? A DG  3  ? A DG  1003 ? 1_555 K ? D K . ? A K 3015 ? 1_555 O6 ? B DG  11 ? B DG  2011 ? 1_555 69.1  ? 
104 O6 ? A DG  10 ? A DG  1010 ? 1_555 K ? D K . ? A K 3015 ? 1_555 O6 ? B DG  11 ? B DG  2011 ? 1_555 69.6  ? 
105 O6 ? A DG  11 ? A DG  1011 ? 1_555 K ? D K . ? A K 3015 ? 1_555 O6 ? B DG  11 ? B DG  2011 ? 1_555 159.4 ? 
106 K  ? E K   .  ? A K   3016 ? 1_555 K ? D K . ? A K 3015 ? 1_555 O6 ? B DG  11 ? B DG  2011 ? 1_555 52.7  ? 
107 O6 ? B DG  2  ? B DG  2002 ? 1_555 K ? D K . ? A K 3015 ? 1_555 O6 ? B DG  11 ? B DG  2011 ? 1_555 109.3 ? 
108 O6 ? B DG  3  ? B DG  2003 ? 1_555 K ? D K . ? A K 3015 ? 1_555 O6 ? B DG  11 ? B DG  2011 ? 1_555 132.1 ? 
109 O6 ? B DG  10 ? B DG  2010 ? 1_555 K ? D K . ? A K 3015 ? 1_555 O6 ? B DG  11 ? B DG  2011 ? 1_555 94.5  ? 
110 O6 ? A DG  3  ? A DG  1003 ? 1_555 K ? E K . ? A K 3016 ? 1_555 O6 ? A DG  4  ? A DG  1004 ? 1_555 73.3  ? 
111 O6 ? A DG  3  ? A DG  1003 ? 1_555 K ? E K . ? A K 3016 ? 1_555 O6 ? A DG  9  ? A DG  1009 ? 1_555 167.5 ? 
112 O6 ? A DG  4  ? A DG  1004 ? 1_555 K ? E K . ? A K 3016 ? 1_555 O6 ? A DG  9  ? A DG  1009 ? 1_555 105.9 ? 
113 O6 ? A DG  3  ? A DG  1003 ? 1_555 K ? E K . ? A K 3016 ? 1_555 O6 ? A DG  10 ? A DG  1010 ? 1_555 104.8 ? 
114 O6 ? A DG  4  ? A DG  1004 ? 1_555 K ? E K . ? A K 3016 ? 1_555 O6 ? A DG  10 ? A DG  1010 ? 1_555 177.5 ? 
115 O6 ? A DG  9  ? A DG  1009 ? 1_555 K ? E K . ? A K 3016 ? 1_555 O6 ? A DG  10 ? A DG  1010 ? 1_555 76.3  ? 
116 O6 ? A DG  3  ? A DG  1003 ? 1_555 K ? E K . ? A K 3016 ? 1_555 K  ? F K   .  ? A K   3017 ? 1_555 126.3 ? 
117 O6 ? A DG  4  ? A DG  1004 ? 1_555 K ? E K . ? A K 3016 ? 1_555 K  ? F K   .  ? A K   3017 ? 1_555 53.6  ? 
118 O6 ? A DG  9  ? A DG  1009 ? 1_555 K ? E K . ? A K 3016 ? 1_555 K  ? F K   .  ? A K   3017 ? 1_555 52.4  ? 
119 O6 ? A DG  10 ? A DG  1010 ? 1_555 K ? E K . ? A K 3016 ? 1_555 K  ? F K   .  ? A K   3017 ? 1_555 128.5 ? 
120 O6 ? A DG  3  ? A DG  1003 ? 1_555 K ? E K . ? A K 3016 ? 1_555 O6 ? B DG  1  ? B DG  2001 ? 1_555 99.3  ? 
121 O6 ? A DG  4  ? A DG  1004 ? 1_555 K ? E K . ? A K 3016 ? 1_555 O6 ? B DG  1  ? B DG  2001 ? 1_555 71.4  ? 
122 O6 ? A DG  9  ? A DG  1009 ? 1_555 K ? E K . ? A K 3016 ? 1_555 O6 ? B DG  1  ? B DG  2001 ? 1_555 69.1  ? 
123 O6 ? A DG  10 ? A DG  1010 ? 1_555 K ? E K . ? A K 3016 ? 1_555 O6 ? B DG  1  ? B DG  2001 ? 1_555 110.8 ? 
124 K  ? F K   .  ? A K   3017 ? 1_555 K ? E K . ? A K 3016 ? 1_555 O6 ? B DG  1  ? B DG  2001 ? 1_555 59.3  ? 
125 O6 ? A DG  3  ? A DG  1003 ? 1_555 K ? E K . ? A K 3016 ? 1_555 O6 ? B DG  2  ? B DG  2002 ? 1_555 67.6  ? 
126 O6 ? A DG  4  ? A DG  1004 ? 1_555 K ? E K . ? A K 3016 ? 1_555 O6 ? B DG  2  ? B DG  2002 ? 1_555 114.5 ? 
127 O6 ? A DG  9  ? A DG  1009 ? 1_555 K ? E K . ? A K 3016 ? 1_555 O6 ? B DG  2  ? B DG  2002 ? 1_555 102.3 ? 
128 O6 ? A DG  10 ? A DG  1010 ? 1_555 K ? E K . ? A K 3016 ? 1_555 O6 ? B DG  2  ? B DG  2002 ? 1_555 65.9  ? 
129 K  ? F K   .  ? A K   3017 ? 1_555 K ? E K . ? A K 3016 ? 1_555 O6 ? B DG  2  ? B DG  2002 ? 1_555 124.6 ? 
130 O6 ? B DG  1  ? B DG  2001 ? 1_555 K ? E K . ? A K 3016 ? 1_555 O6 ? B DG  2  ? B DG  2002 ? 1_555 65.8  ? 
131 O6 ? A DG  3  ? A DG  1003 ? 1_555 K ? E K . ? A K 3016 ? 1_555 O6 ? B DG  11 ? B DG  2011 ? 1_555 70.7  ? 
132 O6 ? A DG  4  ? A DG  1004 ? 1_555 K ? E K . ? A K 3016 ? 1_555 O6 ? B DG  11 ? B DG  2011 ? 1_555 107.8 ? 
133 O6 ? A DG  9  ? A DG  1009 ? 1_555 K ? E K . ? A K 3016 ? 1_555 O6 ? B DG  11 ? B DG  2011 ? 1_555 120.5 ? 
134 O6 ? A DG  10 ? A DG  1010 ? 1_555 K ? E K . ? A K 3016 ? 1_555 O6 ? B DG  11 ? B DG  2011 ? 1_555 69.8  ? 
135 K  ? F K   .  ? A K   3017 ? 1_555 K ? E K . ? A K 3016 ? 1_555 O6 ? B DG  11 ? B DG  2011 ? 1_555 129.2 ? 
136 O6 ? B DG  1  ? B DG  2001 ? 1_555 K ? E K . ? A K 3016 ? 1_555 O6 ? B DG  11 ? B DG  2011 ? 1_555 169.4 ? 
137 O6 ? B DG  2  ? B DG  2002 ? 1_555 K ? E K . ? A K 3016 ? 1_555 O6 ? B DG  11 ? B DG  2011 ? 1_555 106.1 ? 
138 O6 ? A DG  3  ? A DG  1003 ? 1_555 K ? E K . ? A K 3016 ? 1_555 O6 ? B DG  12 ? B DG  2012 ? 1_555 119.9 ? 
139 O6 ? A DG  4  ? A DG  1004 ? 1_555 K ? E K . ? A K 3016 ? 1_555 O6 ? B DG  12 ? B DG  2012 ? 1_555 69.4  ? 
140 O6 ? A DG  9  ? A DG  1009 ? 1_555 K ? E K . ? A K 3016 ? 1_555 O6 ? B DG  12 ? B DG  2012 ? 1_555 70.2  ? 
141 O6 ? A DG  10 ? A DG  1010 ? 1_555 K ? E K . ? A K 3016 ? 1_555 O6 ? B DG  12 ? B DG  2012 ? 1_555 110.5 ? 
142 K  ? F K   .  ? A K   3017 ? 1_555 K ? E K . ? A K 3016 ? 1_555 O6 ? B DG  12 ? B DG  2012 ? 1_555 51.7  ? 
143 O6 ? B DG  1  ? B DG  2001 ? 1_555 K ? E K . ? A K 3016 ? 1_555 O6 ? B DG  12 ? B DG  2012 ? 1_555 110.9 ? 
144 O6 ? B DG  2  ? B DG  2002 ? 1_555 K ? E K . ? A K 3016 ? 1_555 O6 ? B DG  12 ? B DG  2012 ? 1_555 172.5 ? 
145 O6 ? B DG  11 ? B DG  2011 ? 1_555 K ? E K . ? A K 3016 ? 1_555 O6 ? B DG  12 ? B DG  2012 ? 1_555 77.9  ? 
146 O6 ? A DG  4  ? A DG  1004 ? 1_555 K ? F K . ? A K 3017 ? 1_555 O2 ? A BRU 5  ? A BRU 1005 ? 1_555 74.3  ? 
147 O6 ? A DG  4  ? A DG  1004 ? 1_555 K ? F K . ? A K 3017 ? 1_555 O2 ? A DT  7  ? A DT  1007 ? 1_555 128.1 ? 
148 O2 ? A BRU 5  ? A BRU 1005 ? 1_555 K ? F K . ? A K 3017 ? 1_555 O2 ? A DT  7  ? A DT  1007 ? 1_555 78.5  ? 
149 O6 ? A DG  4  ? A DG  1004 ? 1_555 K ? F K . ? A K 3017 ? 1_555 O6 ? A DG  9  ? A DG  1009 ? 1_555 100.6 ? 
150 O2 ? A BRU 5  ? A BRU 1005 ? 1_555 K ? F K . ? A K 3017 ? 1_555 O6 ? A DG  9  ? A DG  1009 ? 1_555 152.1 ? 
151 O2 ? A DT  7  ? A DT  1007 ? 1_555 K ? F K . ? A K 3017 ? 1_555 O6 ? A DG  9  ? A DG  1009 ? 1_555 84.1  ? 
152 O6 ? A DG  4  ? A DG  1004 ? 1_555 K ? F K . ? A K 3017 ? 1_555 O6 ? B DG  1  ? B DG  2001 ? 1_555 63.4  ? 
153 O2 ? A BRU 5  ? A BRU 1005 ? 1_555 K ? F K . ? A K 3017 ? 1_555 O6 ? B DG  1  ? B DG  2001 ? 1_555 91.2  ? 
154 O2 ? A DT  7  ? A DT  1007 ? 1_555 K ? F K . ? A K 3017 ? 1_555 O6 ? B DG  1  ? B DG  2001 ? 1_555 74.1  ? 
155 O6 ? A DG  9  ? A DG  1009 ? 1_555 K ? F K . ? A K 3017 ? 1_555 O6 ? B DG  1  ? B DG  2001 ? 1_555 62.9  ? 
156 O6 ? A DG  4  ? A DG  1004 ? 1_555 K ? F K . ? A K 3017 ? 1_555 O6 ? B DG  12 ? B DG  2012 ? 1_555 66.3  ? 
157 O2 ? A BRU 5  ? A BRU 1005 ? 1_555 K ? F K . ? A K 3017 ? 1_555 O6 ? B DG  12 ? B DG  2012 ? 1_555 129.2 ? 
158 O2 ? A DT  7  ? A DT  1007 ? 1_555 K ? F K . ? A K 3017 ? 1_555 O6 ? B DG  12 ? B DG  2012 ? 1_555 151.9 ? 
159 O6 ? A DG  9  ? A DG  1009 ? 1_555 K ? F K . ? A K 3017 ? 1_555 O6 ? B DG  12 ? B DG  2012 ? 1_555 68.7  ? 
160 O6 ? B DG  1  ? B DG  2001 ? 1_555 K ? F K . ? A K 3017 ? 1_555 O6 ? B DG  12 ? B DG  2012 ? 1_555 98.2  ? 
# 
loop_
_struct_site.id 
_struct_site.pdbx_evidence_code 
_struct_site.pdbx_auth_asym_id 
_struct_site.pdbx_auth_comp_id 
_struct_site.pdbx_auth_seq_id 
_struct_site.pdbx_auth_ins_code 
_struct_site.pdbx_num_residues 
_struct_site.details 
AC1 Software B K 3013 ? 7  'BINDING SITE FOR RESIDUE K B 3013' 
AC2 Software A K 3014 ? 10 'BINDING SITE FOR RESIDUE K A 3014' 
AC3 Software A K 3015 ? 10 'BINDING SITE FOR RESIDUE K A 3015' 
AC4 Software A K 3016 ? 10 'BINDING SITE FOR RESIDUE K A 3016' 
AC5 Software A K 3017 ? 7  'BINDING SITE FOR RESIDUE K A 3017' 
# 
loop_
_struct_site_gen.id 
_struct_site_gen.site_id 
_struct_site_gen.pdbx_num_res 
_struct_site_gen.label_comp_id 
_struct_site_gen.label_asym_id 
_struct_site_gen.label_seq_id 
_struct_site_gen.pdbx_auth_ins_code 
_struct_site_gen.auth_comp_id 
_struct_site_gen.auth_asym_id 
_struct_site_gen.auth_seq_id 
_struct_site_gen.label_atom_id 
_struct_site_gen.label_alt_id 
_struct_site_gen.symmetry 
_struct_site_gen.details 
1  AC1 7  DG  A 1  ? DG  A 1001 . ? 1_555 ? 
2  AC1 7  DG  A 12 ? DG  A 1012 . ? 1_555 ? 
3  AC1 7  K   C .  ? K   A 3014 . ? 1_555 ? 
4  AC1 7  DG  B 4  ? DG  B 2004 . ? 1_555 ? 
5  AC1 7  BRU B 5  ? BRU B 2005 . ? 1_555 ? 
6  AC1 7  DT  B 7  ? DT  B 2007 . ? 1_555 ? 
7  AC1 7  DG  B 9  ? DG  B 2009 . ? 1_555 ? 
8  AC2 10 DG  A 1  ? DG  A 1001 . ? 1_555 ? 
9  AC2 10 DG  A 2  ? DG  A 1002 . ? 1_555 ? 
10 AC2 10 DG  A 11 ? DG  A 1011 . ? 1_555 ? 
11 AC2 10 DG  A 12 ? DG  A 1012 . ? 1_555 ? 
12 AC2 10 K   D .  ? K   A 3015 . ? 1_555 ? 
13 AC2 10 DG  B 3  ? DG  B 2003 . ? 1_555 ? 
14 AC2 10 DG  B 4  ? DG  B 2004 . ? 1_555 ? 
15 AC2 10 DG  B 9  ? DG  B 2009 . ? 1_555 ? 
16 AC2 10 DG  B 10 ? DG  B 2010 . ? 1_555 ? 
17 AC2 10 K   G .  ? K   B 3013 . ? 1_555 ? 
18 AC3 10 DG  A 2  ? DG  A 1002 . ? 1_555 ? 
19 AC3 10 DG  A 3  ? DG  A 1003 . ? 1_555 ? 
20 AC3 10 DG  A 10 ? DG  A 1010 . ? 1_555 ? 
21 AC3 10 DG  A 11 ? DG  A 1011 . ? 1_555 ? 
22 AC3 10 K   C .  ? K   A 3014 . ? 1_555 ? 
23 AC3 10 K   E .  ? K   A 3016 . ? 1_555 ? 
24 AC3 10 DG  B 2  ? DG  B 2002 . ? 1_555 ? 
25 AC3 10 DG  B 3  ? DG  B 2003 . ? 1_555 ? 
26 AC3 10 DG  B 10 ? DG  B 2010 . ? 1_555 ? 
27 AC3 10 DG  B 11 ? DG  B 2011 . ? 1_555 ? 
28 AC4 10 DG  A 3  ? DG  A 1003 . ? 1_555 ? 
29 AC4 10 DG  A 4  ? DG  A 1004 . ? 1_555 ? 
30 AC4 10 DG  A 9  ? DG  A 1009 . ? 1_555 ? 
31 AC4 10 DG  A 10 ? DG  A 1010 . ? 1_555 ? 
32 AC4 10 K   D .  ? K   A 3015 . ? 1_555 ? 
33 AC4 10 K   F .  ? K   A 3017 . ? 1_555 ? 
34 AC4 10 DG  B 1  ? DG  B 2001 . ? 1_555 ? 
35 AC4 10 DG  B 2  ? DG  B 2002 . ? 1_555 ? 
36 AC4 10 DG  B 11 ? DG  B 2011 . ? 1_555 ? 
37 AC4 10 DG  B 12 ? DG  B 2012 . ? 1_555 ? 
38 AC5 7  DG  A 4  ? DG  A 1004 . ? 1_555 ? 
39 AC5 7  BRU A 5  ? BRU A 1005 . ? 1_555 ? 
40 AC5 7  DT  A 7  ? DT  A 1007 . ? 1_555 ? 
41 AC5 7  DG  A 9  ? DG  A 1009 . ? 1_555 ? 
42 AC5 7  K   E .  ? K   A 3016 . ? 1_555 ? 
43 AC5 7  DG  B 1  ? DG  B 2001 . ? 1_555 ? 
44 AC5 7  DG  B 12 ? DG  B 2012 . ? 1_555 ? 
# 
_pdbx_validate_symm_contact.id                1 
_pdbx_validate_symm_contact.PDB_model_num     1 
_pdbx_validate_symm_contact.auth_atom_id_1    BR 
_pdbx_validate_symm_contact.auth_asym_id_1    B 
_pdbx_validate_symm_contact.auth_comp_id_1    BRU 
_pdbx_validate_symm_contact.auth_seq_id_1     2005 
_pdbx_validate_symm_contact.PDB_ins_code_1    ? 
_pdbx_validate_symm_contact.label_alt_id_1    ? 
_pdbx_validate_symm_contact.site_symmetry_1   1_555 
_pdbx_validate_symm_contact.auth_atom_id_2    O 
_pdbx_validate_symm_contact.auth_asym_id_2    B 
_pdbx_validate_symm_contact.auth_comp_id_2    HOH 
_pdbx_validate_symm_contact.auth_seq_id_2     7079 
_pdbx_validate_symm_contact.PDB_ins_code_2    ? 
_pdbx_validate_symm_contact.label_alt_id_2    ? 
_pdbx_validate_symm_contact.site_symmetry_2   5_675 
_pdbx_validate_symm_contact.dist              2.18 
# 
loop_
_pdbx_validate_rmsd_angle.id 
_pdbx_validate_rmsd_angle.PDB_model_num 
_pdbx_validate_rmsd_angle.auth_atom_id_1 
_pdbx_validate_rmsd_angle.auth_asym_id_1 
_pdbx_validate_rmsd_angle.auth_comp_id_1 
_pdbx_validate_rmsd_angle.auth_seq_id_1 
_pdbx_validate_rmsd_angle.PDB_ins_code_1 
_pdbx_validate_rmsd_angle.label_alt_id_1 
_pdbx_validate_rmsd_angle.auth_atom_id_2 
_pdbx_validate_rmsd_angle.auth_asym_id_2 
_pdbx_validate_rmsd_angle.auth_comp_id_2 
_pdbx_validate_rmsd_angle.auth_seq_id_2 
_pdbx_validate_rmsd_angle.PDB_ins_code_2 
_pdbx_validate_rmsd_angle.label_alt_id_2 
_pdbx_validate_rmsd_angle.auth_atom_id_3 
_pdbx_validate_rmsd_angle.auth_asym_id_3 
_pdbx_validate_rmsd_angle.auth_comp_id_3 
_pdbx_validate_rmsd_angle.auth_seq_id_3 
_pdbx_validate_rmsd_angle.PDB_ins_code_3 
_pdbx_validate_rmsd_angle.label_alt_id_3 
_pdbx_validate_rmsd_angle.angle_value 
_pdbx_validate_rmsd_angle.angle_target_value 
_pdbx_validate_rmsd_angle.angle_deviation 
_pdbx_validate_rmsd_angle.angle_standard_deviation 
_pdbx_validate_rmsd_angle.linker_flag 
1  1 "O4'" A DT 1006 ? ? "C1'" A DT 1006 ? ? N1 A DT 1006 ? ? 102.10 108.00 -5.90 0.70 N 
2  1 "O4'" A DT 1007 ? ? "C1'" A DT 1007 ? ? N1 A DT 1007 ? ? 102.53 108.00 -5.47 0.70 N 
3  1 N3    A DT 1007 ? ? C2    A DT 1007 ? ? O2 A DT 1007 ? ? 126.02 122.30 3.72  0.60 N 
4  1 "C3'" A DT 1007 ? ? "O3'" A DT 1007 ? ? P  A DT 1008 ? ? 128.72 119.70 9.02  1.20 Y 
5  1 N1    B DG 2002 ? ? C6    B DG 2002 ? ? O6 B DG 2002 ? ? 124.36 119.90 4.46  0.60 N 
6  1 C5    B DG 2002 ? ? C6    B DG 2002 ? ? O6 B DG 2002 ? ? 123.74 128.60 -4.86 0.60 N 
7  1 "O4'" B DG 2004 ? ? "C1'" B DG 2004 ? ? N9 B DG 2004 ? ? 110.30 108.30 2.00  0.30 N 
8  1 "O4'" B DT 2007 ? ? "C1'" B DT 2007 ? ? N1 B DT 2007 ? ? 102.72 108.00 -5.28 0.70 N 
9  1 "O4'" B DT 2008 ? ? "C1'" B DT 2008 ? ? N1 B DT 2008 ? ? 102.44 108.00 -5.56 0.70 N 
10 1 "O4'" B DG 2010 ? ? "C1'" B DG 2010 ? ? N9 B DG 2010 ? ? 110.94 108.30 2.64  0.30 N 
11 1 N1    B DG 2011 ? ? C6    B DG 2011 ? ? O6 B DG 2011 ? ? 125.86 119.90 5.96  0.60 N 
12 1 C5    B DG 2011 ? ? C6    B DG 2011 ? ? O6 B DG 2011 ? ? 122.92 128.60 -5.68 0.60 N 
# 
loop_
_pdbx_struct_mod_residue.id 
_pdbx_struct_mod_residue.label_asym_id 
_pdbx_struct_mod_residue.label_comp_id 
_pdbx_struct_mod_residue.label_seq_id 
_pdbx_struct_mod_residue.auth_asym_id 
_pdbx_struct_mod_residue.auth_comp_id 
_pdbx_struct_mod_residue.auth_seq_id 
_pdbx_struct_mod_residue.PDB_ins_code 
_pdbx_struct_mod_residue.parent_comp_id 
_pdbx_struct_mod_residue.details 
1 A BRU 5 A BRU 1005 ? DU ? 
2 B BRU 5 B BRU 2005 ? DU ? 
# 
_pdbx_struct_special_symmetry.id              1 
_pdbx_struct_special_symmetry.PDB_model_num   1 
_pdbx_struct_special_symmetry.auth_asym_id    B 
_pdbx_struct_special_symmetry.auth_comp_id    HOH 
_pdbx_struct_special_symmetry.auth_seq_id     7123 
_pdbx_struct_special_symmetry.PDB_ins_code    ? 
_pdbx_struct_special_symmetry.label_asym_id   I 
_pdbx_struct_special_symmetry.label_comp_id   HOH 
_pdbx_struct_special_symmetry.label_seq_id    . 
# 
loop_
_chem_comp_atom.comp_id 
_chem_comp_atom.atom_id 
_chem_comp_atom.type_symbol 
_chem_comp_atom.pdbx_aromatic_flag 
_chem_comp_atom.pdbx_stereo_config 
_chem_comp_atom.pdbx_ordinal 
BRU N1     N  N N 1   
BRU C2     C  N N 2   
BRU N3     N  N N 3   
BRU C4     C  N N 4   
BRU C5     C  N N 5   
BRU C6     C  N N 6   
BRU O2     O  N N 7   
BRU O4     O  N N 8   
BRU BR     BR N N 9   
BRU "C1'"  C  N R 10  
BRU "C2'"  C  N N 11  
BRU "C3'"  C  N S 12  
BRU "C4'"  C  N R 13  
BRU "O3'"  O  N N 14  
BRU "O4'"  O  N N 15  
BRU "C5'"  C  N N 16  
BRU "O5'"  O  N N 17  
BRU P      P  N N 18  
BRU OP1    O  N N 19  
BRU OP2    O  N N 20  
BRU OP3    O  N N 21  
BRU HN3    H  N N 22  
BRU H6     H  N N 23  
BRU "H1'"  H  N N 24  
BRU "H2'"  H  N N 25  
BRU "H2''" H  N N 26  
BRU "H3'"  H  N N 27  
BRU "H4'"  H  N N 28  
BRU "HO3'" H  N N 29  
BRU "H5'"  H  N N 30  
BRU "H5''" H  N N 31  
BRU HOP2   H  N N 32  
BRU HOP3   H  N N 33  
DG  OP3    O  N N 34  
DG  P      P  N N 35  
DG  OP1    O  N N 36  
DG  OP2    O  N N 37  
DG  "O5'"  O  N N 38  
DG  "C5'"  C  N N 39  
DG  "C4'"  C  N R 40  
DG  "O4'"  O  N N 41  
DG  "C3'"  C  N S 42  
DG  "O3'"  O  N N 43  
DG  "C2'"  C  N N 44  
DG  "C1'"  C  N R 45  
DG  N9     N  Y N 46  
DG  C8     C  Y N 47  
DG  N7     N  Y N 48  
DG  C5     C  Y N 49  
DG  C6     C  N N 50  
DG  O6     O  N N 51  
DG  N1     N  N N 52  
DG  C2     C  N N 53  
DG  N2     N  N N 54  
DG  N3     N  N N 55  
DG  C4     C  Y N 56  
DG  HOP3   H  N N 57  
DG  HOP2   H  N N 58  
DG  "H5'"  H  N N 59  
DG  "H5''" H  N N 60  
DG  "H4'"  H  N N 61  
DG  "H3'"  H  N N 62  
DG  "HO3'" H  N N 63  
DG  "H2'"  H  N N 64  
DG  "H2''" H  N N 65  
DG  "H1'"  H  N N 66  
DG  H8     H  N N 67  
DG  H1     H  N N 68  
DG  H21    H  N N 69  
DG  H22    H  N N 70  
DT  OP3    O  N N 71  
DT  P      P  N N 72  
DT  OP1    O  N N 73  
DT  OP2    O  N N 74  
DT  "O5'"  O  N N 75  
DT  "C5'"  C  N N 76  
DT  "C4'"  C  N R 77  
DT  "O4'"  O  N N 78  
DT  "C3'"  C  N S 79  
DT  "O3'"  O  N N 80  
DT  "C2'"  C  N N 81  
DT  "C1'"  C  N R 82  
DT  N1     N  N N 83  
DT  C2     C  N N 84  
DT  O2     O  N N 85  
DT  N3     N  N N 86  
DT  C4     C  N N 87  
DT  O4     O  N N 88  
DT  C5     C  N N 89  
DT  C7     C  N N 90  
DT  C6     C  N N 91  
DT  HOP3   H  N N 92  
DT  HOP2   H  N N 93  
DT  "H5'"  H  N N 94  
DT  "H5''" H  N N 95  
DT  "H4'"  H  N N 96  
DT  "H3'"  H  N N 97  
DT  "HO3'" H  N N 98  
DT  "H2'"  H  N N 99  
DT  "H2''" H  N N 100 
DT  "H1'"  H  N N 101 
DT  H3     H  N N 102 
DT  H71    H  N N 103 
DT  H72    H  N N 104 
DT  H73    H  N N 105 
DT  H6     H  N N 106 
HOH O      O  N N 107 
HOH H1     H  N N 108 
HOH H2     H  N N 109 
K   K      K  N N 110 
# 
loop_
_chem_comp_bond.comp_id 
_chem_comp_bond.atom_id_1 
_chem_comp_bond.atom_id_2 
_chem_comp_bond.value_order 
_chem_comp_bond.pdbx_aromatic_flag 
_chem_comp_bond.pdbx_stereo_config 
_chem_comp_bond.pdbx_ordinal 
BRU N1    C2     sing N N 1   
BRU N1    C6     sing N N 2   
BRU N1    "C1'"  sing N N 3   
BRU C2    N3     sing N N 4   
BRU C2    O2     doub N N 5   
BRU N3    C4     sing N N 6   
BRU N3    HN3    sing N N 7   
BRU C4    C5     sing N N 8   
BRU C4    O4     doub N N 9   
BRU C5    C6     doub N N 10  
BRU C5    BR     sing N N 11  
BRU C6    H6     sing N N 12  
BRU "C1'" "C2'"  sing N N 13  
BRU "C1'" "O4'"  sing N N 14  
BRU "C1'" "H1'"  sing N N 15  
BRU "C2'" "C3'"  sing N N 16  
BRU "C2'" "H2'"  sing N N 17  
BRU "C2'" "H2''" sing N N 18  
BRU "C3'" "C4'"  sing N N 19  
BRU "C3'" "O3'"  sing N N 20  
BRU "C3'" "H3'"  sing N N 21  
BRU "C4'" "O4'"  sing N N 22  
BRU "C4'" "C5'"  sing N N 23  
BRU "C4'" "H4'"  sing N N 24  
BRU "O3'" "HO3'" sing N N 25  
BRU "C5'" "O5'"  sing N N 26  
BRU "C5'" "H5'"  sing N N 27  
BRU "C5'" "H5''" sing N N 28  
BRU "O5'" P      sing N N 29  
BRU P     OP1    doub N N 30  
BRU P     OP2    sing N N 31  
BRU P     OP3    sing N N 32  
BRU OP2   HOP2   sing N N 33  
BRU OP3   HOP3   sing N N 34  
DG  OP3   P      sing N N 35  
DG  OP3   HOP3   sing N N 36  
DG  P     OP1    doub N N 37  
DG  P     OP2    sing N N 38  
DG  P     "O5'"  sing N N 39  
DG  OP2   HOP2   sing N N 40  
DG  "O5'" "C5'"  sing N N 41  
DG  "C5'" "C4'"  sing N N 42  
DG  "C5'" "H5'"  sing N N 43  
DG  "C5'" "H5''" sing N N 44  
DG  "C4'" "O4'"  sing N N 45  
DG  "C4'" "C3'"  sing N N 46  
DG  "C4'" "H4'"  sing N N 47  
DG  "O4'" "C1'"  sing N N 48  
DG  "C3'" "O3'"  sing N N 49  
DG  "C3'" "C2'"  sing N N 50  
DG  "C3'" "H3'"  sing N N 51  
DG  "O3'" "HO3'" sing N N 52  
DG  "C2'" "C1'"  sing N N 53  
DG  "C2'" "H2'"  sing N N 54  
DG  "C2'" "H2''" sing N N 55  
DG  "C1'" N9     sing N N 56  
DG  "C1'" "H1'"  sing N N 57  
DG  N9    C8     sing Y N 58  
DG  N9    C4     sing Y N 59  
DG  C8    N7     doub Y N 60  
DG  C8    H8     sing N N 61  
DG  N7    C5     sing Y N 62  
DG  C5    C6     sing N N 63  
DG  C5    C4     doub Y N 64  
DG  C6    O6     doub N N 65  
DG  C6    N1     sing N N 66  
DG  N1    C2     sing N N 67  
DG  N1    H1     sing N N 68  
DG  C2    N2     sing N N 69  
DG  C2    N3     doub N N 70  
DG  N2    H21    sing N N 71  
DG  N2    H22    sing N N 72  
DG  N3    C4     sing N N 73  
DT  OP3   P      sing N N 74  
DT  OP3   HOP3   sing N N 75  
DT  P     OP1    doub N N 76  
DT  P     OP2    sing N N 77  
DT  P     "O5'"  sing N N 78  
DT  OP2   HOP2   sing N N 79  
DT  "O5'" "C5'"  sing N N 80  
DT  "C5'" "C4'"  sing N N 81  
DT  "C5'" "H5'"  sing N N 82  
DT  "C5'" "H5''" sing N N 83  
DT  "C4'" "O4'"  sing N N 84  
DT  "C4'" "C3'"  sing N N 85  
DT  "C4'" "H4'"  sing N N 86  
DT  "O4'" "C1'"  sing N N 87  
DT  "C3'" "O3'"  sing N N 88  
DT  "C3'" "C2'"  sing N N 89  
DT  "C3'" "H3'"  sing N N 90  
DT  "O3'" "HO3'" sing N N 91  
DT  "C2'" "C1'"  sing N N 92  
DT  "C2'" "H2'"  sing N N 93  
DT  "C2'" "H2''" sing N N 94  
DT  "C1'" N1     sing N N 95  
DT  "C1'" "H1'"  sing N N 96  
DT  N1    C2     sing N N 97  
DT  N1    C6     sing N N 98  
DT  C2    O2     doub N N 99  
DT  C2    N3     sing N N 100 
DT  N3    C4     sing N N 101 
DT  N3    H3     sing N N 102 
DT  C4    O4     doub N N 103 
DT  C4    C5     sing N N 104 
DT  C5    C7     sing N N 105 
DT  C5    C6     doub N N 106 
DT  C7    H71    sing N N 107 
DT  C7    H72    sing N N 108 
DT  C7    H73    sing N N 109 
DT  C6    H6     sing N N 110 
HOH O     H1     sing N N 111 
HOH O     H2     sing N N 112 
# 
_ndb_struct_conf_na.entry_id   1JPQ 
_ndb_struct_conf_na.feature    'quadruple helix' 
# 
_atom_sites.entry_id                    1JPQ 
_atom_sites.fract_transf_matrix[1][1]   -0.04007111 
_atom_sites.fract_transf_matrix[1][2]   0.00249249 
_atom_sites.fract_transf_matrix[1][3]   0.01207053 
_atom_sites.fract_transf_matrix[2][1]   -0.00997811 
_atom_sites.fract_transf_matrix[2][2]   -0.00404847 
_atom_sites.fract_transf_matrix[2][3]   0.04051751 
_atom_sites.fract_transf_matrix[3][1]   0.00067518 
_atom_sites.fract_transf_matrix[3][2]   0.00677242 
_atom_sites.fract_transf_matrix[3][3]   0.00084297 
_atom_sites.fract_transf_vector[1]      0.888540 
_atom_sites.fract_transf_vector[2]      0.857395 
_atom_sites.fract_transf_vector[3]      0.249901 
# 
loop_
_atom_type.symbol 
BR 
C  
K  
N  
O  
P  
# 
loop_
_atom_site.group_PDB 
_atom_site.id 
_atom_site.type_symbol 
_atom_site.label_atom_id 
_atom_site.label_alt_id 
_atom_site.label_comp_id 
_atom_site.label_asym_id 
_atom_site.label_entity_id 
_atom_site.label_seq_id 
_atom_site.pdbx_PDB_ins_code 
_atom_site.Cartn_x 
_atom_site.Cartn_y 
_atom_site.Cartn_z 
_atom_site.occupancy 
_atom_site.B_iso_or_equiv 
_atom_site.pdbx_formal_charge 
_atom_site.auth_seq_id 
_atom_site.auth_comp_id 
_atom_site.auth_asym_id 
_atom_site.auth_atom_id 
_atom_site.pdbx_PDB_model_num 
ATOM   1   O  "O5'" . DG  A 1 1  ? 7.570   -1.514  6.506   1.00 26.61 ? 1001 DG  A "O5'" 1 
ATOM   2   C  "C5'" . DG  A 1 1  ? 8.913   -1.980  6.490   1.00 28.46 ? 1001 DG  A "C5'" 1 
ATOM   3   C  "C4'" . DG  A 1 1  ? 9.712   -1.360  5.377   1.00 24.24 ? 1001 DG  A "C4'" 1 
ATOM   4   O  "O4'" . DG  A 1 1  ? 9.346   -1.944  4.105   1.00 20.68 ? 1001 DG  A "O4'" 1 
ATOM   5   C  "C3'" . DG  A 1 1  ? 9.533   0.148   5.177   1.00 25.66 ? 1001 DG  A "C3'" 1 
ATOM   6   O  "O3'" . DG  A 1 1  ? 10.777  0.716   4.782   1.00 25.07 ? 1001 DG  A "O3'" 1 
ATOM   7   C  "C2'" . DG  A 1 1  ? 8.472   0.221   4.106   1.00 20.66 ? 1001 DG  A "C2'" 1 
ATOM   8   C  "C1'" . DG  A 1 1  ? 8.867   -0.952  3.208   1.00 20.78 ? 1001 DG  A "C1'" 1 
ATOM   9   N  N9    . DG  A 1 1  ? 7.813   -1.565  2.395   1.00 20.27 ? 1001 DG  A N9    1 
ATOM   10  C  C8    . DG  A 1 1  ? 7.859   -1.745  1.032   1.00 13.69 ? 1001 DG  A C8    1 
ATOM   11  N  N7    . DG  A 1 1  ? 6.780   -2.318  0.561   1.00 19.31 ? 1001 DG  A N7    1 
ATOM   12  C  C5    . DG  A 1 1  ? 5.974   -2.530  1.679   1.00 16.45 ? 1001 DG  A C5    1 
ATOM   13  C  C6    . DG  A 1 1  ? 4.681   -3.119  1.790   1.00 9.72  ? 1001 DG  A C6    1 
ATOM   14  O  O6    . DG  A 1 1  ? 3.952   -3.591  0.900   1.00 16.78 ? 1001 DG  A O6    1 
ATOM   15  N  N1    . DG  A 1 1  ? 4.233   -3.135  3.095   1.00 13.01 ? 1001 DG  A N1    1 
ATOM   16  C  C2    . DG  A 1 1  ? 4.938   -2.647  4.172   1.00 15.22 ? 1001 DG  A C2    1 
ATOM   17  N  N2    . DG  A 1 1  ? 4.315   -2.765  5.344   1.00 17.96 ? 1001 DG  A N2    1 
ATOM   18  N  N3    . DG  A 1 1  ? 6.138   -2.099  4.084   1.00 17.88 ? 1001 DG  A N3    1 
ATOM   19  C  C4    . DG  A 1 1  ? 6.607   -2.065  2.821   1.00 13.92 ? 1001 DG  A C4    1 
ATOM   20  P  P     . DG  A 1 2  ? 10.928  2.296   4.461   1.00 25.31 ? 1002 DG  A P     1 
ATOM   21  O  OP1   . DG  A 1 2  ? 12.385  2.639   4.528   1.00 28.82 ? 1002 DG  A OP1   1 
ATOM   22  O  OP2   . DG  A 1 2  ? 9.981   3.056   5.316   1.00 24.22 ? 1002 DG  A OP2   1 
ATOM   23  O  "O5'" . DG  A 1 2  ? 10.497  2.422   2.950   1.00 22.07 ? 1002 DG  A "O5'" 1 
ATOM   24  C  "C5'" . DG  A 1 2  ? 11.052  1.697   1.867   1.00 20.37 ? 1002 DG  A "C5'" 1 
ATOM   25  C  "C4'" . DG  A 1 2  ? 10.237  1.872   0.615   1.00 24.86 ? 1002 DG  A "C4'" 1 
ATOM   26  O  "O4'" . DG  A 1 2  ? 8.973   1.162   0.732   1.00 23.24 ? 1002 DG  A "O4'" 1 
ATOM   27  C  "C3'" . DG  A 1 2  ? 9.860   3.309   0.245   1.00 28.49 ? 1002 DG  A "C3'" 1 
ATOM   28  O  "O3'" . DG  A 1 2  ? 10.189  3.536   -1.116  1.00 38.89 ? 1002 DG  A "O3'" 1 
ATOM   29  C  "C2'" . DG  A 1 2  ? 8.364   3.377   0.487   1.00 18.99 ? 1002 DG  A "C2'" 1 
ATOM   30  C  "C1'" . DG  A 1 2  ? 7.961   1.958   0.095   1.00 18.30 ? 1002 DG  A "C1'" 1 
ATOM   31  N  N9    . DG  A 1 2  ? 6.685   1.412   0.555   1.00 15.98 ? 1002 DG  A N9    1 
ATOM   32  C  C8    . DG  A 1 2  ? 6.145   1.441   1.807   1.00 15.59 ? 1002 DG  A C8    1 
ATOM   33  N  N7    . DG  A 1 2  ? 4.981   0.852   1.869   1.00 17.42 ? 1002 DG  A N7    1 
ATOM   34  C  C5    . DG  A 1 2  ? 4.756   0.415   0.573   1.00 13.46 ? 1002 DG  A C5    1 
ATOM   35  C  C6    . DG  A 1 2  ? 3.660   -0.292  0.011   1.00 14.84 ? 1002 DG  A C6    1 
ATOM   36  O  O6    . DG  A 1 2  ? 2.634   -0.676  0.606   1.00 19.08 ? 1002 DG  A O6    1 
ATOM   37  N  N1    . DG  A 1 2  ? 3.823   -0.539  -1.334  1.00 13.86 ? 1002 DG  A N1    1 
ATOM   38  C  C2    . DG  A 1 2  ? 4.908   -0.165  -2.091  1.00 14.19 ? 1002 DG  A C2    1 
ATOM   39  N  N2    . DG  A 1 2  ? 4.840   -0.516  -3.375  1.00 16.93 ? 1002 DG  A N2    1 
ATOM   40  N  N3    . DG  A 1 2  ? 5.942   0.497   -1.585  1.00 17.05 ? 1002 DG  A N3    1 
ATOM   41  C  C4    . DG  A 1 2  ? 5.797   0.748   -0.267  1.00 16.20 ? 1002 DG  A C4    1 
ATOM   42  P  P     . DG  A 1 3  ? 10.168  4.967   -1.848  1.00 34.92 ? 1003 DG  A P     1 
ATOM   43  O  OP1   . DG  A 1 3  ? 11.566  5.408   -2.144  1.00 33.42 ? 1003 DG  A OP1   1 
ATOM   44  O  OP2   . DG  A 1 3  ? 9.317   5.909   -1.063  1.00 31.17 ? 1003 DG  A OP2   1 
ATOM   45  O  "O5'" . DG  A 1 3  ? 9.508   4.627   -3.246  1.00 25.67 ? 1003 DG  A "O5'" 1 
ATOM   46  C  "C5'" . DG  A 1 3  ? 8.262   3.937   -3.363  1.00 23.68 ? 1003 DG  A "C5'" 1 
ATOM   47  C  "C4'" . DG  A 1 3  ? 7.842   3.879   -4.808  1.00 18.79 ? 1003 DG  A "C4'" 1 
ATOM   48  O  "O4'" . DG  A 1 3  ? 6.687   3.027   -4.979  1.00 22.18 ? 1003 DG  A "O4'" 1 
ATOM   49  C  "C3'" . DG  A 1 3  ? 7.405   5.218   -5.409  1.00 25.63 ? 1003 DG  A "C3'" 1 
ATOM   50  O  "O3'" . DG  A 1 3  ? 7.698   5.226   -6.797  1.00 25.49 ? 1003 DG  A "O3'" 1 
ATOM   51  C  "C2'" . DG  A 1 3  ? 5.913   5.231   -5.143  1.00 24.47 ? 1003 DG  A "C2'" 1 
ATOM   52  C  "C1'" . DG  A 1 3  ? 5.569   3.779   -5.464  1.00 24.85 ? 1003 DG  A "C1'" 1 
ATOM   53  N  N9    . DG  A 1 3  ? 4.385   3.159   -4.862  1.00 22.03 ? 1003 DG  A N9    1 
ATOM   54  C  C8    . DG  A 1 3  ? 3.432   2.470   -5.582  1.00 17.41 ? 1003 DG  A C8    1 
ATOM   55  N  N7    . DG  A 1 3  ? 2.477   2.010   -4.828  1.00 17.14 ? 1003 DG  A N7    1 
ATOM   56  C  C5    . DG  A 1 3  ? 2.799   2.405   -3.547  1.00 14.33 ? 1003 DG  A C5    1 
ATOM   57  C  C6    . DG  A 1 3  ? 2.119   2.187   -2.321  1.00 16.13 ? 1003 DG  A C6    1 
ATOM   58  O  O6    . DG  A 1 3  ? 1.046   1.568   -2.135  1.00 13.25 ? 1003 DG  A O6    1 
ATOM   59  N  N1    . DG  A 1 3  ? 2.794   2.762   -1.251  1.00 14.54 ? 1003 DG  A N1    1 
ATOM   60  C  C2    . DG  A 1 3  ? 3.986   3.465   -1.362  1.00 14.89 ? 1003 DG  A C2    1 
ATOM   61  N  N2    . DG  A 1 3  ? 4.493   3.949   -0.222  1.00 20.82 ? 1003 DG  A N2    1 
ATOM   62  N  N3    . DG  A 1 3  ? 4.611   3.664   -2.496  1.00 16.81 ? 1003 DG  A N3    1 
ATOM   63  C  C4    . DG  A 1 3  ? 3.988   3.122   -3.559  1.00 18.47 ? 1003 DG  A C4    1 
ATOM   64  P  P     . DG  A 1 4  ? 7.635   6.650   -7.576  1.00 31.83 ? 1004 DG  A P     1 
ATOM   65  O  OP1   . DG  A 1 4  ? 8.567   6.539   -8.734  1.00 41.69 ? 1004 DG  A OP1   1 
ATOM   66  O  OP2   . DG  A 1 4  ? 7.798   7.712   -6.557  1.00 28.99 ? 1004 DG  A OP2   1 
ATOM   67  O  "O5'" . DG  A 1 4  ? 6.146   6.671   -8.135  1.00 28.59 ? 1004 DG  A "O5'" 1 
ATOM   68  C  "C5'" . DG  A 1 4  ? 5.748   5.715   -9.109  1.00 26.47 ? 1004 DG  A "C5'" 1 
ATOM   69  C  "C4'" . DG  A 1 4  ? 4.260   5.716   -9.320  1.00 33.02 ? 1004 DG  A "C4'" 1 
ATOM   70  O  "O4'" . DG  A 1 4  ? 3.579   5.237   -8.128  1.00 25.66 ? 1004 DG  A "O4'" 1 
ATOM   71  C  "C3'" . DG  A 1 4  ? 3.627   7.073   -9.631  1.00 34.39 ? 1004 DG  A "C3'" 1 
ATOM   72  O  "O3'" . DG  A 1 4  ? 2.685   6.917   -10.681 1.00 32.65 ? 1004 DG  A "O3'" 1 
ATOM   73  C  "C2'" . DG  A 1 4  ? 2.960   7.468   -8.331  1.00 32.29 ? 1004 DG  A "C2'" 1 
ATOM   74  C  "C1'" . DG  A 1 4  ? 2.462   6.090   -7.872  1.00 26.48 ? 1004 DG  A "C1'" 1 
ATOM   75  N  N9    . DG  A 1 4  ? 2.090   5.948   -6.470  1.00 18.23 ? 1004 DG  A N9    1 
ATOM   76  C  C8    . DG  A 1 4  ? 2.661   6.552   -5.383  1.00 13.57 ? 1004 DG  A C8    1 
ATOM   77  N  N7    . DG  A 1 4  ? 2.095   6.213   -4.264  1.00 14.50 ? 1004 DG  A N7    1 
ATOM   78  C  C5    . DG  A 1 4  ? 1.091   5.337   -4.628  1.00 18.19 ? 1004 DG  A C5    1 
ATOM   79  C  C6    . DG  A 1 4  ? 0.145   4.648   -3.809  1.00 13.27 ? 1004 DG  A C6    1 
ATOM   80  O  O6    . DG  A 1 4  ? 0.026   4.694   -2.582  1.00 13.71 ? 1004 DG  A O6    1 
ATOM   81  N  N1    . DG  A 1 4  ? -0.690  3.860   -4.592  1.00 15.08 ? 1004 DG  A N1    1 
ATOM   82  C  C2    . DG  A 1 4  ? -0.626  3.751   -5.952  1.00 15.43 ? 1004 DG  A C2    1 
ATOM   83  N  N2    . DG  A 1 4  ? -1.530  2.933   -6.512  1.00 18.20 ? 1004 DG  A N2    1 
ATOM   84  N  N3    . DG  A 1 4  ? 0.243   4.381   -6.727  1.00 16.77 ? 1004 DG  A N3    1 
ATOM   85  C  C4    . DG  A 1 4  ? 1.071   5.157   -5.988  1.00 19.28 ? 1004 DG  A C4    1 
HETATM 86  N  N1    . BRU A 1 5  ? -0.686  8.209   -5.702  1.00 21.53 ? 1005 BRU A N1    1 
HETATM 87  C  C2    . BRU A 1 5  ? -0.981  7.914   -4.397  1.00 17.11 ? 1005 BRU A C2    1 
HETATM 88  N  N3    . BRU A 1 5  ? -0.217  8.563   -3.466  1.00 17.67 ? 1005 BRU A N3    1 
HETATM 89  C  C4    . BRU A 1 5  ? 0.793   9.464   -3.750  1.00 18.29 ? 1005 BRU A C4    1 
HETATM 90  C  C5    . BRU A 1 5  ? 1.050   9.725   -5.142  1.00 18.34 ? 1005 BRU A C5    1 
HETATM 91  C  C6    . BRU A 1 5  ? 0.313   9.099   -6.067  1.00 17.31 ? 1005 BRU A C6    1 
HETATM 92  O  O2    . BRU A 1 5  ? -1.856  7.135   -4.037  1.00 17.76 ? 1005 BRU A O2    1 
HETATM 93  O  O4    . BRU A 1 5  ? 1.418   9.988   -2.832  1.00 29.62 ? 1005 BRU A O4    1 
HETATM 94  BR BR    . BRU A 1 5  ? 2.454   10.975  -5.623  1.00 95.10 ? 1005 BRU A BR    1 
HETATM 95  C  "C1'" . BRU A 1 5  ? -1.489  7.528   -6.723  1.00 15.04 ? 1005 BRU A "C1'" 1 
HETATM 96  C  "C2'" . BRU A 1 5  ? -2.594  8.347   -7.360  1.00 23.79 ? 1005 BRU A "C2'" 1 
HETATM 97  C  "C3'" . BRU A 1 5  ? -2.308  8.296   -8.842  1.00 23.62 ? 1005 BRU A "C3'" 1 
HETATM 98  C  "C4'" . BRU A 1 5  ? -1.363  7.108   -8.985  1.00 18.31 ? 1005 BRU A "C4'" 1 
HETATM 99  O  "O3'" . BRU A 1 5  ? -3.504  8.102   -9.583  1.00 25.51 ? 1005 BRU A "O3'" 1 
HETATM 100 O  "O4'" . BRU A 1 5  ? -0.575  7.190   -7.766  1.00 19.43 ? 1005 BRU A "O4'" 1 
HETATM 101 C  "C5'" . BRU A 1 5  ? -0.480  7.082   -10.201 1.00 26.16 ? 1005 BRU A "C5'" 1 
HETATM 102 O  "O5'" . BRU A 1 5  ? 0.513   8.104   -10.116 1.00 33.21 ? 1005 BRU A "O5'" 1 
HETATM 103 P  P     . BRU A 1 5  ? 1.732   8.116   -11.162 1.00 42.71 ? 1005 BRU A P     1 
HETATM 104 O  OP1   . BRU A 1 5  ? 1.166   7.761   -12.489 1.00 39.37 ? 1005 BRU A OP1   1 
HETATM 105 O  OP2   . BRU A 1 5  ? 2.441   9.407   -10.947 1.00 42.87 ? 1005 BRU A OP2   1 
ATOM   106 P  P     . DT  A 1 6  ? -4.598  9.279   -9.645  1.00 26.65 ? 1006 DT  A P     1 
ATOM   107 O  OP1   . DT  A 1 6  ? -5.581  9.024   -10.732 1.00 34.37 ? 1006 DT  A OP1   1 
ATOM   108 O  OP2   . DT  A 1 6  ? -3.858  10.582  -9.691  1.00 26.05 ? 1006 DT  A OP2   1 
ATOM   109 O  "O5'" . DT  A 1 6  ? -5.377  9.194   -8.271  1.00 26.36 ? 1006 DT  A "O5'" 1 
ATOM   110 C  "C5'" . DT  A 1 6  ? -6.023  7.996   -7.820  1.00 19.04 ? 1006 DT  A "C5'" 1 
ATOM   111 C  "C4'" . DT  A 1 6  ? -6.679  8.256   -6.488  1.00 20.51 ? 1006 DT  A "C4'" 1 
ATOM   112 O  "O4'" . DT  A 1 6  ? -5.665  8.616   -5.517  1.00 21.09 ? 1006 DT  A "O4'" 1 
ATOM   113 C  "C3'" . DT  A 1 6  ? -7.687  9.402   -6.479  1.00 26.31 ? 1006 DT  A "C3'" 1 
ATOM   114 O  "O3'" . DT  A 1 6  ? -8.793  9.129   -5.645  1.00 25.91 ? 1006 DT  A "O3'" 1 
ATOM   115 C  "C2'" . DT  A 1 6  ? -6.886  10.564  -5.907  1.00 16.82 ? 1006 DT  A "C2'" 1 
ATOM   116 C  "C1'" . DT  A 1 6  ? -6.037  9.833   -4.874  1.00 20.34 ? 1006 DT  A "C1'" 1 
ATOM   117 N  N1    . DT  A 1 6  ? -4.730  10.389  -4.486  1.00 14.84 ? 1006 DT  A N1    1 
ATOM   118 C  C2    . DT  A 1 6  ? -4.284  10.150  -3.207  1.00 17.26 ? 1006 DT  A C2    1 
ATOM   119 O  O2    . DT  A 1 6  ? -4.900  9.509   -2.373  1.00 20.01 ? 1006 DT  A O2    1 
ATOM   120 N  N3    . DT  A 1 6  ? -3.056  10.695  -2.907  1.00 24.01 ? 1006 DT  A N3    1 
ATOM   121 C  C4    . DT  A 1 6  ? -2.273  11.435  -3.776  1.00 25.18 ? 1006 DT  A C4    1 
ATOM   122 O  O4    . DT  A 1 6  ? -1.189  11.878  -3.411  1.00 33.52 ? 1006 DT  A O4    1 
ATOM   123 C  C5    . DT  A 1 6  ? -2.811  11.638  -5.096  1.00 17.86 ? 1006 DT  A C5    1 
ATOM   124 C  C7    . DT  A 1 6  ? -2.011  12.433  -6.081  1.00 31.31 ? 1006 DT  A C7    1 
ATOM   125 C  C6    . DT  A 1 6  ? -4.004  11.113  -5.398  1.00 17.34 ? 1006 DT  A C6    1 
ATOM   126 P  P     . DT  A 1 7  ? -9.779  7.860   -5.773  1.00 24.89 ? 1007 DT  A P     1 
ATOM   127 O  OP1   . DT  A 1 7  ? -9.438  7.068   -6.993  1.00 28.84 ? 1007 DT  A OP1   1 
ATOM   128 O  OP2   . DT  A 1 7  ? -11.182 8.343   -5.663  1.00 23.67 ? 1007 DT  A OP2   1 
ATOM   129 O  "O5'" . DT  A 1 7  ? -9.383  7.028   -4.481  1.00 22.45 ? 1007 DT  A "O5'" 1 
ATOM   130 C  "C5'" . DT  A 1 7  ? -10.261 6.061   -3.895  1.00 31.99 ? 1007 DT  A "C5'" 1 
ATOM   131 C  "C4'" . DT  A 1 7  ? -9.600  5.447   -2.686  1.00 29.03 ? 1007 DT  A "C4'" 1 
ATOM   132 O  "O4'" . DT  A 1 7  ? -8.438  4.695   -3.110  1.00 23.60 ? 1007 DT  A "O4'" 1 
ATOM   133 C  "C3'" . DT  A 1 7  ? -9.072  6.435   -1.650  1.00 21.34 ? 1007 DT  A "C3'" 1 
ATOM   134 O  "O3'" . DT  A 1 7  ? -9.107  5.882   -0.356  1.00 20.43 ? 1007 DT  A "O3'" 1 
ATOM   135 C  "C2'" . DT  A 1 7  ? -7.638  6.660   -2.092  1.00 19.88 ? 1007 DT  A "C2'" 1 
ATOM   136 C  "C1'" . DT  A 1 7  ? -7.241  5.297   -2.638  1.00 17.41 ? 1007 DT  A "C1'" 1 
ATOM   137 N  N1    . DT  A 1 7  ? -6.382  5.279   -3.830  1.00 16.94 ? 1007 DT  A N1    1 
ATOM   138 C  C2    . DT  A 1 7  ? -5.083  5.746   -3.650  1.00 15.05 ? 1007 DT  A C2    1 
ATOM   139 O  O2    . DT  A 1 7  ? -4.740  6.137   -2.542  1.00 20.06 ? 1007 DT  A O2    1 
ATOM   140 N  N3    . DT  A 1 7  ? -4.308  5.722   -4.762  1.00 15.36 ? 1007 DT  A N3    1 
ATOM   141 C  C4    . DT  A 1 7  ? -4.676  5.280   -6.028  1.00 17.71 ? 1007 DT  A C4    1 
ATOM   142 O  O4    . DT  A 1 7  ? -3.838  5.327   -6.926  1.00 20.37 ? 1007 DT  A O4    1 
ATOM   143 C  C5    . DT  A 1 7  ? -6.036  4.807   -6.149  1.00 23.53 ? 1007 DT  A C5    1 
ATOM   144 C  C7    . DT  A 1 7  ? -6.565  4.301   -7.458  1.00 22.69 ? 1007 DT  A C7    1 
ATOM   145 C  C6    . DT  A 1 7  ? -6.812  4.829   -5.054  1.00 18.15 ? 1007 DT  A C6    1 
ATOM   146 P  P     . DT  A 1 8  ? -9.614  6.550   1.000   1.00 27.06 ? 1008 DT  A P     1 
ATOM   147 O  OP1   . DT  A 1 8  ? -9.951  5.486   1.996   1.00 35.72 ? 1008 DT  A OP1   1 
ATOM   148 O  OP2   . DT  A 1 8  ? -10.613 7.599   0.661   1.00 32.59 ? 1008 DT  A OP2   1 
ATOM   149 O  "O5'" . DT  A 1 8  ? -8.325  7.275   1.611   1.00 26.99 ? 1008 DT  A "O5'" 1 
ATOM   150 C  "C5'" . DT  A 1 8  ? -7.140  6.545   1.930   1.00 23.67 ? 1008 DT  A "C5'" 1 
ATOM   151 C  "C4'" . DT  A 1 8  ? -6.059  7.483   2.404   1.00 16.13 ? 1008 DT  A "C4'" 1 
ATOM   152 O  "O4'" . DT  A 1 8  ? -5.717  8.401   1.334   1.00 19.20 ? 1008 DT  A "O4'" 1 
ATOM   153 C  "C3'" . DT  A 1 8  ? -6.443  8.357   3.592   1.00 23.06 ? 1008 DT  A "C3'" 1 
ATOM   154 O  "O3'" . DT  A 1 8  ? -5.338  8.557   4.460   1.00 21.33 ? 1008 DT  A "O3'" 1 
ATOM   155 C  "C2'" . DT  A 1 8  ? -6.874  9.656   2.945   1.00 25.17 ? 1008 DT  A "C2'" 1 
ATOM   156 C  "C1'" . DT  A 1 8  ? -5.896  9.747   1.783   1.00 19.17 ? 1008 DT  A "C1'" 1 
ATOM   157 N  N1    . DT  A 1 8  ? -6.323  10.469  0.582   1.00 15.11 ? 1008 DT  A N1    1 
ATOM   158 C  C2    . DT  A 1 8  ? -5.487  11.449  0.078   1.00 19.20 ? 1008 DT  A C2    1 
ATOM   159 O  O2    . DT  A 1 8  ? -4.426  11.730  0.587   1.00 24.65 ? 1008 DT  A O2    1 
ATOM   160 N  N3    . DT  A 1 8  ? -5.967  12.066  -1.041  1.00 18.24 ? 1008 DT  A N3    1 
ATOM   161 C  C4    . DT  A 1 8  ? -7.147  11.850  -1.718  1.00 20.79 ? 1008 DT  A C4    1 
ATOM   162 O  O4    . DT  A 1 8  ? -7.406  12.512  -2.716  1.00 31.05 ? 1008 DT  A O4    1 
ATOM   163 C  C5    . DT  A 1 8  ? -7.979  10.815  -1.144  1.00 14.33 ? 1008 DT  A C5    1 
ATOM   164 C  C7    . DT  A 1 8  ? -9.289  10.460  -1.770  1.00 15.32 ? 1008 DT  A C7    1 
ATOM   165 C  C6    . DT  A 1 8  ? -7.506  10.215  -0.057  1.00 12.35 ? 1008 DT  A C6    1 
ATOM   166 P  P     . DG  A 1 9  ? -5.594  8.935   5.993   1.00 23.34 ? 1009 DG  A P     1 
ATOM   167 O  OP1   . DG  A 1 9  ? -6.567  10.077  6.036   1.00 29.13 ? 1009 DG  A OP1   1 
ATOM   168 O  OP2   . DG  A 1 9  ? -4.301  9.042   6.704   1.00 25.99 ? 1009 DG  A OP2   1 
ATOM   169 O  "O5'" . DG  A 1 9  ? -6.364  7.674   6.603   1.00 29.79 ? 1009 DG  A "O5'" 1 
ATOM   170 C  "C5'" . DG  A 1 9  ? -5.686  6.503   7.058   1.00 25.99 ? 1009 DG  A "C5'" 1 
ATOM   171 C  "C4'" . DG  A 1 9  ? -6.654  5.338   6.998   1.00 18.47 ? 1009 DG  A "C4'" 1 
ATOM   172 O  "O4'" . DG  A 1 9  ? -6.903  5.027   5.603   1.00 17.67 ? 1009 DG  A "O4'" 1 
ATOM   173 C  "C3'" . DG  A 1 9  ? -6.177  4.039   7.641   1.00 24.69 ? 1009 DG  A "C3'" 1 
ATOM   174 O  "O3'" . DG  A 1 9  ? -7.261  3.317   8.204   1.00 23.47 ? 1009 DG  A "O3'" 1 
ATOM   175 C  "C2'" . DG  A 1 9  ? -5.531  3.328   6.472   1.00 15.82 ? 1009 DG  A "C2'" 1 
ATOM   176 C  "C1'" . DG  A 1 9  ? -6.486  3.694   5.337   1.00 18.65 ? 1009 DG  A "C1'" 1 
ATOM   177 N  N9    . DG  A 1 9  ? -5.945  3.650   3.981   1.00 16.94 ? 1009 DG  A N9    1 
ATOM   178 C  C8    . DG  A 1 9  ? -6.545  3.070   2.886   1.00 15.89 ? 1009 DG  A C8    1 
ATOM   179 N  N7    . DG  A 1 9  ? -5.835  3.181   1.802   1.00 17.59 ? 1009 DG  A N7    1 
ATOM   180 C  C5    . DG  A 1 9  ? -4.693  3.878   2.194   1.00 13.90 ? 1009 DG  A C5    1 
ATOM   181 C  C6    . DG  A 1 9  ? -3.573  4.277   1.409   1.00 9.82  ? 1009 DG  A C6    1 
ATOM   182 O  O6    . DG  A 1 9  ? -3.379  4.087   0.204   1.00 11.88 ? 1009 DG  A O6    1 
ATOM   183 N  N1    . DG  A 1 9  ? -2.648  4.956   2.200   1.00 13.27 ? 1009 DG  A N1    1 
ATOM   184 C  C2    . DG  A 1 9  ? -2.808  5.199   3.545   1.00 16.00 ? 1009 DG  A C2    1 
ATOM   185 N  N2    . DG  A 1 9  ? -1.825  5.871   4.183   1.00 18.92 ? 1009 DG  A N2    1 
ATOM   186 N  N3    . DG  A 1 9  ? -3.846  4.833   4.291   1.00 15.02 ? 1009 DG  A N3    1 
ATOM   187 C  C4    . DG  A 1 9  ? -4.753  4.171   3.535   1.00 14.09 ? 1009 DG  A C4    1 
ATOM   188 P  P     . DG  A 1 10 ? -7.088  1.837   8.851   1.00 25.79 ? 1010 DG  A P     1 
ATOM   189 O  OP1   . DG  A 1 10 ? -8.241  1.600   9.766   1.00 30.87 ? 1010 DG  A OP1   1 
ATOM   190 O  OP2   . DG  A 1 10 ? -5.718  1.583   9.340   1.00 26.14 ? 1010 DG  A OP2   1 
ATOM   191 O  "O5'" . DG  A 1 10 ? -7.307  0.894   7.567   1.00 26.40 ? 1010 DG  A "O5'" 1 
ATOM   192 C  "C5'" . DG  A 1 10 ? -8.569  0.828   6.931   1.00 22.06 ? 1010 DG  A "C5'" 1 
ATOM   193 C  "C4'" . DG  A 1 10 ? -8.550  0.042   5.654   1.00 22.17 ? 1010 DG  A "C4'" 1 
ATOM   194 O  "O4'" . DG  A 1 10 ? -7.535  0.510   4.729   1.00 20.45 ? 1010 DG  A "O4'" 1 
ATOM   195 C  "C3'" . DG  A 1 10 ? -8.266  -1.464  5.806   1.00 19.77 ? 1010 DG  A "C3'" 1 
ATOM   196 O  "O3'" . DG  A 1 10 ? -9.036  -2.136  4.830   1.00 26.25 ? 1010 DG  A "O3'" 1 
ATOM   197 C  "C2'" . DG  A 1 10 ? -6.781  -1.541  5.517   1.00 17.82 ? 1010 DG  A "C2'" 1 
ATOM   198 C  "C1'" . DG  A 1 10 ? -6.729  -0.605  4.310   1.00 16.14 ? 1010 DG  A "C1'" 1 
ATOM   199 N  N9    . DG  A 1 10 ? -5.436  -0.076  3.866   1.00 12.44 ? 1010 DG  A N9    1 
ATOM   200 C  C8    . DG  A 1 10 ? -4.460  0.526   4.607   1.00 18.48 ? 1010 DG  A C8    1 
ATOM   201 N  N7    . DG  A 1 10 ? -3.432  0.877   3.873   1.00 20.29 ? 1010 DG  A N7    1 
ATOM   202 C  C5    . DG  A 1 10 ? -3.749  0.484   2.584   1.00 16.03 ? 1010 DG  A C5    1 
ATOM   203 C  C6    . DG  A 1 10 ? -3.031  0.595   1.366   1.00 13.09 ? 1010 DG  A C6    1 
ATOM   204 O  O6    . DG  A 1 10 ? -1.899  1.095   1.165   1.00 12.65 ? 1010 DG  A O6    1 
ATOM   205 N  N1    . DG  A 1 10 ? -3.745  0.057   0.298   1.00 10.94 ? 1010 DG  A N1    1 
ATOM   206 C  C2    . DG  A 1 10 ? -5.003  -0.521  0.402   1.00 11.40 ? 1010 DG  A C2    1 
ATOM   207 N  N2    . DG  A 1 10 ? -5.554  -0.994  -0.723  1.00 15.58 ? 1010 DG  A N2    1 
ATOM   208 N  N3    . DG  A 1 10 ? -5.676  -0.628  1.522   1.00 12.28 ? 1010 DG  A N3    1 
ATOM   209 C  C4    . DG  A 1 10 ? -4.997  -0.110  2.574   1.00 13.93 ? 1010 DG  A C4    1 
ATOM   210 P  P     . DG  A 1 11 ? -9.492  -3.673  4.912   1.00 29.18 ? 1011 DG  A P     1 
ATOM   211 O  OP1   . DG  A 1 11 ? -10.683 -3.798  4.004   1.00 32.10 ? 1011 DG  A OP1   1 
ATOM   212 O  OP2   . DG  A 1 11 ? -9.583  -4.075  6.334   1.00 30.48 ? 1011 DG  A OP2   1 
ATOM   213 O  "O5'" . DG  A 1 11 ? -8.313  -4.495  4.227   1.00 28.96 ? 1011 DG  A "O5'" 1 
ATOM   214 C  "C5'" . DG  A 1 11 ? -7.730  -4.060  2.995   1.00 30.69 ? 1011 DG  A "C5'" 1 
ATOM   215 C  "C4'" . DG  A 1 11 ? -8.117  -5.008  1.887   1.00 22.93 ? 1011 DG  A "C4'" 1 
ATOM   216 O  "O4'" . DG  A 1 11 ? -7.414  -4.698  0.663   1.00 18.42 ? 1011 DG  A "O4'" 1 
ATOM   217 C  "C3'" . DG  A 1 11 ? -7.775  -6.480  2.156   1.00 22.15 ? 1011 DG  A "C3'" 1 
ATOM   218 O  "O3'" . DG  A 1 11 ? -8.679  -7.291  1.426   1.00 26.39 ? 1011 DG  A "O3'" 1 
ATOM   219 C  "C2'" . DG  A 1 11 ? -6.353  -6.552  1.655   1.00 13.72 ? 1011 DG  A "C2'" 1 
ATOM   220 C  "C1'" . DG  A 1 11 ? -6.434  -5.704  0.393   1.00 19.45 ? 1011 DG  A "C1'" 1 
ATOM   221 N  N9    . DG  A 1 11 ? -5.217  -5.027  -0.050  1.00 12.85 ? 1011 DG  A N9    1 
ATOM   222 C  C8    . DG  A 1 11 ? -4.729  -5.016  -1.334  1.00 15.42 ? 1011 DG  A C8    1 
ATOM   223 N  N7    . DG  A 1 11 ? -3.622  -4.336  -1.456  1.00 22.93 ? 1011 DG  A N7    1 
ATOM   224 C  C5    . DG  A 1 11 ? -3.367  -3.871  -0.174  1.00 17.67 ? 1011 DG  A C5    1 
ATOM   225 C  C6    . DG  A 1 11 ? -2.294  -3.070  0.303   1.00 12.64 ? 1011 DG  A C6    1 
ATOM   226 O  O6    . DG  A 1 11 ? -1.356  -2.629  -0.384  1.00 15.01 ? 1011 DG  A O6    1 
ATOM   227 N  N1    . DG  A 1 11 ? -2.394  -2.815  1.662   1.00 17.15 ? 1011 DG  A N1    1 
ATOM   228 C  C2    . DG  A 1 11 ? -3.412  -3.281  2.457   1.00 20.77 ? 1011 DG  A C2    1 
ATOM   229 N  N2    . DG  A 1 11 ? -3.347  -2.935  3.755   1.00 15.94 ? 1011 DG  A N2    1 
ATOM   230 N  N3    . DG  A 1 11 ? -4.410  -4.025  2.011   1.00 13.39 ? 1011 DG  A N3    1 
ATOM   231 C  C4    . DG  A 1 11 ? -4.340  -4.287  0.706   1.00 15.88 ? 1011 DG  A C4    1 
ATOM   232 P  P     . DG  A 1 12 ? -8.810  -8.883  1.652   1.00 26.19 ? 1012 DG  A P     1 
ATOM   233 O  OP1   . DG  A 1 12 ? -10.172 -9.280  1.174   1.00 31.99 ? 1012 DG  A OP1   1 
ATOM   234 O  OP2   . DG  A 1 12 ? -8.393  -9.273  3.000   1.00 17.59 ? 1012 DG  A OP2   1 
ATOM   235 O  "O5'" . DG  A 1 12 ? -7.745  -9.451  0.592   1.00 22.98 ? 1012 DG  A "O5'" 1 
ATOM   236 C  "C5'" . DG  A 1 12 ? -7.870  -9.237  -0.805  1.00 22.53 ? 1012 DG  A "C5'" 1 
ATOM   237 C  "C4'" . DG  A 1 12 ? -6.625  -9.636  -1.557  1.00 25.03 ? 1012 DG  A "C4'" 1 
ATOM   238 O  "O4'" . DG  A 1 12 ? -5.544  -8.693  -1.286  1.00 22.88 ? 1012 DG  A "O4'" 1 
ATOM   239 C  "C3'" . DG  A 1 12 ? -6.059  -11.010 -1.217  1.00 26.57 ? 1012 DG  A "C3'" 1 
ATOM   240 O  "O3'" . DG  A 1 12 ? -5.730  -11.715 -2.410  1.00 28.34 ? 1012 DG  A "O3'" 1 
ATOM   241 C  "C2'" . DG  A 1 12 ? -4.831  -10.709 -0.384  1.00 22.93 ? 1012 DG  A "C2'" 1 
ATOM   242 C  "C1'" . DG  A 1 12 ? -4.345  -9.425  -1.050  1.00 19.72 ? 1012 DG  A "C1'" 1 
ATOM   243 N  N9    . DG  A 1 12 ? -3.449  -8.553  -0.286  1.00 14.75 ? 1012 DG  A N9    1 
ATOM   244 C  C8    . DG  A 1 12 ? -3.498  -8.219  1.043   1.00 19.65 ? 1012 DG  A C8    1 
ATOM   245 N  N7    . DG  A 1 12 ? -2.528  -7.409  1.384   1.00 16.47 ? 1012 DG  A N7    1 
ATOM   246 C  C5    . DG  A 1 12 ? -1.800  -7.196  0.234   1.00 11.20 ? 1012 DG  A C5    1 
ATOM   247 C  C6    . DG  A 1 12 ? -0.639  -6.415  -0.025  1.00 12.33 ? 1012 DG  A C6    1 
ATOM   248 O  O6    . DG  A 1 12 ? 0.039   -5.704  0.737   1.00 16.58 ? 1012 DG  A O6    1 
ATOM   249 N  N1    . DG  A 1 12 ? -0.261  -6.509  -1.352  1.00 17.57 ? 1012 DG  A N1    1 
ATOM   250 C  C2    . DG  A 1 12 ? -0.891  -7.245  -2.329  1.00 20.60 ? 1012 DG  A C2    1 
ATOM   251 N  N2    . DG  A 1 12 ? -0.337  -7.179  -3.549  1.00 22.44 ? 1012 DG  A N2    1 
ATOM   252 N  N3    . DG  A 1 12 ? -1.974  -7.981  -2.114  1.00 14.53 ? 1012 DG  A N3    1 
ATOM   253 C  C4    . DG  A 1 12 ? -2.359  -7.902  -0.819  1.00 14.44 ? 1012 DG  A C4    1 
ATOM   254 O  "O5'" . DG  B 1 1  ? -9.253  1.154   -2.879  1.00 23.52 ? 2001 DG  B "O5'" 1 
ATOM   255 C  "C5'" . DG  B 1 1  ? -9.912  1.759   -3.986  1.00 23.42 ? 2001 DG  B "C5'" 1 
ATOM   256 C  "C4'" . DG  B 1 1  ? -9.539  1.097   -5.284  1.00 21.70 ? 2001 DG  B "C4'" 1 
ATOM   257 O  "O4'" . DG  B 1 1  ? -8.274  1.629   -5.760  1.00 17.47 ? 2001 DG  B "O4'" 1 
ATOM   258 C  "C3'" . DG  B 1 1  ? -9.310  -0.416  -5.236  1.00 26.49 ? 2001 DG  B "C3'" 1 
ATOM   259 O  "O3'" . DG  B 1 1  ? -9.604  -0.982  -6.506  1.00 26.02 ? 2001 DG  B "O3'" 1 
ATOM   260 C  "C2'" . DG  B 1 1  ? -7.840  -0.498  -4.884  1.00 19.31 ? 2001 DG  B "C2'" 1 
ATOM   261 C  "C1'" . DG  B 1 1  ? -7.272  0.621   -5.759  1.00 19.71 ? 2001 DG  B "C1'" 1 
ATOM   262 N  N9    . DG  B 1 1  ? -6.026  1.240   -5.298  1.00 15.89 ? 2001 DG  B N9    1 
ATOM   263 C  C8    . DG  B 1 1  ? -4.898  1.475   -6.037  1.00 18.84 ? 2001 DG  B C8    1 
ATOM   264 N  N7    . DG  B 1 1  ? -3.957  2.043   -5.325  1.00 14.89 ? 2001 DG  B N7    1 
ATOM   265 C  C5    . DG  B 1 1  ? -4.493  2.185   -4.067  1.00 12.76 ? 2001 DG  B C5    1 
ATOM   266 C  C6    . DG  B 1 1  ? -3.936  2.737   -2.877  1.00 12.67 ? 2001 DG  B C6    1 
ATOM   267 O  O6    . DG  B 1 1  ? -2.801  3.212   -2.772  1.00 20.03 ? 2001 DG  B O6    1 
ATOM   268 N  N1    . DG  B 1 1  ? -4.795  2.702   -1.795  1.00 15.22 ? 2001 DG  B N1    1 
ATOM   269 C  C2    . DG  B 1 1  ? -6.069  2.182   -1.870  1.00 15.37 ? 2001 DG  B C2    1 
ATOM   270 N  N2    . DG  B 1 1  ? -6.767  2.228   -0.731  1.00 13.83 ? 2001 DG  B N2    1 
ATOM   271 N  N3    . DG  B 1 1  ? -6.609  1.664   -2.966  1.00 17.66 ? 2001 DG  B N3    1 
ATOM   272 C  C4    . DG  B 1 1  ? -5.781  1.691   -4.027  1.00 14.67 ? 2001 DG  B C4    1 
ATOM   273 P  P     . DG  B 1 2  ? -9.316  -2.553  -6.819  1.00 26.21 ? 2002 DG  B P     1 
ATOM   274 O  OP1   . DG  B 1 2  ? -10.050 -2.870  -8.078  1.00 31.26 ? 2002 DG  B OP1   1 
ATOM   275 O  OP2   . DG  B 1 2  ? -9.608  -3.336  -5.601  1.00 26.35 ? 2002 DG  B OP2   1 
ATOM   276 O  "O5'" . DG  B 1 2  ? -7.762  -2.589  -7.130  1.00 22.76 ? 2002 DG  B "O5'" 1 
ATOM   277 C  "C5'" . DG  B 1 2  ? -7.211  -2.259  -8.395  1.00 24.89 ? 2002 DG  B "C5'" 1 
ATOM   278 C  "C4'" . DG  B 1 2  ? -5.706  -2.332  -8.401  1.00 28.02 ? 2002 DG  B "C4'" 1 
ATOM   279 O  "O4'" . DG  B 1 2  ? -5.149  -1.568  -7.300  1.00 24.79 ? 2002 DG  B "O4'" 1 
ATOM   280 C  "C3'" . DG  B 1 2  ? -5.105  -3.730  -8.259  1.00 20.40 ? 2002 DG  B "C3'" 1 
ATOM   281 O  "O3'" . DG  B 1 2  ? -4.057  -3.902  -9.204  1.00 24.76 ? 2002 DG  B "O3'" 1 
ATOM   282 C  "C2'" . DG  B 1 2  ? -4.587  -3.759  -6.835  1.00 14.92 ? 2002 DG  B "C2'" 1 
ATOM   283 C  "C1'" . DG  B 1 2  ? -4.072  -2.322  -6.727  1.00 17.78 ? 2002 DG  B "C1'" 1 
ATOM   284 N  N9    . DG  B 1 2  ? -3.836  -1.762  -5.401  1.00 15.03 ? 2002 DG  B N9    1 
ATOM   285 C  C8    . DG  B 1 2  ? -4.638  -1.789  -4.292  1.00 13.07 ? 2002 DG  B C8    1 
ATOM   286 N  N7    . DG  B 1 2  ? -4.108  -1.182  -3.258  1.00 19.13 ? 2002 DG  B N7    1 
ATOM   287 C  C5    . DG  B 1 2  ? -2.885  -0.731  -3.729  1.00 13.10 ? 2002 DG  B C5    1 
ATOM   288 C  C6    . DG  B 1 2  ? -1.867  -0.005  -3.069  1.00 10.34 ? 2002 DG  B C6    1 
ATOM   289 O  O6    . DG  B 1 2  ? -1.935  0.353   -1.893  1.00 15.55 ? 2002 DG  B O6    1 
ATOM   290 N  N1    . DG  B 1 2  ? -0.789  0.251   -3.905  1.00 15.74 ? 2002 DG  B N1    1 
ATOM   291 C  C2    . DG  B 1 2  ? -0.702  -0.149  -5.225  1.00 13.64 ? 2002 DG  B C2    1 
ATOM   292 N  N2    . DG  B 1 2  ? 0.391   0.163   -5.915  1.00 15.78 ? 2002 DG  B N2    1 
ATOM   293 N  N3    . DG  B 1 2  ? -1.647  -0.825  -5.847  1.00 17.76 ? 2002 DG  B N3    1 
ATOM   294 C  C4    . DG  B 1 2  ? -2.696  -1.077  -5.043  1.00 15.56 ? 2002 DG  B C4    1 
ATOM   295 P  P     . DG  B 1 3  ? -3.543  -5.396  -9.543  1.00 26.67 ? 2003 DG  B P     1 
ATOM   296 O  OP1   . DG  B 1 3  ? -3.990  -5.719  -10.934 1.00 31.69 ? 2003 DG  B OP1   1 
ATOM   297 O  OP2   . DG  B 1 3  ? -3.961  -6.333  -8.468  1.00 34.07 ? 2003 DG  B OP2   1 
ATOM   298 O  "O5'" . DG  B 1 3  ? -1.971  -5.275  -9.536  1.00 29.44 ? 2003 DG  B "O5'" 1 
ATOM   299 C  "C5'" . DG  B 1 3  ? -1.256  -4.499  -8.569  1.00 26.40 ? 2003 DG  B "C5'" 1 
ATOM   300 C  "C4'" . DG  B 1 3  ? 0.178   -4.364  -9.027  1.00 29.64 ? 2003 DG  B "C4'" 1 
ATOM   301 O  "O4'" . DG  B 1 3  ? 0.874   -3.411  -8.191  1.00 25.05 ? 2003 DG  B "O4'" 1 
ATOM   302 C  "C3'" . DG  B 1 3  ? 1.007   -5.647  -8.945  1.00 24.94 ? 2003 DG  B "C3'" 1 
ATOM   303 O  "O3'" . DG  B 1 3  ? 1.985   -5.669  -9.975  1.00 27.11 ? 2003 DG  B "O3'" 1 
ATOM   304 C  "C2'" . DG  B 1 3  ? 1.604   -5.555  -7.557  1.00 19.99 ? 2003 DG  B "C2'" 1 
ATOM   305 C  "C1'" . DG  B 1 3  ? 1.922   -4.063  -7.481  1.00 19.60 ? 2003 DG  B "C1'" 1 
ATOM   306 N  N9    . DG  B 1 3  ? 1.965   -3.455  -6.155  1.00 20.56 ? 2003 DG  B N9    1 
ATOM   307 C  C8    . DG  B 1 3  ? 3.034   -2.721  -5.679  1.00 17.30 ? 2003 DG  B C8    1 
ATOM   308 N  N7    . DG  B 1 3  ? 2.837   -2.283  -4.467  1.00 15.98 ? 2003 DG  B N7    1 
ATOM   309 C  C5    . DG  B 1 3  ? 1.576   -2.756  -4.139  1.00 14.60 ? 2003 DG  B C5    1 
ATOM   310 C  C6    . DG  B 1 3  ? 0.849   -2.579  -2.931  1.00 14.19 ? 2003 DG  B C6    1 
ATOM   311 O  O6    . DG  B 1 3  ? 1.230   -1.953  -1.936  1.00 15.74 ? 2003 DG  B O6    1 
ATOM   312 N  N1    . DG  B 1 3  ? -0.383  -3.201  -2.970  1.00 17.20 ? 2003 DG  B N1    1 
ATOM   313 C  C2    . DG  B 1 3  ? -0.859  -3.911  -4.046  1.00 15.33 ? 2003 DG  B C2    1 
ATOM   314 N  N2    . DG  B 1 3  ? -2.080  -4.448  -3.906  1.00 17.55 ? 2003 DG  B N2    1 
ATOM   315 N  N3    . DG  B 1 3  ? -0.185  -4.074  -5.166  1.00 18.06 ? 2003 DG  B N3    1 
ATOM   316 C  C4    . DG  B 1 3  ? 1.022   -3.480  -5.162  1.00 16.41 ? 2003 DG  B C4    1 
ATOM   317 P  P     . DG  B 1 4  ? 2.731   -7.050  -10.377 1.00 35.49 ? 2004 DG  B P     1 
ATOM   318 O  OP1   . DG  B 1 4  ? 3.265   -6.919  -11.767 1.00 35.54 ? 2004 DG  B OP1   1 
ATOM   319 O  OP2   . DG  B 1 4  ? 1.863   -8.206  -10.056 1.00 35.72 ? 2004 DG  B OP2   1 
ATOM   320 O  "O5'" . DG  B 1 4  ? 3.998   -7.064  -9.402  1.00 28.49 ? 2004 DG  B "O5'" 1 
ATOM   321 C  "C5'" . DG  B 1 4  ? 4.949   -6.005  -9.559  1.00 27.17 ? 2004 DG  B "C5'" 1 
ATOM   322 C  "C4'" . DG  B 1 4  ? 5.929   -6.038  -8.411  1.00 33.41 ? 2004 DG  B "C4'" 1 
ATOM   323 O  "O4'" . DG  B 1 4  ? 5.277   -5.541  -7.212  1.00 32.75 ? 2004 DG  B "O4'" 1 
ATOM   324 C  "C3'" . DG  B 1 4  ? 6.452   -7.429  -8.053  1.00 32.89 ? 2004 DG  B "C3'" 1 
ATOM   325 O  "O3'" . DG  B 1 4  ? 7.835   -7.379  -7.739  1.00 33.18 ? 2004 DG  B "O3'" 1 
ATOM   326 C  "C2'" . DG  B 1 4  ? 5.605   -7.814  -6.857  1.00 33.15 ? 2004 DG  B "C2'" 1 
ATOM   327 C  "C1'" . DG  B 1 4  ? 5.521   -6.456  -6.149  1.00 29.99 ? 2004 DG  B "C1'" 1 
ATOM   328 N  N9    . DG  B 1 4  ? 4.495   -6.320  -5.117  1.00 19.48 ? 2004 DG  B N9    1 
ATOM   329 C  C8    . DG  B 1 4  ? 3.274   -6.926  -5.049  1.00 18.78 ? 2004 DG  B C8    1 
ATOM   330 N  N7    . DG  B 1 4  ? 2.585   -6.595  -3.994  1.00 19.85 ? 2004 DG  B N7    1 
ATOM   331 C  C5    . DG  B 1 4  ? 3.414   -5.706  -3.319  1.00 16.03 ? 2004 DG  B C5    1 
ATOM   332 C  C6    . DG  B 1 4  ? 3.221   -5.003  -2.102  1.00 14.98 ? 2004 DG  B C6    1 
ATOM   333 O  O6    . DG  B 1 4  ? 2.243   -5.028  -1.350  1.00 15.05 ? 2004 DG  B O6    1 
ATOM   334 N  N1    . DG  B 1 4  ? 4.331   -4.214  -1.803  1.00 15.22 ? 2004 DG  B N1    1 
ATOM   335 C  C2    . DG  B 1 4  ? 5.471   -4.106  -2.562  1.00 19.50 ? 2004 DG  B C2    1 
ATOM   336 N  N2    . DG  B 1 4  ? 6.436   -3.289  -2.106  1.00 16.93 ? 2004 DG  B N2    1 
ATOM   337 N  N3    . DG  B 1 4  ? 5.658   -4.758  -3.697  1.00 18.58 ? 2004 DG  B N3    1 
ATOM   338 C  C4    . DG  B 1 4  ? 4.594   -5.528  -4.002  1.00 17.49 ? 2004 DG  B C4    1 
HETATM 339 N  N1    . BRU B 1 5  ? 5.287   -8.554  -2.180  1.00 19.25 ? 2005 BRU B N1    1 
HETATM 340 C  C2    . BRU B 1 5  ? 4.440   -8.050  -1.228  1.00 14.33 ? 2005 BRU B C2    1 
HETATM 341 N  N3    . BRU B 1 5  ? 3.149   -8.514  -1.270  1.00 20.62 ? 2005 BRU B N3    1 
HETATM 342 C  C4    . BRU B 1 5  ? 2.648   -9.424  -2.177  1.00 24.02 ? 2005 BRU B C4    1 
HETATM 343 C  C5    . BRU B 1 5  ? 3.599   -9.914  -3.153  1.00 29.46 ? 2005 BRU B C5    1 
HETATM 344 C  C6    . BRU B 1 5  ? 4.871   -9.471  -3.125  1.00 24.21 ? 2005 BRU B C6    1 
HETATM 345 O  O2    . BRU B 1 5  ? 4.780   -7.241  -0.381  1.00 20.75 ? 2005 BRU B O2    1 
HETATM 346 O  O4    . BRU B 1 5  ? 1.467   -9.772  -2.125  1.00 35.55 ? 2005 BRU B O4    1 
HETATM 347 BR BR    . BRU B 1 5  ? 3.029   -11.200 -4.485  1.00 62.58 ? 2005 BRU B BR    1 
HETATM 348 C  "C1'" . BRU B 1 5  ? 6.669   -8.067  -2.140  1.00 21.99 ? 2005 BRU B "C1'" 1 
HETATM 349 C  "C2'" . BRU B 1 5  ? 7.724   -9.116  -1.822  1.00 28.57 ? 2005 BRU B "C2'" 1 
HETATM 350 C  "C3'" . BRU B 1 5  ? 8.900   -8.741  -2.689  1.00 28.32 ? 2005 BRU B "C3'" 1 
HETATM 351 C  "C4'" . BRU B 1 5  ? 8.432   -7.522  -3.482  1.00 26.02 ? 2005 BRU B "C4'" 1 
HETATM 352 O  "O3'" . BRU B 1 5  ? 10.039  -8.406  -1.908  1.00 27.63 ? 2005 BRU B "O3'" 1 
HETATM 353 O  "O4'" . BRU B 1 5  ? 6.979   -7.620  -3.458  1.00 21.44 ? 2005 BRU B "O4'" 1 
HETATM 354 C  "C5'" . BRU B 1 5  ? 8.917   -7.439  -4.907  1.00 31.07 ? 2005 BRU B "C5'" 1 
HETATM 355 O  "O5'" . BRU B 1 5  ? 8.423   -8.573  -5.624  1.00 35.27 ? 2005 BRU B "O5'" 1 
HETATM 356 P  P     . BRU B 1 5  ? 8.616   -8.680  -7.200  1.00 36.02 ? 2005 BRU B P     1 
HETATM 357 O  OP1   . BRU B 1 5  ? 10.081  -8.541  -7.460  1.00 29.55 ? 2005 BRU B OP1   1 
HETATM 358 O  OP2   . BRU B 1 5  ? 7.944   -9.926  -7.658  1.00 35.95 ? 2005 BRU B OP2   1 
ATOM   359 P  P     . DT  B 1 6  ? 10.863  -9.448  -1.012  1.00 31.39 ? 2006 DT  B P     1 
ATOM   360 O  OP1   . DT  B 1 6  ? 12.182  -8.849  -0.646  1.00 46.12 ? 2006 DT  B OP1   1 
ATOM   361 O  OP2   . DT  B 1 6  ? 10.848  -10.783 -1.668  1.00 48.51 ? 2006 DT  B OP2   1 
ATOM   362 O  "O5'" . DT  B 1 6  ? 10.015  -9.549  0.328   1.00 24.65 ? 2006 DT  B "O5'" 1 
ATOM   363 C  "C5'" . DT  B 1 6  ? 9.849   -8.379  1.139   1.00 28.83 ? 2006 DT  B "C5'" 1 
ATOM   364 C  "C4'" . DT  B 1 6  ? 8.906   -8.666  2.278   1.00 23.44 ? 2006 DT  B "C4'" 1 
ATOM   365 O  "O4'" . DT  B 1 6  ? 7.576   -8.897  1.736   1.00 21.78 ? 2006 DT  B "O4'" 1 
ATOM   366 C  "C3'" . DT  B 1 6  ? 9.260   -9.895  3.109   1.00 18.69 ? 2006 DT  B "C3'" 1 
ATOM   367 O  "O3'" . DT  B 1 6  ? 9.121   -9.671  4.498   1.00 26.48 ? 2006 DT  B "O3'" 1 
ATOM   368 C  "C2'" . DT  B 1 6  ? 8.244   -10.929 2.657   1.00 23.81 ? 2006 DT  B "C2'" 1 
ATOM   369 C  "C1'" . DT  B 1 6  ? 7.036   -10.046 2.370   1.00 29.41 ? 2006 DT  B "C1'" 1 
ATOM   370 N  N1    . DT  B 1 6  ? 6.025   -10.609 1.466   1.00 25.06 ? 2006 DT  B N1    1 
ATOM   371 C  C2    . DT  B 1 6  ? 4.711   -10.321 1.767   1.00 16.72 ? 2006 DT  B C2    1 
ATOM   372 O  O2    . DT  B 1 6  ? 4.379   -9.640  2.726   1.00 20.59 ? 2006 DT  B O2    1 
ATOM   373 N  N3    . DT  B 1 6  ? 3.811   -10.873 0.899   1.00 23.57 ? 2006 DT  B N3    1 
ATOM   374 C  C4    . DT  B 1 6  ? 4.068   -11.657 -0.209  1.00 29.44 ? 2006 DT  B C4    1 
ATOM   375 O  O4    . DT  B 1 6  ? 3.132   -12.071 -0.889  1.00 26.02 ? 2006 DT  B O4    1 
ATOM   376 C  C5    . DT  B 1 6  ? 5.467   -11.914 -0.462  1.00 27.53 ? 2006 DT  B C5    1 
ATOM   377 C  C7    . DT  B 1 6  ? 5.818   -12.758 -1.649  1.00 30.96 ? 2006 DT  B C7    1 
ATOM   378 C  C6    . DT  B 1 6  ? 6.370   -11.388 0.377   1.00 20.88 ? 2006 DT  B C6    1 
ATOM   379 P  P     . DT  B 1 7  ? 10.063  -8.662  5.332   1.00 30.77 ? 2007 DT  B P     1 
ATOM   380 O  OP1   . DT  B 1 7  ? 11.130  -8.144  4.447   1.00 32.13 ? 2007 DT  B OP1   1 
ATOM   381 O  OP2   . DT  B 1 7  ? 10.411  -9.282  6.632   1.00 29.96 ? 2007 DT  B OP2   1 
ATOM   382 O  "O5'" . DT  B 1 7  ? 9.039   -7.460  5.590   1.00 35.50 ? 2007 DT  B "O5'" 1 
ATOM   383 C  "C5'" . DT  B 1 7  ? 9.083   -6.637  6.758   1.00 34.02 ? 2007 DT  B "C5'" 1 
ATOM   384 C  "C4'" . DT  B 1 7  ? 7.784   -5.875  6.877   1.00 28.49 ? 2007 DT  B "C4'" 1 
ATOM   385 O  "O4'" . DT  B 1 7  ? 7.567   -5.100  5.672   1.00 26.41 ? 2007 DT  B "O4'" 1 
ATOM   386 C  "C3'" . DT  B 1 7  ? 6.539   -6.746  7.015   1.00 22.43 ? 2007 DT  B "C3'" 1 
ATOM   387 O  "O3'" . DT  B 1 7  ? 5.518   -6.082  7.733   1.00 25.03 ? 2007 DT  B "O3'" 1 
ATOM   388 C  "C2'" . DT  B 1 7  ? 6.122   -6.964  5.571   1.00 18.56 ? 2007 DT  B "C2'" 1 
ATOM   389 C  "C1'" . DT  B 1 7  ? 6.452   -5.612  4.954   1.00 20.65 ? 2007 DT  B "C1'" 1 
ATOM   390 N  N1    . DT  B 1 7  ? 6.931   -5.607  3.565   1.00 17.70 ? 2007 DT  B N1    1 
ATOM   391 C  C2    . DT  B 1 7  ? 6.061   -6.010  2.577   1.00 13.29 ? 2007 DT  B C2    1 
ATOM   392 O  O2    . DT  B 1 7  ? 4.921   -6.363  2.850   1.00 15.53 ? 2007 DT  B O2    1 
ATOM   393 N  N3    . DT  B 1 7  ? 6.575   -5.979  1.313   1.00 18.27 ? 2007 DT  B N3    1 
ATOM   394 C  C4    . DT  B 1 7  ? 7.853   -5.588  0.949   1.00 15.29 ? 2007 DT  B C4    1 
ATOM   395 O  O4    . DT  B 1 7  ? 8.174   -5.609  -0.225  1.00 19.85 ? 2007 DT  B O4    1 
ATOM   396 C  C5    . DT  B 1 7  ? 8.710   -5.175  2.032   1.00 25.96 ? 2007 DT  B C5    1 
ATOM   397 C  C7    . DT  B 1 7  ? 10.110  -4.741  1.700   1.00 25.12 ? 2007 DT  B C7    1 
ATOM   398 C  C6    . DT  B 1 7  ? 8.218   -5.204  3.275   1.00 20.59 ? 2007 DT  B C6    1 
ATOM   399 P  P     . DT  B 1 8  ? 4.643   -6.780  8.887   1.00 30.75 ? 2008 DT  B P     1 
ATOM   400 O  OP1   . DT  B 1 8  ? 4.044   -5.680  9.711   1.00 33.11 ? 2008 DT  B OP1   1 
ATOM   401 O  OP2   . DT  B 1 8  ? 5.449   -7.812  9.597   1.00 36.39 ? 2008 DT  B OP2   1 
ATOM   402 O  "O5'" . DT  B 1 8  ? 3.475   -7.500  8.111   1.00 23.82 ? 2008 DT  B "O5'" 1 
ATOM   403 C  "C5'" . DT  B 1 8  ? 2.730   -6.829  7.092   1.00 23.37 ? 2008 DT  B "C5'" 1 
ATOM   404 C  "C4'" . DT  B 1 8  ? 1.813   -7.809  6.404   1.00 28.10 ? 2008 DT  B "C4'" 1 
ATOM   405 O  "O4'" . DT  B 1 8  ? 2.617   -8.732  5.632   1.00 29.66 ? 2008 DT  B "O4'" 1 
ATOM   406 C  "C3'" . DT  B 1 8  ? 0.958   -8.671  7.331   1.00 22.47 ? 2008 DT  B "C3'" 1 
ATOM   407 O  "O3'" . DT  B 1 8  ? -0.339  -8.843  6.789   1.00 17.26 ? 2008 DT  B "O3'" 1 
ATOM   408 C  "C2'" . DT  B 1 8  ? 1.726   -9.972  7.419   1.00 19.32 ? 2008 DT  B "C2'" 1 
ATOM   409 C  "C1'" . DT  B 1 8  ? 2.391   -10.070 6.056   1.00 27.47 ? 2008 DT  B "C1'" 1 
ATOM   410 N  N1    . DT  B 1 8  ? 3.738   -10.660 5.977   1.00 26.46 ? 2008 DT  B N1    1 
ATOM   411 C  C2    . DT  B 1 8  ? 4.016   -11.573 4.986   1.00 32.31 ? 2008 DT  B C2    1 
ATOM   412 O  O2    . DT  B 1 8  ? 3.221   -11.952 4.136   1.00 24.82 ? 2008 DT  B O2    1 
ATOM   413 N  N3    . DT  B 1 8  ? 5.301   -12.057 5.007   1.00 29.76 ? 2008 DT  B N3    1 
ATOM   414 C  C4    . DT  B 1 8  ? 6.313   -11.739 5.887   1.00 38.87 ? 2008 DT  B C4    1 
ATOM   415 O  O4    . DT  B 1 8  ? 7.426   -12.258 5.782   1.00 46.12 ? 2008 DT  B O4    1 
ATOM   416 C  C5    . DT  B 1 8  ? 5.958   -10.776 6.904   1.00 36.89 ? 2008 DT  B C5    1 
ATOM   417 C  C7    . DT  B 1 8  ? 7.003   -10.374 7.902   1.00 34.48 ? 2008 DT  B C7    1 
ATOM   418 C  C6    . DT  B 1 8  ? 4.707   -10.295 6.894   1.00 39.71 ? 2008 DT  B C6    1 
ATOM   419 P  P     . DG  B 1 9  ? -1.626  -9.324  7.587   1.00 23.22 ? 2009 DG  B P     1 
ATOM   420 O  OP1   . DG  B 1 9  ? -1.317  -10.618 8.297   1.00 27.77 ? 2009 DG  B OP1   1 
ATOM   421 O  OP2   . DG  B 1 9  ? -2.810  -9.256  6.700   1.00 28.13 ? 2009 DG  B OP2   1 
ATOM   422 O  "O5'" . DG  B 1 9  ? -1.860  -8.282  8.769   1.00 25.71 ? 2009 DG  B "O5'" 1 
ATOM   423 C  "C5'" . DG  B 1 9  ? -2.505  -7.024  8.536   1.00 24.69 ? 2009 DG  B "C5'" 1 
ATOM   424 C  "C4'" . DG  B 1 9  ? -1.892  -6.005  9.464   1.00 24.52 ? 2009 DG  B "C4'" 1 
ATOM   425 O  "O4'" . DG  B 1 9  ? -0.611  -5.568  8.949   1.00 21.14 ? 2009 DG  B "O4'" 1 
ATOM   426 C  "C3'" . DG  B 1 9  ? -2.672  -4.702  9.649   1.00 26.44 ? 2009 DG  B "C3'" 1 
ATOM   427 O  "O3'" . DG  B 1 9  ? -2.286  -4.132  10.893  1.00 26.75 ? 2009 DG  B "O3'" 1 
ATOM   428 C  "C2'" . DG  B 1 9  ? -2.190  -3.903  8.455   1.00 19.31 ? 2009 DG  B "C2'" 1 
ATOM   429 C  "C1'" . DG  B 1 9  ? -0.691  -4.200  8.527   1.00 19.90 ? 2009 DG  B "C1'" 1 
ATOM   430 N  N9    . DG  B 1 9  ? 0.115   -4.114  7.314   1.00 17.49 ? 2009 DG  B N9    1 
ATOM   431 C  C8    . DG  B 1 9  ? 1.377   -3.548  7.209   1.00 12.62 ? 2009 DG  B C8    1 
ATOM   432 N  N7    . DG  B 1 9  ? 1.844   -3.621  6.001   1.00 13.26 ? 2009 DG  B N7    1 
ATOM   433 C  C5    . DG  B 1 9  ? 0.865   -4.258  5.259   1.00 18.39 ? 2009 DG  B C5    1 
ATOM   434 C  C6    . DG  B 1 9  ? 0.829   -4.607  3.882   1.00 17.80 ? 2009 DG  B C6    1 
ATOM   435 O  O6    . DG  B 1 9  ? 1.688   -4.412  3.018   1.00 17.21 ? 2009 DG  B O6    1 
ATOM   436 N  N1    . DG  B 1 9  ? -0.362  -5.245  3.548   1.00 13.33 ? 2009 DG  B N1    1 
ATOM   437 C  C2    . DG  B 1 9  ? -1.372  -5.502  4.448   1.00 17.15 ? 2009 DG  B C2    1 
ATOM   438 N  N2    . DG  B 1 9  ? -2.464  -6.130  3.968   1.00 22.13 ? 2009 DG  B N2    1 
ATOM   439 N  N3    . DG  B 1 9  ? -1.362  -5.189  5.732   1.00 13.50 ? 2009 DG  B N3    1 
ATOM   440 C  C4    . DG  B 1 9  ? -0.211  -4.568  6.064   1.00 16.59 ? 2009 DG  B C4    1 
ATOM   441 P  P     . DG  B 1 10 ? -3.116  -2.923  11.552  1.00 31.66 ? 2010 DG  B P     1 
ATOM   442 O  OP1   . DG  B 1 10 ? -3.331  -3.191  12.999  1.00 35.59 ? 2010 DG  B OP1   1 
ATOM   443 O  OP2   . DG  B 1 10 ? -4.289  -2.615  10.695  1.00 26.26 ? 2010 DG  B OP2   1 
ATOM   444 O  "O5'" . DG  B 1 10 ? -2.087  -1.714  11.467  1.00 41.15 ? 2010 DG  B "O5'" 1 
ATOM   445 C  "C5'" . DG  B 1 10 ? -1.968  -0.993  10.247  1.00 34.12 ? 2010 DG  B "C5'" 1 
ATOM   446 C  "C4'" . DG  B 1 10 ? -0.589  -0.383  10.163  1.00 25.99 ? 2010 DG  B "C4'" 1 
ATOM   447 O  "O4'" . DG  B 1 10 ? 0.089   -0.896  8.981   1.00 23.30 ? 2010 DG  B "O4'" 1 
ATOM   448 C  "C3'" . DG  B 1 10 ? -0.581  1.133   9.969   1.00 23.07 ? 2010 DG  B "C3'" 1 
ATOM   449 O  "O3'" . DG  B 1 10 ? 0.682   1.659   10.313  1.00 30.02 ? 2010 DG  B "O3'" 1 
ATOM   450 C  "C2'" . DG  B 1 10 ? -0.839  1.221   8.477   1.00 21.75 ? 2010 DG  B "C2'" 1 
ATOM   451 C  "C1'" . DG  B 1 10 ? 0.111   0.115   7.985   1.00 22.42 ? 2010 DG  B "C1'" 1 
ATOM   452 N  N9    . DG  B 1 10 ? -0.256  -0.430  6.680   1.00 16.10 ? 2010 DG  B N9    1 
ATOM   453 C  C8    . DG  B 1 10 ? -1.399  -1.041  6.257   1.00 16.13 ? 2010 DG  B C8    1 
ATOM   454 N  N7    . DG  B 1 10 ? -1.352  -1.393  4.997   1.00 15.56 ? 2010 DG  B N7    1 
ATOM   455 C  C5    . DG  B 1 10 ? -0.100  -0.985  4.568   1.00 14.98 ? 2010 DG  B C5    1 
ATOM   456 C  C6    . DG  B 1 10 ? 0.545   -1.080  3.313   1.00 14.37 ? 2010 DG  B C6    1 
ATOM   457 O  O6    . DG  B 1 10 ? 0.095   -1.579  2.274   1.00 15.50 ? 2010 DG  B O6    1 
ATOM   458 N  N1    . DG  B 1 10 ? 1.831   -0.525  3.325   1.00 14.12 ? 2010 DG  B N1    1 
ATOM   459 C  C2    . DG  B 1 10 ? 2.393   0.048   4.456   1.00 11.52 ? 2010 DG  B C2    1 
ATOM   460 N  N2    . DG  B 1 10 ? 3.636   0.547   4.345   1.00 16.92 ? 2010 DG  B N2    1 
ATOM   461 N  N3    . DG  B 1 10 ? 1.817   0.149   5.633   1.00 10.79 ? 2010 DG  B N3    1 
ATOM   462 C  C4    . DG  B 1 10 ? 0.584   -0.386  5.605   1.00 13.77 ? 2010 DG  B C4    1 
ATOM   463 P  P     . DG  B 1 11 ? 0.999   3.197   10.670  1.00 36.95 ? 2011 DG  B P     1 
ATOM   464 O  OP1   . DG  B 1 11 ? 2.462   3.201   11.049  1.00 28.89 ? 2011 DG  B OP1   1 
ATOM   465 O  OP2   . DG  B 1 11 ? 0.028   3.710   11.659  1.00 32.43 ? 2011 DG  B OP2   1 
ATOM   466 O  "O5'" . DG  B 1 11 ? 0.862   3.986   9.308   1.00 34.43 ? 2011 DG  B "O5'" 1 
ATOM   467 C  "C5'" . DG  B 1 11 ? 1.592   3.575   8.153   1.00 25.81 ? 2011 DG  B "C5'" 1 
ATOM   468 C  "C4'" . DG  B 1 11 ? 2.791   4.466   7.942   1.00 18.99 ? 2011 DG  B "C4'" 1 
ATOM   469 O  "O4'" . DG  B 1 11 ? 3.404   4.157   6.673   1.00 21.97 ? 2011 DG  B "O4'" 1 
ATOM   470 C  "C3'" . DG  B 1 11 ? 2.506   5.968   7.857   1.00 23.95 ? 2011 DG  B "C3'" 1 
ATOM   471 O  "O3'" . DG  B 1 11 ? 3.657   6.690   8.264   1.00 29.05 ? 2011 DG  B "O3'" 1 
ATOM   472 C  "C2'" . DG  B 1 11 ? 2.198   6.149   6.385   1.00 22.98 ? 2011 DG  B "C2'" 1 
ATOM   473 C  "C1'" . DG  B 1 11 ? 3.234   5.233   5.749   1.00 27.17 ? 2011 DG  B "C1'" 1 
ATOM   474 N  N9    . DG  B 1 11 ? 2.941   4.580   4.472   1.00 18.44 ? 2011 DG  B N9    1 
ATOM   475 C  C8    . DG  B 1 11 ? 3.742   4.571   3.353   1.00 15.18 ? 2011 DG  B C8    1 
ATOM   476 N  N7    . DG  B 1 11 ? 3.221   3.907   2.358   1.00 17.65 ? 2011 DG  B N7    1 
ATOM   477 C  C5    . DG  B 1 11 ? 2.005   3.455   2.864   1.00 13.03 ? 2011 DG  B C5    1 
ATOM   478 C  C6    . DG  B 1 11 ? 0.999   2.667   2.221   1.00 9.12  ? 2011 DG  B C6    1 
ATOM   479 O  O6    . DG  B 1 11 ? 1.101   2.269   1.055   1.00 11.34 ? 2011 DG  B O6    1 
ATOM   480 N  N1    . DG  B 1 11 ? -0.062  2.430   3.063   1.00 12.89 ? 2011 DG  B N1    1 
ATOM   481 C  C2    . DG  B 1 11 ? -0.170  2.876   4.357   1.00 15.96 ? 2011 DG  B C2    1 
ATOM   482 N  N2    . DG  B 1 11 ? -1.280  2.544   5.027   1.00 14.56 ? 2011 DG  B N2    1 
ATOM   483 N  N3    . DG  B 1 11 ? 0.762   3.611   4.969   1.00 16.03 ? 2011 DG  B N3    1 
ATOM   484 C  C4    . DG  B 1 11 ? 1.811   3.856   4.159   1.00 14.69 ? 2011 DG  B C4    1 
ATOM   485 P  P     . DG  B 1 12 ? 3.617   8.303   8.433   1.00 30.58 ? 2012 DG  B P     1 
ATOM   486 O  OP1   . DG  B 1 12 ? 4.687   8.653   9.410   1.00 41.23 ? 2012 DG  B OP1   1 
ATOM   487 O  OP2   . DG  B 1 12 ? 2.232   8.767   8.701   1.00 27.00 ? 2012 DG  B OP2   1 
ATOM   488 O  "O5'" . DG  B 1 12 ? 4.001   8.835   6.994   1.00 19.09 ? 2012 DG  B "O5'" 1 
ATOM   489 C  "C5'" . DG  B 1 12 ? 5.161   8.398   6.295   1.00 27.13 ? 2012 DG  B "C5'" 1 
ATOM   490 C  "C4'" . DG  B 1 12 ? 5.150   8.891   4.875   1.00 30.75 ? 2012 DG  B "C4'" 1 
ATOM   491 O  "O4'" . DG  B 1 12 ? 4.306   8.047   4.054   1.00 24.09 ? 2012 DG  B "O4'" 1 
ATOM   492 C  "C3'" . DG  B 1 12 ? 4.620   10.310  4.669   1.00 25.45 ? 2012 DG  B "C3'" 1 
ATOM   493 O  "O3'" . DG  B 1 12 ? 5.556   11.043  3.886   1.00 28.94 ? 2012 DG  B "O3'" 1 
ATOM   494 C  "C2'" . DG  B 1 12 ? 3.297   10.130  3.962   1.00 19.48 ? 2012 DG  B "C2'" 1 
ATOM   495 C  "C1'" . DG  B 1 12 ? 3.565   8.866   3.142   1.00 18.01 ? 2012 DG  B "C1'" 1 
ATOM   496 N  N9    . DG  B 1 12 ? 2.448   8.017   2.721   1.00 20.17 ? 2012 DG  B N9    1 
ATOM   497 C  C8    . DG  B 1 12 ? 1.378   7.651   3.497   1.00 19.01 ? 2012 DG  B C8    1 
ATOM   498 N  N7    . DG  B 1 12 ? 0.531   6.886   2.866   1.00 16.85 ? 2012 DG  B N7    1 
ATOM   499 C  C5    . DG  B 1 12 ? 1.075   6.744   1.608   1.00 15.09 ? 2012 DG  B C5    1 
ATOM   500 C  C6    . DG  B 1 12 ? 0.601   6.024   0.485   1.00 13.51 ? 2012 DG  B C6    1 
ATOM   501 O  O6    . DG  B 1 12 ? -0.445  5.359   0.439   1.00 13.63 ? 2012 DG  B O6    1 
ATOM   502 N  N1    . DG  B 1 12 ? 1.463   6.145   -0.596  1.00 17.30 ? 2012 DG  B N1    1 
ATOM   503 C  C2    . DG  B 1 12 ? 2.638   6.863   -0.617  1.00 16.10 ? 2012 DG  B C2    1 
ATOM   504 N  N2    . DG  B 1 12 ? 3.311   6.837   -1.776  1.00 14.97 ? 2012 DG  B N2    1 
ATOM   505 N  N3    . DG  B 1 12 ? 3.088   7.536   0.422   1.00 15.69 ? 2012 DG  B N3    1 
ATOM   506 C  C4    . DG  B 1 12 ? 2.267   7.435   1.490   1.00 16.87 ? 2012 DG  B C4    1 
HETATM 507 K  K     . K   C 2 .  ? 1.243   -3.319  0.606   1.00 15.93 ? 3014 K   A K     1 
HETATM 508 K  K     . K   D 2 .  ? 0.125   -0.215  -0.112  1.00 14.79 ? 3015 K   A K     1 
HETATM 509 K  K     . K   E 2 .  ? -0.984  2.931   -0.741  1.00 14.88 ? 3016 K   A K     1 
HETATM 510 K  K     . K   F 2 .  ? -2.303  6.087   -1.547  1.00 17.34 ? 3017 K   A K     1 
HETATM 511 K  K     . K   G 2 .  ? 2.773   -6.414  1.259   1.00 19.90 ? 3013 K   B K     1 
HETATM 512 O  O     . HOH H 3 .  ? -2.054  7.015   6.949   1.00 19.36 ? 7002 HOH A O     1 
HETATM 513 O  O     . HOH H 3 .  ? 7.283   3.418   4.105   1.00 29.09 ? 7003 HOH A O     1 
HETATM 514 O  O     . HOH H 3 .  ? -4.425  -0.539  8.148   1.00 28.08 ? 7004 HOH A O     1 
HETATM 515 O  O     . HOH H 3 .  ? -4.914  -4.429  5.920   1.00 24.41 ? 7005 HOH A O     1 
HETATM 516 O  O     . HOH H 3 .  ? -3.880  4.075   -9.374  1.00 24.35 ? 7006 HOH A O     1 
HETATM 517 O  O     . HOH H 3 .  ? -0.752  -8.701  -6.290  1.00 25.13 ? 7013 HOH A O     1 
HETATM 518 O  O     . HOH H 3 .  ? -7.815  -2.890  -1.394  1.00 24.02 ? 7014 HOH A O     1 
HETATM 519 O  O     . HOH H 3 .  ? -8.336  -0.409  1.327   1.00 29.54 ? 7015 HOH A O     1 
HETATM 520 O  O     . HOH H 3 .  ? 0.967   10.306  -0.029  1.00 22.07 ? 7017 HOH A O     1 
HETATM 521 O  O     . HOH H 3 .  ? -5.275  -9.352  3.683   1.00 27.35 ? 7018 HOH A O     1 
HETATM 522 O  O     . HOH H 3 .  ? 6.410   0.421   -5.480  1.00 32.99 ? 7019 HOH A O     1 
HETATM 523 O  O     . HOH H 3 .  ? 1.116   11.397  -8.827  1.00 29.91 ? 7022 HOH A O     1 
HETATM 524 O  O     . HOH H 3 .  ? -5.019  12.600  -8.074  1.00 28.16 ? 7023 HOH A O     1 
HETATM 525 O  O     . HOH H 3 .  ? -6.095  -6.574  -4.574  1.00 30.48 ? 7024 HOH A O     1 
HETATM 526 O  O     . HOH H 3 .  ? 8.365   -0.126  -2.745  1.00 29.09 ? 7027 HOH A O     1 
HETATM 527 O  O     . HOH H 3 .  ? -9.743  2.751   -9.015  1.00 41.11 ? 7029 HOH A O     1 
HETATM 528 O  O     . HOH H 3 .  ? -7.515  13.058  -7.942  1.00 36.81 ? 7031 HOH A O     1 
HETATM 529 O  O     . HOH H 3 .  ? -9.209  13.041  -4.336  1.00 35.72 ? 7033 HOH A O     1 
HETATM 530 O  O     . HOH H 3 .  ? -5.388  12.609  -11.497 1.00 39.59 ? 7034 HOH A O     1 
HETATM 531 O  O     . HOH H 3 .  ? -5.183  5.693   -11.021 1.00 44.86 ? 7035 HOH A O     1 
HETATM 532 O  O     . HOH H 3 .  ? -10.729 10.143  1.362   1.00 35.96 ? 7036 HOH A O     1 
HETATM 533 O  O     . HOH H 3 .  ? 12.379  -1.636  0.610   1.00 44.34 ? 7037 HOH A O     1 
HETATM 534 O  O     . HOH H 3 .  ? 13.461  0.912   5.595   1.00 36.16 ? 7038 HOH A O     1 
HETATM 535 O  O     . HOH H 3 .  ? 13.895  0.405   3.124   1.00 29.71 ? 7039 HOH A O     1 
HETATM 536 O  O     . HOH H 3 .  ? 10.367  5.542   4.250   1.00 57.62 ? 7041 HOH A O     1 
HETATM 537 O  O     . HOH H 3 .  ? -2.734  -11.154 -4.868  1.00 37.63 ? 7042 HOH A O     1 
HETATM 538 O  O     . HOH H 3 .  ? -3.800  2.909   10.716  1.00 33.84 ? 7043 HOH A O     1 
HETATM 539 O  O     . HOH H 3 .  ? -13.522 10.796  1.660   0.50 36.41 ? 7044 HOH A O     1 
HETATM 540 O  O     . HOH H 3 .  ? 6.579   6.341   -0.297  1.00 30.62 ? 7045 HOH A O     1 
HETATM 541 O  O     . HOH H 3 .  ? 6.620   0.676   8.284   1.00 41.39 ? 7046 HOH A O     1 
HETATM 542 O  O     . HOH H 3 .  ? 14.487  -2.697  3.587   0.50 42.42 ? 7049 HOH A O     1 
HETATM 543 O  O     . HOH H 3 .  ? -12.671 9.807   -3.366  1.00 35.16 ? 7052 HOH A O     1 
HETATM 544 O  O     . HOH H 3 .  ? 12.395  -2.100  2.859   1.00 36.22 ? 7054 HOH A O     1 
HETATM 545 O  O     . HOH H 3 .  ? -9.365  -0.877  9.567   1.00 42.09 ? 7055 HOH A O     1 
HETATM 546 O  O     . HOH H 3 .  ? -11.163 -5.239  -1.365  1.00 43.44 ? 7056 HOH A O     1 
HETATM 547 O  O     . HOH H 3 .  ? -9.771  6.914   5.606   1.00 52.80 ? 7059 HOH A O     1 
HETATM 548 O  O     . HOH H 3 .  ? -10.136 5.047   -8.509  1.00 51.60 ? 7060 HOH A O     1 
HETATM 549 O  O     . HOH H 3 .  ? -15.604 10.189  -4.026  0.50 68.90 ? 7062 HOH A O     1 
HETATM 550 O  O     . HOH H 3 .  ? -11.191 10.714  -6.888  1.00 62.51 ? 7064 HOH A O     1 
HETATM 551 O  O     . HOH H 3 .  ? 10.695  8.956   -9.379  1.00 39.65 ? 7065 HOH A O     1 
HETATM 552 O  O     . HOH H 3 .  ? 1.216   2.971   -9.179  1.00 33.52 ? 7068 HOH A O     1 
HETATM 553 O  O     . HOH H 3 .  ? -9.150  11.798  1.563   0.50 37.69 ? 7070 HOH A O     1 
HETATM 554 O  O     . HOH H 3 .  ? 17.126  -1.065  5.273   0.50 37.67 ? 7085 HOH A O     1 
HETATM 555 O  O     . HOH H 3 .  ? -8.069  9.400   8.527   0.50 45.99 ? 7086 HOH A O     1 
HETATM 556 O  O     . HOH H 3 .  ? -1.704  -11.349 -2.614  1.00 33.93 ? 7088 HOH A O     1 
HETATM 557 O  O     . HOH H 3 .  ? -10.496 10.492  3.849   1.00 41.69 ? 7091 HOH A O     1 
HETATM 558 O  O     . HOH H 3 .  ? -12.184 -7.089  3.580   1.00 41.98 ? 7092 HOH A O     1 
HETATM 559 O  O     . HOH H 3 .  ? -1.903  11.361  -0.455  1.00 34.82 ? 7096 HOH A O     1 
HETATM 560 O  O     . HOH H 3 .  ? 6.018   11.686  -2.212  0.50 41.47 ? 7097 HOH A O     1 
HETATM 561 O  O     . HOH H 3 .  ? -13.014 7.080   -6.232  1.00 46.55 ? 7098 HOH A O     1 
HETATM 562 O  O     . HOH H 3 .  ? 17.283  -1.765  7.455   1.00 40.90 ? 7099 HOH A O     1 
HETATM 563 O  O     . HOH H 3 .  ? -12.543 4.058   -5.563  1.00 37.66 ? 7100 HOH A O     1 
HETATM 564 O  O     . HOH H 3 .  ? -12.760 12.540  -1.895  1.00 49.30 ? 7101 HOH A O     1 
HETATM 565 O  O     . HOH H 3 .  ? -10.367 2.662   9.485   1.00 47.28 ? 7102 HOH A O     1 
HETATM 566 O  O     . HOH H 3 .  ? 3.320   11.849  -2.961  1.00 41.47 ? 7103 HOH A O     1 
HETATM 567 O  O     . HOH H 3 .  ? -7.070  1.170   -9.547  1.00 41.27 ? 7104 HOH A O     1 
HETATM 568 O  O     . HOH H 3 .  ? -4.315  -8.171  -3.550  1.00 62.77 ? 7108 HOH A O     1 
HETATM 569 O  O     . HOH H 3 .  ? 5.294   8.372   -5.850  1.00 37.61 ? 7110 HOH A O     1 
HETATM 570 O  O     . HOH H 3 .  ? 8.008   1.413   -7.123  0.50 41.43 ? 7115 HOH A O     1 
HETATM 571 O  O     . HOH H 3 .  ? -10.111 12.669  0.936   0.50 35.60 ? 7116 HOH A O     1 
HETATM 572 O  O     . HOH H 3 .  ? -4.030  1.682   13.358  0.50 46.80 ? 7118 HOH A O     1 
HETATM 573 O  O     . HOH H 3 .  ? -0.462  -13.007 -4.952  0.50 32.62 ? 7121 HOH A O     1 
HETATM 574 O  O     . HOH H 3 .  ? -12.915 9.138   8.145   0.50 46.07 ? 7122 HOH A O     1 
HETATM 575 O  O     . HOH H 3 .  ? -11.979 -0.882  3.258   1.00 40.82 ? 7125 HOH A O     1 
HETATM 576 O  O     . HOH H 3 .  ? 0.295   4.737   -12.887 0.50 30.79 ? 7126 HOH A O     1 
HETATM 577 O  O     . HOH H 3 .  ? -12.603 -3.944  0.926   0.50 33.97 ? 7128 HOH A O     1 
HETATM 578 O  O     . HOH H 3 .  ? -2.333  8.539   -11.908 0.50 64.61 ? 7133 HOH A O     1 
HETATM 579 O  O     . HOH H 3 .  ? -12.892 14.072  2.530   0.50 44.97 ? 7135 HOH A O     1 
HETATM 580 O  O     . HOH H 3 .  ? -6.547  10.900  10.099  1.00 60.09 ? 7137 HOH A O     1 
HETATM 581 O  O     . HOH H 3 .  ? 2.523   11.481  -12.418 1.00 58.64 ? 7138 HOH A O     1 
HETATM 582 O  O     . HOH I 3 .  ? -7.548  -3.730  -3.676  1.00 30.88 ? 7001 HOH B O     1 
HETATM 583 O  O     . HOH I 3 .  ? -2.256  4.177   7.283   1.00 20.64 ? 7007 HOH B O     1 
HETATM 584 O  O     . HOH I 3 .  ? 5.304   2.254   6.066   1.00 21.92 ? 7008 HOH B O     1 
HETATM 585 O  O     . HOH I 3 .  ? 9.790   -4.377  -1.985  1.00 23.38 ? 7009 HOH B O     1 
HETATM 586 O  O     . HOH I 3 .  ? -4.519  -7.624  5.480   1.00 24.75 ? 7010 HOH B O     1 
HETATM 587 O  O     . HOH I 3 .  ? 3.610   -0.025  8.011   1.00 24.69 ? 7011 HOH B O     1 
HETATM 588 O  O     . HOH I 3 .  ? -3.153  -6.727  -5.700  1.00 29.39 ? 7012 HOH B O     1 
HETATM 589 O  O     . HOH I 3 .  ? 1.115   -9.030  0.431   1.00 30.11 ? 7016 HOH B O     1 
HETATM 590 O  O     . HOH I 3 .  ? 5.711   8.456   -2.651  1.00 24.80 ? 7020 HOH B O     1 
HETATM 591 O  O     . HOH I 3 .  ? 10.296  -1.811  -0.915  1.00 24.28 ? 7021 HOH B O     1 
HETATM 592 O  O     . HOH I 3 .  ? -2.005  10.397  4.088   1.00 41.57 ? 7025 HOH B O     1 
HETATM 593 O  O     . HOH I 3 .  ? 0.142   -12.339 -1.668  1.00 31.85 ? 7026 HOH B O     1 
HETATM 594 O  O     . HOH I 3 .  ? 1.705   -9.114  -6.784  1.00 31.41 ? 7028 HOH B O     1 
HETATM 595 O  O     . HOH I 3 .  ? 9.512   -14.122 7.448   1.00 42.18 ? 7030 HOH B O     1 
HETATM 596 O  O     . HOH I 3 .  ? -13.244 -0.907  -7.128  1.00 45.25 ? 7032 HOH B O     1 
HETATM 597 O  O     . HOH I 3 .  ? 6.905   6.174   3.124   1.00 32.15 ? 7040 HOH B O     1 
HETATM 598 O  O     . HOH I 3 .  ? -2.134  0.065   -8.515  1.00 36.84 ? 7047 HOH B O     1 
HETATM 599 O  O     . HOH I 3 .  ? 8.131   -3.953  -5.244  1.00 42.30 ? 7048 HOH B O     1 
HETATM 600 O  O     . HOH I 3 .  ? 9.743   -12.874 -0.003  1.00 48.91 ? 7050 HOH B O     1 
HETATM 601 O  O     . HOH I 3 .  ? 2.758   -4.590  -13.339 0.50 47.07 ? 7051 HOH B O     1 
HETATM 602 O  O     . HOH I 3 .  ? 8.116   -3.423  -7.630  1.00 51.49 ? 7053 HOH B O     1 
HETATM 603 O  O     . HOH I 3 .  ? 0.035   6.715   12.751  1.00 47.46 ? 7057 HOH B O     1 
HETATM 604 O  O     . HOH I 3 .  ? 9.889   -6.189  -9.060  0.50 30.43 ? 7058 HOH B O     1 
HETATM 605 O  O     . HOH I 3 .  ? -0.151  8.937   6.615   1.00 31.99 ? 7061 HOH B O     1 
HETATM 606 O  O     . HOH I 3 .  ? -10.424 -6.155  -5.775  1.00 56.55 ? 7063 HOH B O     1 
HETATM 607 O  O     . HOH I 3 .  ? 5.171   5.070   11.347  1.00 59.18 ? 7066 HOH B O     1 
HETATM 608 O  O     . HOH I 3 .  ? -6.347  -5.540  13.357  1.00 45.65 ? 7069 HOH B O     1 
HETATM 609 O  O     . HOH I 3 .  ? -4.492  -1.525  -12.536 1.00 50.59 ? 7071 HOH B O     1 
HETATM 610 O  O     . HOH I 3 .  ? -2.788  -11.295 10.530  0.50 43.05 ? 7073 HOH B O     1 
HETATM 611 O  O     . HOH I 3 .  ? 4.179   8.230   12.392  0.50 39.73 ? 7074 HOH B O     1 
HETATM 612 O  O     . HOH I 3 .  ? 0.331   8.159   9.823   1.00 56.34 ? 7075 HOH B O     1 
HETATM 613 O  O     . HOH I 3 .  ? 2.520   -3.607  11.698  1.00 42.02 ? 7076 HOH B O     1 
HETATM 614 O  O     . HOH I 3 .  ? 8.013   -2.988  9.900   1.00 52.63 ? 7077 HOH B O     1 
HETATM 615 O  O     . HOH I 3 .  ? 1.332   0.032   -8.517  1.00 31.83 ? 7078 HOH B O     1 
HETATM 616 O  O     . HOH I 3 .  ? -1.658  -12.996 8.107   1.00 57.31 ? 7079 HOH B O     1 
HETATM 617 O  O     . HOH I 3 .  ? -5.559  -7.087  -12.161 1.00 52.08 ? 7080 HOH B O     1 
HETATM 618 O  O     . HOH I 3 .  ? 7.157   -8.282  -11.888 1.00 56.62 ? 7081 HOH B O     1 
HETATM 619 O  O     . HOH I 3 .  ? -1.119  -3.962  14.176  1.00 37.55 ? 7082 HOH B O     1 
HETATM 620 O  O     . HOH I 3 .  ? 4.844   -8.957  -16.300 0.50 27.98 ? 7083 HOH B O     1 
HETATM 621 O  O     . HOH I 3 .  ? 8.512   6.955   7.922   1.00 48.78 ? 7084 HOH B O     1 
HETATM 622 O  O     . HOH I 3 .  ? -12.682 2.106   -0.867  1.00 61.77 ? 7087 HOH B O     1 
HETATM 623 O  O     . HOH I 3 .  ? 8.327   -6.362  10.759  1.00 50.08 ? 7090 HOH B O     1 
HETATM 624 O  O     . HOH I 3 .  ? 6.915   -11.535 -4.933  0.50 36.11 ? 7093 HOH B O     1 
HETATM 625 O  O     . HOH I 3 .  ? -10.218 -1.109  -1.340  1.00 32.09 ? 7094 HOH B O     1 
HETATM 626 O  O     . HOH I 3 .  ? 0.501   10.188  11.971  0.50 35.17 ? 7095 HOH B O     1 
HETATM 627 O  O     . HOH I 3 .  ? 6.306   -8.543  13.108  1.00 39.84 ? 7105 HOH B O     1 
HETATM 628 O  O     . HOH I 3 .  ? 5.535   -10.780 -6.608  1.00 50.25 ? 7106 HOH B O     1 
HETATM 629 O  O     . HOH I 3 .  ? -6.011  -1.093  10.598  1.00 50.74 ? 7107 HOH B O     1 
HETATM 630 O  O     . HOH I 3 .  ? 2.963   -10.717 -15.236 0.50 46.16 ? 7109 HOH B O     1 
HETATM 631 O  O     . HOH I 3 .  ? 4.111   -3.888  -15.238 1.00 55.34 ? 7111 HOH B O     1 
HETATM 632 O  O     . HOH I 3 .  ? -5.129  -12.315 11.747  1.00 52.90 ? 7112 HOH B O     1 
HETATM 633 O  O     . HOH I 3 .  ? -1.360  3.816   9.836   0.50 17.54 ? 7113 HOH B O     1 
HETATM 634 O  O     . HOH I 3 .  ? 4.624   -8.981  -13.252 1.00 44.59 ? 7114 HOH B O     1 
HETATM 635 O  O     . HOH I 3 .  ? 8.474   2.804   11.627  1.00 56.96 ? 7117 HOH B O     1 
HETATM 636 O  O     . HOH I 3 .  ? -1.406  -1.621  14.365  1.00 57.23 ? 7120 HOH B O     1 
HETATM 637 O  O     . HOH I 3 .  ? 9.943   -13.852 4.584   0.50 43.61 ? 7123 HOH B O     1 
HETATM 638 O  O     . HOH I 3 .  ? -6.328  -5.919  16.085  0.50 32.30 ? 7124 HOH B O     1 
HETATM 639 O  O     . HOH I 3 .  ? -3.512  -6.713  -16.377 0.50 22.86 ? 7127 HOH B O     1 
HETATM 640 O  O     . HOH I 3 .  ? 2.730   5.427   12.041  1.00 38.29 ? 7129 HOH B O     1 
HETATM 641 O  O     . HOH I 3 .  ? 8.048   5.060   11.439  0.50 36.14 ? 7130 HOH B O     1 
HETATM 642 O  O     . HOH I 3 .  ? 8.719   9.743   7.267   0.50 31.34 ? 7132 HOH B O     1 
# 
